data_2DO6
#
_entry.id   2DO6
#
_cell.length_a   1.000
_cell.length_b   1.000
_cell.length_c   1.000
_cell.angle_alpha   90.00
_cell.angle_beta   90.00
_cell.angle_gamma   90.00
#
_symmetry.space_group_name_H-M   'P 1'
#
_entity_poly.entity_id   1
_entity_poly.type   'polypeptide(L)'
_entity_poly.pdbx_seq_one_letter_code
;GSSGSSGNVDAKIAKLMGEGYAFEEVKRALEIAQNNVEVARSILREFSGPSSG
;
_entity_poly.pdbx_strand_id   A,B
#
# COMPACT_ATOMS: atom_id res chain seq x y z
N GLY A 1 -6.03 -9.27 12.29
CA GLY A 1 -5.05 -9.36 13.37
C GLY A 1 -5.53 -8.60 14.59
N SER A 2 -5.04 -8.95 15.78
CA SER A 2 -5.37 -8.36 17.07
C SER A 2 -5.36 -6.83 17.13
N SER A 3 -4.42 -6.15 16.47
CA SER A 3 -4.34 -4.69 16.46
C SER A 3 -4.09 -4.25 15.03
N GLY A 4 -4.75 -3.18 14.57
CA GLY A 4 -4.62 -2.65 13.21
C GLY A 4 -4.26 -1.18 13.14
N SER A 5 -3.94 -0.54 14.28
CA SER A 5 -3.58 0.87 14.33
C SER A 5 -2.19 0.99 14.94
N SER A 6 -1.18 1.02 14.06
CA SER A 6 0.24 1.14 14.35
C SER A 6 0.74 0.18 15.44
N GLY A 7 1.93 0.46 15.97
CA GLY A 7 2.59 -0.30 17.00
C GLY A 7 4.10 -0.20 16.87
N ASN A 8 4.69 -0.91 15.91
CA ASN A 8 6.14 -0.92 15.67
C ASN A 8 6.43 -0.81 14.19
N VAL A 9 7.68 -0.48 13.83
CA VAL A 9 8.12 -0.32 12.44
C VAL A 9 9.24 -1.31 12.12
N ASP A 10 10.30 -1.33 12.92
CA ASP A 10 11.44 -2.22 12.70
C ASP A 10 11.05 -3.69 12.65
N ALA A 11 10.10 -4.12 13.50
CA ALA A 11 9.64 -5.51 13.51
C ALA A 11 8.98 -5.84 12.17
N LYS A 12 8.25 -4.88 11.60
CA LYS A 12 7.57 -5.05 10.32
C LYS A 12 8.60 -5.18 9.21
N ILE A 13 9.68 -4.39 9.28
CA ILE A 13 10.75 -4.43 8.30
C ILE A 13 11.35 -5.83 8.37
N ALA A 14 11.70 -6.30 9.58
CA ALA A 14 12.26 -7.64 9.77
C ALA A 14 11.34 -8.71 9.16
N LYS A 15 10.02 -8.54 9.34
CA LYS A 15 8.99 -9.44 8.84
C LYS A 15 9.13 -9.63 7.33
N LEU A 16 8.98 -8.53 6.57
CA LEU A 16 9.06 -8.53 5.12
C LEU A 16 10.43 -8.93 4.62
N MET A 17 11.51 -8.56 5.30
CA MET A 17 12.85 -8.96 4.87
C MET A 17 12.92 -10.50 4.84
N GLY A 18 12.15 -11.18 5.71
CA GLY A 18 12.09 -12.63 5.80
C GLY A 18 11.42 -13.26 4.57
N GLU A 19 10.70 -12.47 3.77
CA GLU A 19 10.04 -12.94 2.56
C GLU A 19 11.08 -13.05 1.43
N GLY A 20 12.33 -12.58 1.65
CA GLY A 20 13.42 -12.62 0.70
C GLY A 20 13.57 -11.33 -0.10
N TYR A 21 13.49 -10.17 0.54
CA TYR A 21 13.61 -8.85 -0.09
C TYR A 21 14.69 -8.03 0.62
N ALA A 22 15.33 -7.09 -0.09
CA ALA A 22 16.37 -6.24 0.46
C ALA A 22 15.75 -5.23 1.42
N PHE A 23 16.49 -4.85 2.45
CA PHE A 23 16.08 -3.89 3.48
C PHE A 23 15.53 -2.61 2.87
N GLU A 24 16.21 -2.08 1.86
CA GLU A 24 15.86 -0.85 1.18
C GLU A 24 14.45 -0.89 0.60
N GLU A 25 14.14 -1.96 -0.12
CA GLU A 25 12.86 -2.21 -0.78
C GLU A 25 11.78 -2.36 0.28
N VAL A 26 12.11 -3.04 1.38
CA VAL A 26 11.18 -3.26 2.48
C VAL A 26 10.87 -1.92 3.16
N LYS A 27 11.89 -1.11 3.43
CA LYS A 27 11.70 0.19 4.05
C LYS A 27 10.74 1.02 3.19
N ARG A 28 10.87 0.93 1.86
CA ARG A 28 10.01 1.66 0.93
C ARG A 28 8.59 1.18 1.12
N ALA A 29 8.39 -0.14 1.09
CA ALA A 29 7.08 -0.75 1.25
C ALA A 29 6.40 -0.34 2.56
N LEU A 30 7.11 -0.38 3.70
CA LEU A 30 6.50 -0.01 4.96
C LEU A 30 6.20 1.48 5.04
N GLU A 31 6.95 2.33 4.33
CA GLU A 31 6.70 3.77 4.31
C GLU A 31 5.34 4.01 3.66
N ILE A 32 5.23 3.55 2.41
CA ILE A 32 4.06 3.66 1.56
C ILE A 32 2.83 3.07 2.27
N ALA A 33 2.95 1.82 2.77
CA ALA A 33 1.89 1.07 3.45
C ALA A 33 1.45 1.62 4.81
N GLN A 34 1.80 2.85 5.20
CA GLN A 34 1.45 3.41 6.51
C GLN A 34 1.86 2.42 7.62
N ASN A 35 3.04 1.83 7.46
CA ASN A 35 3.67 0.85 8.34
C ASN A 35 2.75 -0.36 8.57
N ASN A 36 2.28 -1.03 7.51
CA ASN A 36 1.41 -2.20 7.63
C ASN A 36 2.01 -3.37 6.84
N VAL A 37 2.33 -4.48 7.52
CA VAL A 37 2.91 -5.69 6.94
C VAL A 37 1.99 -6.34 5.90
N GLU A 38 0.71 -6.48 6.23
CA GLU A 38 -0.31 -7.12 5.41
C GLU A 38 -0.46 -6.42 4.06
N VAL A 39 -0.22 -5.12 4.05
CA VAL A 39 -0.32 -4.20 2.92
C VAL A 39 1.03 -4.09 2.20
N ALA A 40 2.15 -4.04 2.93
CA ALA A 40 3.50 -3.94 2.36
C ALA A 40 3.84 -5.15 1.49
N ARG A 41 3.31 -6.34 1.83
CA ARG A 41 3.56 -7.55 1.05
C ARG A 41 3.09 -7.34 -0.40
N SER A 42 1.98 -6.63 -0.62
CA SER A 42 1.45 -6.34 -1.95
C SER A 42 2.37 -5.40 -2.73
N ILE A 43 3.01 -4.46 -2.05
CA ILE A 43 3.91 -3.48 -2.65
C ILE A 43 5.14 -4.20 -3.17
N LEU A 44 5.77 -5.02 -2.32
CA LEU A 44 6.96 -5.79 -2.71
C LEU A 44 6.60 -6.75 -3.84
N ARG A 45 5.39 -7.29 -3.84
CA ARG A 45 4.92 -8.20 -4.89
C ARG A 45 4.98 -7.48 -6.23
N GLU A 46 4.52 -6.23 -6.28
CA GLU A 46 4.50 -5.41 -7.47
C GLU A 46 5.93 -5.02 -7.89
N PHE A 47 6.72 -4.44 -6.98
CA PHE A 47 8.08 -3.98 -7.26
C PHE A 47 9.12 -5.07 -7.52
N SER A 48 8.91 -6.31 -7.08
CA SER A 48 9.86 -7.41 -7.26
C SER A 48 9.25 -8.55 -8.10
N GLY A 49 8.15 -9.14 -7.65
CA GLY A 49 7.49 -10.24 -8.35
C GLY A 49 8.29 -11.54 -8.23
N PRO A 50 8.32 -12.18 -7.05
CA PRO A 50 9.05 -13.43 -6.84
C PRO A 50 8.42 -14.62 -7.55
N SER A 51 9.25 -15.60 -7.91
CA SER A 51 8.84 -16.82 -8.59
C SER A 51 8.66 -17.96 -7.59
N SER A 52 8.03 -19.04 -8.04
CA SER A 52 7.74 -20.29 -7.34
C SER A 52 7.83 -21.41 -8.40
N GLY A 53 7.42 -22.63 -8.07
CA GLY A 53 7.45 -23.76 -8.98
C GLY A 53 8.70 -24.57 -8.80
N GLY B 1 -8.65 7.48 9.89
CA GLY B 1 -10.00 8.08 9.86
C GLY B 1 -10.83 7.51 11.00
N SER B 2 -12.16 7.70 11.00
CA SER B 2 -12.98 7.19 12.09
C SER B 2 -13.03 5.65 12.15
N SER B 3 -13.00 4.95 11.02
CA SER B 3 -13.02 3.50 10.95
C SER B 3 -12.20 3.08 9.74
N GLY B 4 -11.43 1.99 9.84
CA GLY B 4 -10.59 1.49 8.76
C GLY B 4 -10.74 0.00 8.47
N SER B 5 -11.71 -0.70 9.06
CA SER B 5 -11.90 -2.12 8.81
C SER B 5 -12.60 -2.30 7.46
N SER B 6 -11.80 -2.47 6.39
CA SER B 6 -12.26 -2.67 5.02
C SER B 6 -13.40 -1.69 4.67
N GLY B 7 -14.61 -2.18 4.34
CA GLY B 7 -15.75 -1.36 3.99
C GLY B 7 -16.07 -1.43 2.51
N ASN B 8 -16.95 -0.52 2.06
CA ASN B 8 -17.37 -0.41 0.66
C ASN B 8 -16.10 -0.18 -0.17
N VAL B 9 -16.05 -0.66 -1.41
CA VAL B 9 -14.87 -0.50 -2.26
C VAL B 9 -15.12 0.63 -3.26
N ASP B 10 -16.34 0.74 -3.80
CA ASP B 10 -16.72 1.75 -4.77
C ASP B 10 -16.46 3.14 -4.20
N ALA B 11 -16.85 3.36 -2.94
CA ALA B 11 -16.67 4.63 -2.24
C ALA B 11 -15.20 5.04 -2.12
N LYS B 12 -14.27 4.09 -2.25
CA LYS B 12 -12.84 4.35 -2.18
C LYS B 12 -12.34 4.67 -3.58
N ILE B 13 -12.77 3.89 -4.57
CA ILE B 13 -12.37 4.07 -5.96
C ILE B 13 -12.82 5.47 -6.39
N ALA B 14 -14.12 5.76 -6.24
CA ALA B 14 -14.70 7.04 -6.59
C ALA B 14 -14.04 8.22 -5.87
N LYS B 15 -13.35 7.99 -4.74
CA LYS B 15 -12.68 9.04 -4.01
C LYS B 15 -11.36 9.37 -4.69
N LEU B 16 -10.45 8.40 -4.83
CA LEU B 16 -9.15 8.65 -5.47
C LEU B 16 -9.31 9.13 -6.90
N MET B 17 -10.34 8.69 -7.63
CA MET B 17 -10.56 9.15 -9.00
C MET B 17 -10.78 10.67 -9.02
N GLY B 18 -11.34 11.23 -7.95
CA GLY B 18 -11.61 12.66 -7.83
C GLY B 18 -10.32 13.45 -7.67
N GLU B 19 -9.21 12.81 -7.23
CA GLU B 19 -7.93 13.48 -7.08
C GLU B 19 -7.49 13.90 -8.49
N GLY B 20 -7.47 12.92 -9.41
CA GLY B 20 -7.08 13.11 -10.80
C GLY B 20 -6.48 11.88 -11.46
N TYR B 21 -6.64 10.67 -10.89
CA TYR B 21 -6.10 9.42 -11.43
C TYR B 21 -7.18 8.64 -12.17
N ALA B 22 -6.77 7.84 -13.16
CA ALA B 22 -7.68 7.02 -13.96
C ALA B 22 -8.23 5.83 -13.16
N PHE B 23 -9.35 5.25 -13.62
CA PHE B 23 -9.99 4.11 -12.95
C PHE B 23 -9.02 2.94 -12.81
N GLU B 24 -8.27 2.65 -13.88
CA GLU B 24 -7.28 1.57 -13.94
C GLU B 24 -6.30 1.67 -12.77
N GLU B 25 -5.71 2.85 -12.64
CA GLU B 25 -4.73 3.21 -11.63
C GLU B 25 -5.29 3.10 -10.22
N VAL B 26 -6.48 3.66 -10.03
CA VAL B 26 -7.15 3.68 -8.74
C VAL B 26 -7.51 2.27 -8.28
N LYS B 27 -8.21 1.51 -9.12
CA LYS B 27 -8.60 0.15 -8.75
C LYS B 27 -7.38 -0.67 -8.35
N ARG B 28 -6.27 -0.47 -9.08
CA ARG B 28 -5.03 -1.15 -8.82
C ARG B 28 -4.51 -0.73 -7.46
N ALA B 29 -4.37 0.59 -7.22
CA ALA B 29 -3.87 1.11 -5.97
C ALA B 29 -4.68 0.60 -4.77
N LEU B 30 -6.01 0.57 -4.87
CA LEU B 30 -6.84 0.09 -3.78
C LEU B 30 -6.57 -1.39 -3.50
N GLU B 31 -6.45 -2.24 -4.52
CA GLU B 31 -6.19 -3.67 -4.36
C GLU B 31 -4.88 -3.93 -3.62
N ILE B 32 -3.87 -3.12 -3.90
CA ILE B 32 -2.56 -3.23 -3.30
C ILE B 32 -2.63 -2.75 -1.84
N ALA B 33 -3.35 -1.66 -1.55
CA ALA B 33 -3.59 -1.02 -0.26
C ALA B 33 -4.53 -1.79 0.67
N GLN B 34 -4.95 -3.00 0.32
CA GLN B 34 -5.93 -3.78 1.10
C GLN B 34 -7.21 -2.95 1.24
N ASN B 35 -7.63 -2.38 0.12
CA ASN B 35 -8.79 -1.54 -0.09
C ASN B 35 -8.88 -0.46 0.97
N ASN B 36 -7.88 0.44 1.03
CA ASN B 36 -7.80 1.54 1.98
C ASN B 36 -7.37 2.83 1.27
N VAL B 37 -8.20 3.89 1.32
CA VAL B 37 -7.93 5.18 0.68
C VAL B 37 -6.63 5.81 1.19
N GLU B 38 -6.43 5.77 2.50
CA GLU B 38 -5.27 6.36 3.17
C GLU B 38 -3.96 5.83 2.63
N VAL B 39 -3.88 4.53 2.32
CA VAL B 39 -2.67 3.94 1.77
C VAL B 39 -2.65 4.09 0.24
N ALA B 40 -3.80 3.96 -0.45
CA ALA B 40 -3.86 4.09 -1.90
C ALA B 40 -3.24 5.40 -2.39
N ARG B 41 -3.34 6.47 -1.60
CA ARG B 41 -2.74 7.76 -1.96
C ARG B 41 -1.22 7.58 -2.15
N SER B 42 -0.55 6.97 -1.18
CA SER B 42 0.89 6.73 -1.20
C SER B 42 1.31 5.84 -2.40
N ILE B 43 0.42 4.95 -2.85
CA ILE B 43 0.68 4.06 -3.97
C ILE B 43 0.57 4.87 -5.26
N LEU B 44 -0.48 5.70 -5.41
CA LEU B 44 -0.67 6.54 -6.60
C LEU B 44 0.50 7.53 -6.69
N ARG B 45 1.05 7.94 -5.55
CA ARG B 45 2.20 8.86 -5.49
C ARG B 45 3.44 8.16 -6.05
N GLU B 46 3.49 6.83 -6.06
CA GLU B 46 4.62 6.08 -6.57
C GLU B 46 4.43 5.75 -8.06
N PHE B 47 3.23 5.32 -8.47
CA PHE B 47 2.97 4.99 -9.87
C PHE B 47 2.78 6.25 -10.76
N SER B 48 2.42 7.40 -10.18
CA SER B 48 2.20 8.65 -10.89
C SER B 48 3.06 9.77 -10.31
N GLY B 49 2.87 10.10 -9.01
CA GLY B 49 3.58 11.17 -8.34
C GLY B 49 3.47 12.50 -9.10
N PRO B 50 2.26 13.05 -9.29
CA PRO B 50 2.04 14.29 -10.03
C PRO B 50 2.72 15.51 -9.39
N SER B 51 2.85 16.56 -10.18
CA SER B 51 3.47 17.83 -9.81
C SER B 51 2.42 18.82 -9.31
N SER B 52 2.89 19.82 -8.57
CA SER B 52 2.12 20.91 -8.01
C SER B 52 3.02 22.14 -8.07
N GLY B 53 2.45 23.34 -8.14
CA GLY B 53 3.16 24.60 -8.23
C GLY B 53 2.83 25.16 -9.59
N GLY A 1 -5.45 -8.44 20.31
CA GLY A 1 -6.29 -7.53 21.07
C GLY A 1 -6.89 -6.46 20.17
N SER A 2 -8.11 -6.68 19.66
CA SER A 2 -8.82 -5.75 18.77
C SER A 2 -8.01 -5.46 17.50
N SER A 3 -8.38 -4.45 16.71
CA SER A 3 -7.65 -4.09 15.50
C SER A 3 -6.64 -3.02 15.94
N GLY A 4 -5.39 -3.41 16.16
CA GLY A 4 -4.34 -2.51 16.57
C GLY A 4 -3.65 -1.91 15.36
N SER A 5 -3.22 -0.66 15.46
CA SER A 5 -2.54 0.07 14.39
C SER A 5 -1.16 0.52 14.88
N SER A 6 -0.31 0.93 13.94
CA SER A 6 1.05 1.40 14.19
C SER A 6 1.80 0.40 15.08
N GLY A 7 2.52 0.87 16.12
CA GLY A 7 3.28 0.03 17.02
C GLY A 7 4.72 -0.08 16.53
N ASN A 8 5.46 -1.09 17.00
CA ASN A 8 6.86 -1.31 16.62
C ASN A 8 7.01 -1.37 15.09
N VAL A 9 8.04 -0.72 14.53
CA VAL A 9 8.31 -0.66 13.09
C VAL A 9 9.46 -1.57 12.66
N ASP A 10 10.50 -1.70 13.48
CA ASP A 10 11.68 -2.51 13.21
C ASP A 10 11.27 -3.93 12.86
N ALA A 11 10.37 -4.51 13.65
CA ALA A 11 9.86 -5.86 13.45
C ALA A 11 9.07 -5.96 12.15
N LYS A 12 8.38 -4.91 11.71
CA LYS A 12 7.63 -4.94 10.46
C LYS A 12 8.61 -5.10 9.32
N ILE A 13 9.71 -4.34 9.37
CA ILE A 13 10.75 -4.40 8.35
C ILE A 13 11.33 -5.81 8.41
N ALA A 14 11.69 -6.29 9.61
CA ALA A 14 12.25 -7.62 9.78
C ALA A 14 11.34 -8.73 9.23
N LYS A 15 10.01 -8.55 9.34
CA LYS A 15 9.00 -9.50 8.86
C LYS A 15 9.16 -9.65 7.35
N LEU A 16 8.94 -8.57 6.60
CA LEU A 16 9.05 -8.57 5.14
C LEU A 16 10.45 -8.94 4.67
N MET A 17 11.52 -8.53 5.36
CA MET A 17 12.88 -8.89 4.94
C MET A 17 13.02 -10.41 4.88
N GLY A 18 12.36 -11.14 5.79
CA GLY A 18 12.39 -12.59 5.85
C GLY A 18 11.71 -13.25 4.65
N GLU A 19 10.87 -12.50 3.90
CA GLU A 19 10.19 -13.00 2.71
C GLU A 19 11.21 -13.16 1.56
N GLY A 20 12.40 -12.57 1.70
CA GLY A 20 13.47 -12.62 0.72
C GLY A 20 13.65 -11.27 0.03
N TYR A 21 13.54 -10.15 0.74
CA TYR A 21 13.69 -8.81 0.16
C TYR A 21 14.69 -8.00 0.99
N ALA A 22 15.41 -7.10 0.32
CA ALA A 22 16.40 -6.27 0.94
C ALA A 22 15.74 -5.12 1.71
N PHE A 23 16.45 -4.63 2.73
CA PHE A 23 16.05 -3.55 3.61
C PHE A 23 15.62 -2.32 2.83
N GLU A 24 16.29 -1.98 1.73
CA GLU A 24 15.90 -0.80 0.96
C GLU A 24 14.49 -0.96 0.41
N GLU A 25 14.20 -2.12 -0.17
CA GLU A 25 12.91 -2.45 -0.76
C GLU A 25 11.84 -2.42 0.33
N VAL A 26 12.11 -3.11 1.43
CA VAL A 26 11.21 -3.23 2.55
C VAL A 26 10.93 -1.89 3.21
N LYS A 27 11.98 -1.11 3.49
CA LYS A 27 11.79 0.18 4.12
C LYS A 27 10.98 1.07 3.19
N ARG A 28 11.21 1.00 1.88
CA ARG A 28 10.46 1.82 0.93
C ARG A 28 9.00 1.40 0.99
N ALA A 29 8.74 0.09 0.91
CA ALA A 29 7.44 -0.52 0.97
C ALA A 29 6.72 -0.04 2.24
N LEU A 30 7.26 -0.30 3.43
CA LEU A 30 6.61 0.09 4.67
C LEU A 30 6.32 1.60 4.73
N GLU A 31 7.08 2.44 4.03
CA GLU A 31 6.87 3.89 4.01
C GLU A 31 5.56 4.18 3.28
N ILE A 32 5.37 3.56 2.12
CA ILE A 32 4.19 3.69 1.27
C ILE A 32 2.95 3.11 1.98
N ALA A 33 3.06 1.91 2.55
CA ALA A 33 2.01 1.17 3.25
C ALA A 33 1.51 1.78 4.57
N GLN A 34 1.85 3.02 4.91
CA GLN A 34 1.46 3.63 6.19
C GLN A 34 1.96 2.73 7.34
N ASN A 35 3.15 2.15 7.15
CA ASN A 35 3.87 1.27 8.04
C ASN A 35 3.02 0.09 8.53
N ASN A 36 2.50 -0.70 7.57
CA ASN A 36 1.67 -1.88 7.76
C ASN A 36 2.17 -3.06 6.94
N VAL A 37 2.45 -4.19 7.59
CA VAL A 37 2.95 -5.43 7.00
C VAL A 37 1.94 -6.07 6.05
N GLU A 38 0.66 -6.06 6.43
CA GLU A 38 -0.42 -6.67 5.67
C GLU A 38 -0.53 -6.04 4.28
N VAL A 39 -0.39 -4.72 4.19
CA VAL A 39 -0.45 -4.00 2.92
C VAL A 39 0.88 -4.17 2.19
N ALA A 40 2.00 -4.02 2.91
CA ALA A 40 3.33 -4.12 2.33
C ALA A 40 3.60 -5.40 1.56
N ARG A 41 2.95 -6.53 1.89
CA ARG A 41 3.17 -7.75 1.13
C ARG A 41 2.92 -7.52 -0.37
N SER A 42 1.78 -6.92 -0.70
CA SER A 42 1.35 -6.63 -2.05
C SER A 42 2.24 -5.62 -2.79
N ILE A 43 2.97 -4.77 -2.06
CA ILE A 43 3.86 -3.78 -2.67
C ILE A 43 5.16 -4.53 -3.01
N LEU A 44 5.72 -5.31 -2.10
CA LEU A 44 6.96 -6.05 -2.40
C LEU A 44 6.72 -7.04 -3.53
N ARG A 45 5.48 -7.52 -3.69
CA ARG A 45 5.09 -8.44 -4.76
C ARG A 45 5.36 -7.76 -6.10
N GLU A 46 4.83 -6.55 -6.31
CA GLU A 46 5.02 -5.83 -7.57
C GLU A 46 6.47 -5.35 -7.73
N PHE A 47 7.11 -4.88 -6.67
CA PHE A 47 8.48 -4.38 -6.73
C PHE A 47 9.57 -5.45 -6.89
N SER A 48 9.30 -6.73 -6.57
CA SER A 48 10.31 -7.78 -6.67
C SER A 48 9.78 -9.08 -7.29
N GLY A 49 8.63 -9.06 -7.96
CA GLY A 49 8.06 -10.25 -8.59
C GLY A 49 6.74 -9.96 -9.32
N PRO A 50 6.72 -9.01 -10.29
CA PRO A 50 5.52 -8.65 -11.03
C PRO A 50 4.99 -9.87 -11.80
N SER A 51 3.84 -10.39 -11.38
CA SER A 51 3.18 -11.54 -11.98
C SER A 51 1.71 -11.47 -11.57
N SER A 52 0.82 -12.02 -12.38
CA SER A 52 -0.63 -12.02 -12.11
C SER A 52 -1.25 -13.41 -11.98
N GLY A 53 -0.49 -14.47 -12.25
CA GLY A 53 -0.98 -15.84 -12.17
C GLY A 53 -0.07 -16.75 -12.98
N GLY B 1 -16.44 5.67 13.29
CA GLY B 1 -16.40 5.61 14.75
C GLY B 1 -15.50 4.45 15.13
N SER B 2 -14.32 4.75 15.65
CA SER B 2 -13.25 3.83 16.04
C SER B 2 -12.63 3.24 14.77
N SER B 3 -11.53 2.50 14.90
CA SER B 3 -10.89 1.89 13.75
C SER B 3 -11.75 0.69 13.39
N GLY B 4 -12.33 0.70 12.20
CA GLY B 4 -13.18 -0.37 11.70
C GLY B 4 -12.82 -0.59 10.24
N SER B 5 -12.15 -1.70 9.94
CA SER B 5 -11.75 -2.09 8.59
C SER B 5 -13.01 -2.41 7.77
N SER B 6 -12.87 -2.57 6.45
CA SER B 6 -13.93 -2.87 5.49
C SER B 6 -14.89 -1.69 5.30
N GLY B 7 -15.79 -1.81 4.34
CA GLY B 7 -16.80 -0.83 3.96
C GLY B 7 -17.13 -1.03 2.50
N ASN B 8 -17.50 0.03 1.76
CA ASN B 8 -17.79 -0.09 0.34
C ASN B 8 -16.46 0.05 -0.42
N VAL B 9 -16.42 -0.35 -1.70
CA VAL B 9 -15.24 -0.29 -2.55
C VAL B 9 -15.42 0.75 -3.66
N ASP B 10 -16.57 0.82 -4.32
CA ASP B 10 -16.86 1.77 -5.39
C ASP B 10 -16.63 3.20 -4.89
N ALA B 11 -17.06 3.48 -3.66
CA ALA B 11 -16.92 4.76 -2.97
C ALA B 11 -15.45 5.13 -2.80
N LYS B 12 -14.61 4.13 -2.51
CA LYS B 12 -13.18 4.33 -2.34
C LYS B 12 -12.55 4.63 -3.67
N ILE B 13 -12.93 3.92 -4.74
CA ILE B 13 -12.39 4.17 -6.07
C ILE B 13 -12.68 5.64 -6.41
N ALA B 14 -13.94 6.06 -6.28
CA ALA B 14 -14.33 7.43 -6.54
C ALA B 14 -13.50 8.42 -5.71
N LYS B 15 -13.16 8.07 -4.47
CA LYS B 15 -12.37 8.92 -3.60
C LYS B 15 -11.05 9.32 -4.23
N LEU B 16 -10.31 8.38 -4.84
CA LEU B 16 -9.04 8.69 -5.50
C LEU B 16 -9.29 9.52 -6.75
N MET B 17 -10.42 9.32 -7.43
CA MET B 17 -10.78 10.11 -8.62
C MET B 17 -10.98 11.57 -8.21
N GLY B 18 -11.24 11.78 -6.93
CA GLY B 18 -11.39 13.08 -6.30
C GLY B 18 -10.04 13.80 -6.31
N GLU B 19 -8.92 13.07 -6.41
CA GLU B 19 -7.57 13.59 -6.47
C GLU B 19 -7.26 13.80 -7.96
N GLY B 20 -7.51 12.81 -8.82
CA GLY B 20 -7.28 12.91 -10.26
C GLY B 20 -6.58 11.74 -10.95
N TYR B 21 -6.35 10.61 -10.29
CA TYR B 21 -5.69 9.47 -10.95
C TYR B 21 -6.64 8.83 -11.97
N ALA B 22 -6.18 7.92 -12.81
CA ALA B 22 -7.09 7.26 -13.76
C ALA B 22 -7.78 6.10 -13.01
N PHE B 23 -9.00 5.74 -13.40
CA PHE B 23 -9.78 4.67 -12.78
C PHE B 23 -9.04 3.34 -12.68
N GLU B 24 -8.34 2.93 -13.74
CA GLU B 24 -7.63 1.67 -13.76
C GLU B 24 -6.51 1.63 -12.72
N GLU B 25 -5.77 2.74 -12.59
CA GLU B 25 -4.69 2.85 -11.62
C GLU B 25 -5.27 2.69 -10.22
N VAL B 26 -6.42 3.34 -9.97
CA VAL B 26 -7.11 3.30 -8.70
C VAL B 26 -7.57 1.89 -8.39
N LYS B 27 -8.30 1.25 -9.32
CA LYS B 27 -8.80 -0.10 -9.11
C LYS B 27 -7.63 -1.03 -8.77
N ARG B 28 -6.47 -0.81 -9.40
CA ARG B 28 -5.28 -1.60 -9.16
C ARG B 28 -4.77 -1.33 -7.75
N ALA B 29 -4.52 -0.06 -7.43
CA ALA B 29 -4.01 0.43 -6.16
C ALA B 29 -4.87 0.03 -4.96
N LEU B 30 -6.21 0.08 -5.06
CA LEU B 30 -7.05 -0.28 -3.93
C LEU B 30 -6.81 -1.72 -3.51
N GLU B 31 -6.63 -2.65 -4.45
CA GLU B 31 -6.40 -4.05 -4.09
C GLU B 31 -5.11 -4.19 -3.29
N ILE B 32 -4.04 -3.55 -3.77
CA ILE B 32 -2.73 -3.57 -3.14
C ILE B 32 -2.88 -2.99 -1.72
N ALA B 33 -3.56 -1.85 -1.60
CA ALA B 33 -3.83 -1.11 -0.38
C ALA B 33 -4.85 -1.75 0.56
N GLN B 34 -5.26 -3.02 0.39
CA GLN B 34 -6.27 -3.69 1.24
C GLN B 34 -7.54 -2.84 1.32
N ASN B 35 -7.91 -2.32 0.16
CA ASN B 35 -9.05 -1.47 -0.10
C ASN B 35 -9.09 -0.27 0.85
N ASN B 36 -7.94 0.36 1.13
CA ASN B 36 -7.84 1.53 2.01
C ASN B 36 -7.38 2.72 1.17
N VAL B 37 -8.22 3.75 1.03
CA VAL B 37 -7.89 4.96 0.27
C VAL B 37 -6.62 5.61 0.82
N GLU B 38 -6.49 5.65 2.14
CA GLU B 38 -5.37 6.23 2.87
C GLU B 38 -4.04 5.68 2.36
N VAL B 39 -3.99 4.41 1.97
CA VAL B 39 -2.77 3.80 1.46
C VAL B 39 -2.77 3.83 -0.07
N ALA B 40 -3.92 3.68 -0.73
CA ALA B 40 -4.01 3.72 -2.19
C ALA B 40 -3.44 5.03 -2.71
N ARG B 41 -3.68 6.15 -2.00
CA ARG B 41 -3.16 7.46 -2.38
C ARG B 41 -1.63 7.38 -2.47
N SER B 42 -0.99 6.83 -1.45
CA SER B 42 0.46 6.67 -1.36
C SER B 42 1.05 5.81 -2.48
N ILE B 43 0.31 4.84 -3.00
CA ILE B 43 0.73 3.96 -4.08
C ILE B 43 0.69 4.80 -5.36
N LEU B 44 -0.50 5.35 -5.64
CA LEU B 44 -0.80 6.17 -6.80
C LEU B 44 0.12 7.38 -6.90
N ARG B 45 0.54 7.91 -5.75
CA ARG B 45 1.41 9.06 -5.62
C ARG B 45 2.62 8.93 -6.52
N GLU B 46 3.34 7.81 -6.40
CA GLU B 46 4.54 7.59 -7.21
C GLU B 46 4.25 6.88 -8.52
N PHE B 47 3.19 6.07 -8.60
CA PHE B 47 2.86 5.37 -9.85
C PHE B 47 2.50 6.43 -10.91
N SER B 48 1.93 7.55 -10.48
CA SER B 48 1.52 8.67 -11.30
C SER B 48 2.39 9.92 -10.99
N GLY B 49 3.60 9.76 -10.43
CA GLY B 49 4.44 10.92 -10.14
C GLY B 49 5.64 10.62 -9.24
N PRO B 50 6.72 10.02 -9.76
CA PRO B 50 7.92 9.71 -8.99
C PRO B 50 8.47 11.01 -8.39
N SER B 51 8.42 11.17 -7.07
CA SER B 51 8.87 12.36 -6.38
C SER B 51 9.45 11.95 -5.02
N SER B 52 10.36 12.74 -4.45
CA SER B 52 10.99 12.40 -3.16
C SER B 52 10.89 13.53 -2.12
N GLY B 53 10.47 14.73 -2.53
CA GLY B 53 10.31 15.89 -1.68
C GLY B 53 9.53 16.96 -2.41
N GLY A 1 -4.84 -7.89 20.45
CA GLY A 1 -4.15 -7.22 19.34
C GLY A 1 -2.89 -7.97 19.00
N SER A 2 -2.65 -8.23 17.72
CA SER A 2 -1.47 -8.93 17.23
C SER A 2 -0.86 -8.24 16.01
N SER A 3 -1.71 -7.68 15.14
CA SER A 3 -1.36 -6.96 13.92
C SER A 3 -2.59 -6.13 13.57
N GLY A 4 -2.45 -4.81 13.50
CA GLY A 4 -3.57 -3.93 13.18
C GLY A 4 -3.27 -2.53 13.65
N SER A 5 -2.66 -1.72 12.78
CA SER A 5 -2.31 -0.32 13.06
C SER A 5 -1.33 -0.17 14.24
N SER A 6 -0.45 -1.15 14.43
CA SER A 6 0.57 -1.20 15.47
C SER A 6 1.56 -0.04 15.18
N GLY A 7 1.93 0.75 16.19
CA GLY A 7 2.85 1.87 16.00
C GLY A 7 4.27 1.45 15.60
N ASN A 8 4.70 0.24 16.00
CA ASN A 8 6.03 -0.30 15.71
C ASN A 8 6.24 -0.50 14.20
N VAL A 9 7.49 -0.38 13.76
CA VAL A 9 7.87 -0.58 12.36
C VAL A 9 9.15 -1.42 12.25
N ASP A 10 10.07 -1.38 13.23
CA ASP A 10 11.31 -2.16 13.19
C ASP A 10 11.00 -3.66 13.02
N ALA A 11 10.12 -4.20 13.87
CA ALA A 11 9.71 -5.61 13.80
C ALA A 11 9.08 -5.95 12.45
N LYS A 12 8.40 -4.99 11.81
CA LYS A 12 7.75 -5.16 10.51
C LYS A 12 8.82 -5.26 9.44
N ILE A 13 9.88 -4.47 9.53
CA ILE A 13 10.98 -4.50 8.56
C ILE A 13 11.57 -5.92 8.67
N ALA A 14 11.86 -6.38 9.88
CA ALA A 14 12.41 -7.73 10.09
C ALA A 14 11.45 -8.82 9.59
N LYS A 15 10.14 -8.55 9.55
CA LYS A 15 9.14 -9.50 9.08
C LYS A 15 9.31 -9.70 7.58
N LEU A 16 9.10 -8.63 6.80
CA LEU A 16 9.20 -8.66 5.35
C LEU A 16 10.60 -9.07 4.89
N MET A 17 11.66 -8.68 5.62
CA MET A 17 13.02 -9.05 5.27
C MET A 17 13.18 -10.58 5.18
N GLY A 18 12.36 -11.34 5.90
CA GLY A 18 12.40 -12.80 5.89
C GLY A 18 11.91 -13.39 4.56
N GLU A 19 11.18 -12.62 3.76
CA GLU A 19 10.63 -13.03 2.47
C GLU A 19 11.70 -12.96 1.36
N GLY A 20 12.89 -12.43 1.65
CA GLY A 20 14.00 -12.32 0.71
C GLY A 20 14.18 -10.93 0.11
N TYR A 21 13.33 -9.96 0.47
CA TYR A 21 13.43 -8.60 -0.04
C TYR A 21 14.60 -7.85 0.61
N ALA A 22 15.01 -6.75 -0.02
CA ALA A 22 16.10 -5.91 0.46
C ALA A 22 15.59 -4.94 1.52
N PHE A 23 16.44 -4.49 2.45
CA PHE A 23 16.07 -3.56 3.52
C PHE A 23 15.46 -2.28 2.91
N GLU A 24 16.06 -1.78 1.83
CA GLU A 24 15.61 -0.59 1.12
C GLU A 24 14.17 -0.75 0.65
N GLU A 25 13.91 -1.85 -0.07
CA GLU A 25 12.61 -2.19 -0.64
C GLU A 25 11.57 -2.34 0.45
N VAL A 26 11.92 -3.06 1.51
CA VAL A 26 11.07 -3.33 2.65
C VAL A 26 10.66 -2.01 3.28
N LYS A 27 11.63 -1.20 3.67
CA LYS A 27 11.33 0.09 4.28
C LYS A 27 10.47 0.92 3.37
N ARG A 28 10.75 0.90 2.07
CA ARG A 28 10.00 1.70 1.12
C ARG A 28 8.55 1.22 1.09
N ALA A 29 8.34 -0.10 1.02
CA ALA A 29 7.02 -0.68 0.99
C ALA A 29 6.26 -0.36 2.28
N LEU A 30 6.89 -0.46 3.45
CA LEU A 30 6.24 -0.16 4.73
C LEU A 30 5.82 1.30 4.72
N GLU A 31 6.69 2.20 4.26
CA GLU A 31 6.44 3.64 4.17
C GLU A 31 5.20 3.94 3.32
N ILE A 32 5.09 3.27 2.17
CA ILE A 32 3.97 3.44 1.25
C ILE A 32 2.70 2.86 1.91
N ALA A 33 2.79 1.68 2.53
CA ALA A 33 1.74 0.93 3.21
C ALA A 33 1.27 1.52 4.56
N GLN A 34 1.82 2.65 5.00
CA GLN A 34 1.51 3.28 6.28
C GLN A 34 1.86 2.29 7.40
N ASN A 35 3.11 1.83 7.36
CA ASN A 35 3.75 0.90 8.28
C ASN A 35 2.87 -0.34 8.49
N ASN A 36 2.41 -0.96 7.42
CA ASN A 36 1.56 -2.14 7.48
C ASN A 36 2.14 -3.30 6.69
N VAL A 37 2.39 -4.42 7.37
CA VAL A 37 2.95 -5.65 6.84
C VAL A 37 2.04 -6.25 5.79
N GLU A 38 0.76 -6.46 6.14
CA GLU A 38 -0.25 -7.07 5.27
C GLU A 38 -0.26 -6.39 3.89
N VAL A 39 -0.28 -5.05 3.89
CA VAL A 39 -0.28 -4.27 2.66
C VAL A 39 1.11 -4.29 2.00
N ALA A 40 2.20 -4.14 2.77
CA ALA A 40 3.55 -4.14 2.22
C ALA A 40 3.83 -5.43 1.45
N ARG A 41 3.26 -6.55 1.89
CA ARG A 41 3.44 -7.84 1.21
C ARG A 41 2.87 -7.76 -0.22
N SER A 42 1.92 -6.87 -0.51
CA SER A 42 1.35 -6.70 -1.84
C SER A 42 2.32 -5.87 -2.67
N ILE A 43 2.68 -4.68 -2.16
CA ILE A 43 3.58 -3.72 -2.81
C ILE A 43 4.88 -4.38 -3.26
N LEU A 44 5.47 -5.19 -2.39
CA LEU A 44 6.72 -5.87 -2.69
C LEU A 44 6.57 -6.84 -3.86
N ARG A 45 5.36 -7.34 -4.18
CA ARG A 45 5.19 -8.24 -5.32
C ARG A 45 5.39 -7.42 -6.58
N GLU A 46 4.80 -6.22 -6.63
CA GLU A 46 4.90 -5.34 -7.78
C GLU A 46 6.37 -5.03 -8.05
N PHE A 47 7.11 -4.48 -7.08
CA PHE A 47 8.52 -4.14 -7.26
C PHE A 47 9.40 -5.37 -7.51
N SER A 48 9.29 -6.42 -6.68
CA SER A 48 10.08 -7.64 -6.82
C SER A 48 9.58 -8.55 -7.95
N GLY A 49 8.75 -8.07 -8.89
CA GLY A 49 8.21 -8.83 -10.01
C GLY A 49 9.26 -9.71 -10.67
N PRO A 50 10.28 -9.14 -11.35
CA PRO A 50 11.33 -9.91 -11.99
C PRO A 50 12.24 -10.49 -10.90
N SER A 51 12.25 -11.80 -10.76
CA SER A 51 13.07 -12.53 -9.82
C SER A 51 13.73 -13.70 -10.54
N SER A 52 14.74 -14.29 -9.93
CA SER A 52 15.50 -15.41 -10.48
C SER A 52 15.31 -16.71 -9.72
N GLY A 53 15.01 -16.65 -8.43
CA GLY A 53 14.81 -17.80 -7.58
C GLY A 53 14.58 -17.31 -6.17
N GLY B 1 -17.05 2.98 13.93
CA GLY B 1 -16.12 3.28 12.81
C GLY B 1 -16.54 4.56 12.15
N SER B 2 -15.58 5.36 11.68
CA SER B 2 -15.86 6.62 11.00
C SER B 2 -15.34 6.53 9.57
N SER B 3 -14.03 6.65 9.40
CA SER B 3 -13.34 6.60 8.13
C SER B 3 -12.19 5.61 8.25
N GLY B 4 -12.19 4.62 7.36
CA GLY B 4 -11.20 3.56 7.29
C GLY B 4 -11.80 2.27 7.83
N SER B 5 -11.14 1.14 7.58
CA SER B 5 -11.57 -0.20 8.01
C SER B 5 -13.00 -0.57 7.56
N SER B 6 -13.55 0.13 6.57
CA SER B 6 -14.88 -0.09 6.03
C SER B 6 -14.82 -1.18 4.96
N GLY B 7 -15.94 -1.83 4.67
CA GLY B 7 -16.01 -2.87 3.65
C GLY B 7 -16.09 -2.23 2.26
N ASN B 8 -17.00 -1.25 2.13
CA ASN B 8 -17.30 -0.50 0.91
C ASN B 8 -16.04 0.01 0.20
N VAL B 9 -15.72 -0.58 -0.96
CA VAL B 9 -14.57 -0.20 -1.77
C VAL B 9 -15.01 0.82 -2.83
N ASP B 10 -16.28 0.76 -3.27
CA ASP B 10 -16.89 1.62 -4.28
C ASP B 10 -16.61 3.09 -4.02
N ALA B 11 -16.99 3.57 -2.84
CA ALA B 11 -16.80 4.97 -2.46
C ALA B 11 -15.34 5.39 -2.40
N LYS B 12 -14.43 4.44 -2.19
CA LYS B 12 -13.00 4.69 -2.12
C LYS B 12 -12.49 5.00 -3.51
N ILE B 13 -12.97 4.27 -4.52
CA ILE B 13 -12.56 4.48 -5.90
C ILE B 13 -12.98 5.90 -6.28
N ALA B 14 -14.23 6.27 -6.05
CA ALA B 14 -14.73 7.60 -6.38
C ALA B 14 -13.88 8.71 -5.73
N LYS B 15 -13.41 8.46 -4.50
CA LYS B 15 -12.58 9.39 -3.74
C LYS B 15 -11.25 9.60 -4.45
N LEU B 16 -10.44 8.54 -4.62
CA LEU B 16 -9.14 8.63 -5.28
C LEU B 16 -9.27 9.14 -6.71
N MET B 17 -10.33 8.79 -7.45
CA MET B 17 -10.53 9.25 -8.81
C MET B 17 -10.51 10.80 -8.83
N GLY B 18 -11.05 11.43 -7.79
CA GLY B 18 -11.11 12.88 -7.64
C GLY B 18 -9.74 13.53 -7.42
N GLU B 19 -8.68 12.73 -7.23
CA GLU B 19 -7.33 13.23 -7.04
C GLU B 19 -6.59 13.31 -8.38
N GLY B 20 -7.26 12.97 -9.50
CA GLY B 20 -6.71 13.04 -10.84
C GLY B 20 -6.07 11.74 -11.30
N TYR B 21 -6.76 10.61 -11.15
CA TYR B 21 -6.28 9.31 -11.57
C TYR B 21 -7.38 8.57 -12.35
N ALA B 22 -6.97 7.59 -13.15
CA ALA B 22 -7.88 6.78 -13.97
C ALA B 22 -8.40 5.59 -13.18
N PHE B 23 -9.58 5.05 -13.54
CA PHE B 23 -10.18 3.90 -12.84
C PHE B 23 -9.22 2.72 -12.78
N GLU B 24 -8.53 2.43 -13.89
CA GLU B 24 -7.60 1.30 -13.94
C GLU B 24 -6.41 1.49 -12.99
N GLU B 25 -6.02 2.73 -12.71
CA GLU B 25 -4.92 3.03 -11.80
C GLU B 25 -5.43 2.97 -10.36
N VAL B 26 -6.57 3.60 -10.11
CA VAL B 26 -7.21 3.68 -8.81
C VAL B 26 -7.56 2.29 -8.30
N LYS B 27 -8.32 1.51 -9.07
CA LYS B 27 -8.70 0.16 -8.63
C LYS B 27 -7.47 -0.70 -8.37
N ARG B 28 -6.40 -0.52 -9.15
CA ARG B 28 -5.16 -1.27 -8.99
C ARG B 28 -4.55 -0.88 -7.65
N ALA B 29 -4.39 0.42 -7.38
CA ALA B 29 -3.83 0.92 -6.13
C ALA B 29 -4.66 0.48 -4.92
N LEU B 30 -6.00 0.57 -5.01
CA LEU B 30 -6.88 0.18 -3.92
C LEU B 30 -6.66 -1.29 -3.59
N GLU B 31 -6.63 -2.18 -4.58
CA GLU B 31 -6.42 -3.61 -4.42
C GLU B 31 -5.14 -3.87 -3.62
N ILE B 32 -4.04 -3.25 -4.04
CA ILE B 32 -2.74 -3.38 -3.41
C ILE B 32 -2.84 -2.95 -1.94
N ALA B 33 -3.44 -1.78 -1.70
CA ALA B 33 -3.65 -1.18 -0.38
C ALA B 33 -4.70 -1.90 0.49
N GLN B 34 -5.16 -3.11 0.15
CA GLN B 34 -6.19 -3.84 0.91
C GLN B 34 -7.43 -2.92 1.07
N ASN B 35 -7.77 -2.27 -0.03
CA ASN B 35 -8.86 -1.33 -0.22
C ASN B 35 -8.82 -0.20 0.81
N ASN B 36 -7.65 0.33 1.15
CA ASN B 36 -7.51 1.42 2.10
C ASN B 36 -7.20 2.69 1.31
N VAL B 37 -8.02 3.73 1.44
CA VAL B 37 -7.87 5.02 0.75
C VAL B 37 -6.54 5.69 1.08
N GLU B 38 -6.29 5.96 2.36
CA GLU B 38 -5.10 6.66 2.84
C GLU B 38 -3.82 6.03 2.32
N VAL B 39 -3.77 4.69 2.36
CA VAL B 39 -2.65 3.89 1.93
C VAL B 39 -2.57 3.91 0.40
N ALA B 40 -3.69 3.82 -0.32
CA ALA B 40 -3.71 3.85 -1.78
C ALA B 40 -3.16 5.18 -2.32
N ARG B 41 -3.34 6.29 -1.59
CA ARG B 41 -2.83 7.60 -2.02
C ARG B 41 -1.33 7.49 -2.29
N SER B 42 -0.56 6.92 -1.37
CA SER B 42 0.87 6.73 -1.46
C SER B 42 1.27 5.97 -2.72
N ILE B 43 0.54 4.89 -3.05
CA ILE B 43 0.80 4.06 -4.22
C ILE B 43 0.68 4.94 -5.46
N LEU B 44 -0.45 5.64 -5.58
CA LEU B 44 -0.71 6.52 -6.70
C LEU B 44 0.32 7.64 -6.74
N ARG B 45 0.83 8.12 -5.60
CA ARG B 45 1.85 9.18 -5.52
C ARG B 45 3.12 8.72 -6.19
N GLU B 46 3.55 7.50 -5.87
CA GLU B 46 4.76 6.91 -6.40
C GLU B 46 4.61 6.59 -7.90
N PHE B 47 3.50 5.97 -8.32
CA PHE B 47 3.30 5.65 -9.74
C PHE B 47 3.08 6.92 -10.57
N SER B 48 2.13 7.76 -10.18
CA SER B 48 1.77 9.03 -10.82
C SER B 48 2.67 10.13 -10.26
N GLY B 49 3.97 9.87 -10.27
CA GLY B 49 4.99 10.81 -9.82
C GLY B 49 4.99 11.95 -10.83
N PRO B 50 5.38 11.71 -12.10
CA PRO B 50 5.39 12.71 -13.15
C PRO B 50 4.03 12.82 -13.85
N SER B 51 3.68 13.99 -14.38
CA SER B 51 2.42 14.24 -15.09
C SER B 51 2.59 15.42 -16.05
N SER B 52 1.55 15.75 -16.81
CA SER B 52 1.59 16.89 -17.72
C SER B 52 1.39 18.20 -16.94
N GLY B 53 0.96 18.12 -15.68
CA GLY B 53 0.69 19.23 -14.78
C GLY B 53 -0.69 19.02 -14.20
N GLY A 1 -6.52 -10.63 19.54
CA GLY A 1 -5.15 -10.96 19.11
C GLY A 1 -4.49 -9.75 18.51
N SER A 2 -4.82 -9.40 17.26
CA SER A 2 -4.25 -8.24 16.57
C SER A 2 -5.24 -7.64 15.59
N SER A 3 -5.00 -6.37 15.26
CA SER A 3 -5.74 -5.53 14.31
C SER A 3 -4.77 -5.25 13.14
N GLY A 4 -5.12 -4.39 12.20
CA GLY A 4 -4.28 -4.05 11.05
C GLY A 4 -4.26 -2.55 10.84
N SER A 5 -3.33 -1.87 11.51
CA SER A 5 -3.17 -0.43 11.42
C SER A 5 -1.72 -0.07 11.74
N SER A 6 -1.50 0.96 12.56
CA SER A 6 -0.21 1.47 13.02
C SER A 6 0.47 0.48 13.98
N GLY A 7 1.65 0.84 14.48
CA GLY A 7 2.42 0.04 15.42
C GLY A 7 3.93 0.12 15.14
N ASN A 8 4.68 -0.86 15.67
CA ASN A 8 6.13 -0.99 15.53
C ASN A 8 6.54 -0.92 14.07
N VAL A 9 7.80 -0.54 13.81
CA VAL A 9 8.33 -0.41 12.46
C VAL A 9 9.46 -1.41 12.21
N ASP A 10 10.49 -1.46 13.07
CA ASP A 10 11.62 -2.38 12.88
C ASP A 10 11.16 -3.85 12.81
N ALA A 11 10.20 -4.25 13.64
CA ALA A 11 9.68 -5.61 13.66
C ALA A 11 9.02 -5.94 12.32
N LYS A 12 8.38 -4.95 11.69
CA LYS A 12 7.72 -5.11 10.40
C LYS A 12 8.76 -5.25 9.31
N ILE A 13 9.84 -4.46 9.39
CA ILE A 13 10.91 -4.50 8.44
C ILE A 13 11.51 -5.91 8.49
N ALA A 14 11.80 -6.41 9.69
CA ALA A 14 12.34 -7.75 9.87
C ALA A 14 11.42 -8.79 9.21
N LYS A 15 10.10 -8.59 9.35
CA LYS A 15 9.06 -9.46 8.79
C LYS A 15 9.21 -9.57 7.27
N LEU A 16 9.10 -8.45 6.55
CA LEU A 16 9.22 -8.46 5.10
C LEU A 16 10.61 -8.91 4.65
N MET A 17 11.66 -8.57 5.41
CA MET A 17 13.01 -9.02 5.06
C MET A 17 13.02 -10.56 5.09
N GLY A 18 12.22 -11.18 5.97
CA GLY A 18 12.09 -12.62 6.12
C GLY A 18 11.36 -13.27 4.94
N GLU A 19 10.76 -12.48 4.04
CA GLU A 19 10.08 -12.98 2.84
C GLU A 19 11.11 -13.15 1.71
N GLY A 20 12.33 -12.62 1.87
CA GLY A 20 13.41 -12.71 0.90
C GLY A 20 13.63 -11.43 0.12
N TYR A 21 13.24 -10.27 0.64
CA TYR A 21 13.39 -8.97 -0.04
C TYR A 21 14.52 -8.13 0.60
N ALA A 22 15.12 -7.22 -0.17
CA ALA A 22 16.22 -6.38 0.29
C ALA A 22 15.72 -5.24 1.15
N PHE A 23 16.51 -4.86 2.17
CA PHE A 23 16.17 -3.80 3.10
C PHE A 23 15.79 -2.48 2.43
N GLU A 24 16.51 -2.11 1.36
CA GLU A 24 16.22 -0.85 0.66
C GLU A 24 14.84 -0.84 0.00
N GLU A 25 14.24 -2.00 -0.18
CA GLU A 25 12.93 -2.18 -0.77
C GLU A 25 11.90 -2.30 0.37
N VAL A 26 12.31 -2.91 1.49
CA VAL A 26 11.46 -3.13 2.65
C VAL A 26 11.09 -1.83 3.35
N LYS A 27 12.08 -1.03 3.78
CA LYS A 27 11.77 0.22 4.47
C LYS A 27 10.86 1.09 3.59
N ARG A 28 11.05 1.02 2.28
CA ARG A 28 10.28 1.76 1.30
C ARG A 28 8.85 1.23 1.29
N ALA A 29 8.66 -0.09 1.25
CA ALA A 29 7.33 -0.67 1.24
C ALA A 29 6.58 -0.28 2.51
N LEU A 30 7.20 -0.35 3.69
CA LEU A 30 6.55 0.01 4.95
C LEU A 30 6.27 1.51 5.03
N GLU A 31 6.98 2.35 4.27
CA GLU A 31 6.75 3.78 4.25
C GLU A 31 5.43 4.02 3.50
N ILE A 32 5.35 3.50 2.26
CA ILE A 32 4.19 3.63 1.38
C ILE A 32 2.95 3.01 2.07
N ALA A 33 3.09 1.78 2.57
CA ALA A 33 2.06 1.01 3.25
C ALA A 33 1.64 1.57 4.62
N GLN A 34 2.11 2.76 5.02
CA GLN A 34 1.79 3.39 6.29
C GLN A 34 2.02 2.40 7.45
N ASN A 35 3.21 1.79 7.43
CA ASN A 35 3.75 0.81 8.36
C ASN A 35 2.86 -0.44 8.52
N ASN A 36 2.14 -0.89 7.50
CA ASN A 36 1.29 -2.09 7.62
C ASN A 36 1.89 -3.24 6.82
N VAL A 37 2.25 -4.35 7.47
CA VAL A 37 2.83 -5.53 6.82
C VAL A 37 1.87 -6.17 5.82
N GLU A 38 0.58 -6.27 6.17
CA GLU A 38 -0.41 -6.91 5.31
C GLU A 38 -0.56 -6.20 3.98
N VAL A 39 -0.35 -4.88 3.99
CA VAL A 39 -0.43 -4.03 2.82
C VAL A 39 0.92 -4.03 2.10
N ALA A 40 2.03 -3.84 2.82
CA ALA A 40 3.40 -3.82 2.28
C ALA A 40 3.70 -5.09 1.48
N ARG A 41 3.12 -6.21 1.89
CA ARG A 41 3.27 -7.50 1.24
C ARG A 41 2.90 -7.40 -0.24
N SER A 42 1.80 -6.72 -0.58
CA SER A 42 1.38 -6.57 -1.96
C SER A 42 2.30 -5.64 -2.75
N ILE A 43 2.79 -4.55 -2.14
CA ILE A 43 3.69 -3.59 -2.79
C ILE A 43 4.93 -4.33 -3.31
N LEU A 44 5.48 -5.22 -2.49
CA LEU A 44 6.67 -5.95 -2.86
C LEU A 44 6.42 -6.98 -3.95
N ARG A 45 5.19 -7.45 -4.14
CA ARG A 45 4.92 -8.41 -5.21
C ARG A 45 4.99 -7.69 -6.54
N GLU A 46 4.55 -6.42 -6.62
CA GLU A 46 4.60 -5.68 -7.86
C GLU A 46 6.01 -5.16 -8.15
N PHE A 47 6.80 -4.81 -7.12
CA PHE A 47 8.17 -4.32 -7.35
C PHE A 47 9.19 -5.45 -7.52
N SER A 48 9.23 -6.40 -6.59
CA SER A 48 10.19 -7.50 -6.63
C SER A 48 9.76 -8.69 -7.48
N GLY A 49 8.50 -8.71 -7.95
CA GLY A 49 7.96 -9.77 -8.78
C GLY A 49 7.89 -11.10 -8.03
N PRO A 50 7.35 -12.15 -8.68
CA PRO A 50 7.28 -13.48 -8.07
C PRO A 50 8.71 -14.02 -8.08
N SER A 51 9.26 -14.38 -6.92
CA SER A 51 10.62 -14.90 -6.79
C SER A 51 10.60 -16.23 -6.04
N SER A 52 11.77 -16.86 -5.92
CA SER A 52 11.95 -18.13 -5.26
C SER A 52 12.98 -17.99 -4.13
N GLY A 53 13.02 -18.96 -3.24
CA GLY A 53 13.92 -18.99 -2.10
C GLY A 53 13.21 -18.51 -0.86
N GLY B 1 -14.77 9.13 14.02
CA GLY B 1 -14.33 9.34 12.63
C GLY B 1 -14.59 8.07 11.84
N SER B 2 -13.52 7.44 11.37
CA SER B 2 -13.56 6.19 10.62
C SER B 2 -12.26 5.46 10.97
N SER B 3 -12.35 4.16 11.24
CA SER B 3 -11.18 3.36 11.54
C SER B 3 -10.37 3.17 10.25
N GLY B 4 -9.15 2.62 10.35
CA GLY B 4 -8.28 2.40 9.20
C GLY B 4 -8.08 0.92 8.92
N SER B 5 -9.16 0.13 8.89
CA SER B 5 -9.12 -1.29 8.63
C SER B 5 -9.88 -1.65 7.35
N SER B 6 -11.22 -1.68 7.37
CA SER B 6 -12.06 -2.01 6.22
C SER B 6 -13.22 -1.02 6.06
N GLY B 7 -13.97 -1.17 4.97
CA GLY B 7 -15.11 -0.35 4.57
C GLY B 7 -15.59 -0.81 3.18
N ASN B 8 -16.41 0.00 2.50
CA ASN B 8 -16.91 -0.31 1.16
C ASN B 8 -15.77 -0.14 0.15
N VAL B 9 -15.95 -0.48 -1.13
CA VAL B 9 -14.88 -0.37 -2.13
C VAL B 9 -15.21 0.67 -3.21
N ASP B 10 -16.43 0.69 -3.73
CA ASP B 10 -16.83 1.64 -4.79
C ASP B 10 -16.64 3.07 -4.33
N ALA B 11 -17.07 3.37 -3.10
CA ALA B 11 -16.94 4.69 -2.50
C ALA B 11 -15.47 5.11 -2.38
N LYS B 12 -14.53 4.17 -2.42
CA LYS B 12 -13.11 4.43 -2.33
C LYS B 12 -12.55 4.62 -3.73
N ILE B 13 -12.98 3.83 -4.71
CA ILE B 13 -12.53 3.98 -6.09
C ILE B 13 -12.92 5.42 -6.49
N ALA B 14 -14.18 5.77 -6.30
CA ALA B 14 -14.70 7.10 -6.61
C ALA B 14 -14.05 8.22 -5.77
N LYS B 15 -13.34 7.90 -4.68
CA LYS B 15 -12.67 8.88 -3.82
C LYS B 15 -11.36 9.26 -4.53
N LEU B 16 -10.48 8.27 -4.71
CA LEU B 16 -9.17 8.45 -5.34
C LEU B 16 -9.28 8.96 -6.77
N MET B 17 -10.29 8.54 -7.54
CA MET B 17 -10.47 9.01 -8.93
C MET B 17 -10.65 10.52 -9.02
N GLY B 18 -11.11 11.18 -7.95
CA GLY B 18 -11.32 12.62 -7.96
C GLY B 18 -10.00 13.37 -7.82
N GLU B 19 -8.94 12.73 -7.32
CA GLU B 19 -7.63 13.37 -7.16
C GLU B 19 -6.92 13.54 -8.51
N GLY B 20 -7.55 13.03 -9.58
CA GLY B 20 -7.13 13.11 -10.97
C GLY B 20 -6.74 11.78 -11.61
N TYR B 21 -6.46 10.77 -10.80
CA TYR B 21 -6.03 9.46 -11.28
C TYR B 21 -7.10 8.68 -12.05
N ALA B 22 -6.63 7.90 -13.03
CA ALA B 22 -7.45 7.07 -13.91
C ALA B 22 -7.97 5.82 -13.20
N PHE B 23 -9.07 5.24 -13.67
CA PHE B 23 -9.69 4.05 -13.10
C PHE B 23 -8.69 2.87 -13.06
N GLU B 24 -7.91 2.70 -14.13
CA GLU B 24 -6.94 1.64 -14.24
C GLU B 24 -5.83 1.78 -13.19
N GLU B 25 -5.57 2.98 -12.67
CA GLU B 25 -4.55 3.20 -11.66
C GLU B 25 -5.19 3.09 -10.28
N VAL B 26 -6.39 3.63 -10.11
CA VAL B 26 -7.13 3.63 -8.84
C VAL B 26 -7.52 2.23 -8.38
N LYS B 27 -8.24 1.47 -9.22
CA LYS B 27 -8.64 0.11 -8.80
C LYS B 27 -7.41 -0.71 -8.40
N ARG B 28 -6.28 -0.49 -9.07
CA ARG B 28 -5.01 -1.15 -8.80
C ARG B 28 -4.55 -0.75 -7.41
N ALA B 29 -4.45 0.56 -7.15
CA ALA B 29 -4.04 1.10 -5.86
C ALA B 29 -4.88 0.55 -4.72
N LEU B 30 -6.21 0.55 -4.87
CA LEU B 30 -7.07 0.04 -3.80
C LEU B 30 -6.83 -1.44 -3.56
N GLU B 31 -6.56 -2.26 -4.58
CA GLU B 31 -6.31 -3.69 -4.41
C GLU B 31 -5.05 -3.91 -3.56
N ILE B 32 -3.97 -3.20 -3.90
CA ILE B 32 -2.68 -3.28 -3.21
C ILE B 32 -2.83 -2.78 -1.76
N ALA B 33 -3.55 -1.68 -1.57
CA ALA B 33 -3.80 -1.03 -0.29
C ALA B 33 -4.79 -1.79 0.61
N GLN B 34 -5.19 -3.03 0.30
CA GLN B 34 -6.18 -3.79 1.09
C GLN B 34 -7.44 -2.92 1.25
N ASN B 35 -7.81 -2.28 0.14
CA ASN B 35 -8.92 -1.36 -0.07
C ASN B 35 -8.84 -0.14 0.85
N ASN B 36 -7.71 0.22 1.45
CA ASN B 36 -7.61 1.39 2.33
C ASN B 36 -7.25 2.67 1.56
N VAL B 37 -8.11 3.68 1.57
CA VAL B 37 -7.91 4.98 0.91
C VAL B 37 -6.64 5.66 1.42
N GLU B 38 -6.44 5.65 2.75
CA GLU B 38 -5.32 6.28 3.41
C GLU B 38 -3.99 5.80 2.80
N VAL B 39 -3.88 4.51 2.54
CA VAL B 39 -2.67 3.92 1.97
C VAL B 39 -2.67 4.06 0.44
N ALA B 40 -3.82 3.90 -0.23
CA ALA B 40 -3.92 4.03 -1.69
C ALA B 40 -3.36 5.37 -2.18
N ARG B 41 -3.43 6.41 -1.34
CA ARG B 41 -2.89 7.73 -1.68
C ARG B 41 -1.39 7.61 -1.93
N SER B 42 -0.64 6.93 -1.06
CA SER B 42 0.80 6.75 -1.17
C SER B 42 1.20 6.03 -2.45
N ILE B 43 0.34 5.13 -2.93
CA ILE B 43 0.53 4.32 -4.13
C ILE B 43 0.35 5.20 -5.37
N LEU B 44 -0.76 5.94 -5.45
CA LEU B 44 -0.97 6.81 -6.62
C LEU B 44 0.11 7.90 -6.67
N ARG B 45 0.64 8.29 -5.50
CA ARG B 45 1.70 9.27 -5.36
C ARG B 45 2.99 8.75 -5.99
N GLU B 46 3.18 7.43 -6.13
CA GLU B 46 4.37 6.85 -6.75
C GLU B 46 4.13 6.58 -8.24
N PHE B 47 3.00 5.93 -8.60
CA PHE B 47 2.70 5.58 -9.98
C PHE B 47 2.53 6.79 -10.90
N SER B 48 1.71 7.77 -10.51
CA SER B 48 1.44 8.95 -11.31
C SER B 48 2.36 10.11 -10.95
N GLY B 49 2.72 10.26 -9.66
CA GLY B 49 3.57 11.36 -9.24
C GLY B 49 2.74 12.65 -9.15
N PRO B 50 3.37 13.84 -9.05
CA PRO B 50 2.66 15.11 -8.96
C PRO B 50 1.85 15.42 -10.24
N SER B 51 0.94 16.38 -10.18
CA SER B 51 0.10 16.80 -11.29
C SER B 51 -0.41 18.22 -11.04
N SER B 52 -1.31 18.72 -11.90
CA SER B 52 -1.90 20.04 -11.84
C SER B 52 -3.39 19.93 -12.21
N GLY B 53 -4.29 19.97 -11.22
CA GLY B 53 -5.72 19.88 -11.49
C GLY B 53 -6.49 19.80 -10.19
N GLY A 1 -6.46 -5.19 22.70
CA GLY A 1 -7.08 -3.96 22.21
C GLY A 1 -7.66 -4.19 20.83
N SER A 2 -7.03 -3.64 19.80
CA SER A 2 -7.39 -3.76 18.40
C SER A 2 -6.13 -4.10 17.62
N SER A 3 -6.28 -4.36 16.32
CA SER A 3 -5.20 -4.71 15.40
C SER A 3 -5.44 -3.99 14.06
N GLY A 4 -4.72 -4.33 12.99
CA GLY A 4 -4.86 -3.71 11.66
C GLY A 4 -3.99 -2.48 11.45
N SER A 5 -3.48 -1.91 12.54
CA SER A 5 -2.61 -0.75 12.68
C SER A 5 -1.72 -1.12 13.88
N SER A 6 -0.53 -0.52 14.03
CA SER A 6 0.40 -0.83 15.11
C SER A 6 1.40 0.33 15.30
N GLY A 7 2.54 0.07 15.94
CA GLY A 7 3.63 1.00 16.19
C GLY A 7 4.92 0.44 15.61
N ASN A 8 5.71 -0.26 16.44
CA ASN A 8 7.01 -0.91 16.17
C ASN A 8 7.27 -1.16 14.68
N VAL A 9 8.00 -0.27 14.00
CA VAL A 9 8.30 -0.41 12.57
C VAL A 9 9.46 -1.38 12.32
N ASP A 10 10.50 -1.37 13.16
CA ASP A 10 11.67 -2.22 13.00
C ASP A 10 11.29 -3.70 12.92
N ALA A 11 10.30 -4.13 13.71
CA ALA A 11 9.83 -5.51 13.70
C ALA A 11 9.26 -5.85 12.33
N LYS A 12 8.43 -4.94 11.79
CA LYS A 12 7.78 -5.09 10.49
C LYS A 12 8.83 -5.17 9.39
N ILE A 13 9.89 -4.37 9.46
CA ILE A 13 10.95 -4.37 8.45
C ILE A 13 11.55 -5.79 8.43
N ALA A 14 12.01 -6.27 9.59
CA ALA A 14 12.60 -7.60 9.69
C ALA A 14 11.65 -8.69 9.15
N LYS A 15 10.34 -8.54 9.41
CA LYS A 15 9.31 -9.47 8.96
C LYS A 15 9.36 -9.65 7.45
N LEU A 16 9.12 -8.60 6.66
CA LEU A 16 9.13 -8.67 5.19
C LEU A 16 10.47 -9.08 4.64
N MET A 17 11.60 -8.67 5.25
CA MET A 17 12.90 -9.06 4.73
C MET A 17 13.01 -10.60 4.67
N GLY A 18 12.25 -11.31 5.52
CA GLY A 18 12.20 -12.76 5.58
C GLY A 18 11.53 -13.39 4.36
N GLU A 19 10.78 -12.62 3.55
CA GLU A 19 10.12 -13.14 2.34
C GLU A 19 11.07 -13.14 1.13
N GLY A 20 12.24 -12.51 1.26
CA GLY A 20 13.22 -12.43 0.19
C GLY A 20 13.23 -11.05 -0.48
N TYR A 21 13.40 -10.01 0.33
CA TYR A 21 13.47 -8.63 -0.11
C TYR A 21 14.56 -7.95 0.70
N ALA A 22 15.24 -7.00 0.08
CA ALA A 22 16.32 -6.23 0.69
C ALA A 22 15.78 -5.15 1.62
N PHE A 23 16.65 -4.66 2.49
CA PHE A 23 16.36 -3.64 3.49
C PHE A 23 15.73 -2.40 2.88
N GLU A 24 16.32 -1.89 1.80
CA GLU A 24 15.83 -0.68 1.16
C GLU A 24 14.40 -0.82 0.64
N GLU A 25 14.13 -1.93 -0.05
CA GLU A 25 12.84 -2.26 -0.64
C GLU A 25 11.76 -2.27 0.43
N VAL A 26 12.04 -2.98 1.51
CA VAL A 26 11.12 -3.13 2.63
C VAL A 26 10.87 -1.78 3.28
N LYS A 27 11.92 -1.01 3.54
CA LYS A 27 11.76 0.31 4.14
C LYS A 27 10.83 1.16 3.27
N ARG A 28 11.02 1.08 1.96
CA ARG A 28 10.22 1.83 1.01
C ARG A 28 8.77 1.36 1.11
N ALA A 29 8.56 0.04 1.10
CA ALA A 29 7.23 -0.54 1.18
C ALA A 29 6.53 -0.13 2.48
N LEU A 30 7.17 -0.20 3.65
CA LEU A 30 6.53 0.19 4.91
C LEU A 30 6.16 1.68 4.87
N GLU A 31 6.94 2.54 4.21
CA GLU A 31 6.62 3.96 4.12
C GLU A 31 5.32 4.14 3.32
N ILE A 32 5.22 3.49 2.16
CA ILE A 32 4.06 3.54 1.28
C ILE A 32 2.83 2.82 1.88
N ALA A 33 3.03 1.75 2.65
CA ALA A 33 2.02 0.91 3.28
C ALA A 33 1.50 1.45 4.62
N GLN A 34 1.74 2.71 4.99
CA GLN A 34 1.28 3.25 6.29
C GLN A 34 1.78 2.36 7.44
N ASN A 35 3.03 1.86 7.32
CA ASN A 35 3.71 1.01 8.29
C ASN A 35 2.90 -0.26 8.60
N ASN A 36 2.28 -0.86 7.58
CA ASN A 36 1.46 -2.08 7.68
C ASN A 36 2.04 -3.23 6.86
N VAL A 37 2.37 -4.35 7.52
CA VAL A 37 2.92 -5.54 6.88
C VAL A 37 1.95 -6.12 5.85
N GLU A 38 0.66 -6.20 6.21
CA GLU A 38 -0.39 -6.77 5.37
C GLU A 38 -0.48 -6.09 4.01
N VAL A 39 -0.10 -4.81 3.91
CA VAL A 39 -0.15 -4.07 2.65
C VAL A 39 1.26 -4.05 2.04
N ALA A 40 2.32 -3.83 2.84
CA ALA A 40 3.70 -3.81 2.35
C ALA A 40 4.02 -5.08 1.55
N ARG A 41 3.44 -6.20 1.99
CA ARG A 41 3.56 -7.51 1.37
C ARG A 41 3.16 -7.42 -0.11
N SER A 42 1.98 -6.88 -0.40
CA SER A 42 1.46 -6.73 -1.74
C SER A 42 2.23 -5.69 -2.57
N ILE A 43 2.87 -4.70 -1.93
CA ILE A 43 3.65 -3.66 -2.61
C ILE A 43 4.87 -4.36 -3.21
N LEU A 44 5.66 -5.02 -2.35
CA LEU A 44 6.88 -5.76 -2.73
C LEU A 44 6.55 -6.81 -3.79
N ARG A 45 5.37 -7.43 -3.69
CA ARG A 45 4.94 -8.45 -4.65
C ARG A 45 4.94 -7.90 -6.08
N GLU A 46 4.53 -6.64 -6.29
CA GLU A 46 4.48 -6.04 -7.61
C GLU A 46 5.69 -5.13 -7.89
N PHE A 47 6.39 -4.62 -6.88
CA PHE A 47 7.58 -3.76 -7.07
C PHE A 47 8.72 -4.65 -7.53
N SER A 48 8.97 -5.71 -6.77
CA SER A 48 10.00 -6.69 -7.03
C SER A 48 9.53 -7.62 -8.15
N GLY A 49 8.23 -7.91 -8.21
CA GLY A 49 7.68 -8.79 -9.21
C GLY A 49 8.15 -10.23 -8.99
N PRO A 50 8.08 -11.09 -10.01
CA PRO A 50 8.54 -12.47 -9.93
C PRO A 50 10.07 -12.49 -9.82
N SER A 51 10.67 -13.64 -9.49
CA SER A 51 12.13 -13.78 -9.36
C SER A 51 12.54 -15.24 -9.51
N SER A 52 13.82 -15.47 -9.80
CA SER A 52 14.40 -16.81 -9.98
C SER A 52 14.46 -17.60 -8.66
N GLY A 53 14.89 -18.86 -8.75
CA GLY A 53 15.03 -19.77 -7.63
C GLY A 53 15.07 -21.17 -8.21
N GLY B 1 -18.26 3.46 15.30
CA GLY B 1 -17.98 2.23 16.05
C GLY B 1 -16.52 1.81 15.92
N SER B 2 -16.02 1.67 14.68
CA SER B 2 -14.66 1.28 14.39
C SER B 2 -14.10 2.12 13.24
N SER B 3 -12.80 2.00 13.00
CA SER B 3 -12.06 2.69 11.95
C SER B 3 -11.11 1.70 11.27
N GLY B 4 -10.36 2.16 10.27
CA GLY B 4 -9.42 1.36 9.53
C GLY B 4 -10.10 0.68 8.36
N SER B 5 -10.55 -0.56 8.53
CA SER B 5 -11.22 -1.33 7.49
C SER B 5 -12.72 -0.99 7.43
N SER B 6 -13.34 -1.21 6.28
CA SER B 6 -14.77 -0.98 6.03
C SER B 6 -15.20 -1.95 4.91
N GLY B 7 -16.51 -2.03 4.63
CA GLY B 7 -17.05 -2.91 3.61
C GLY B 7 -17.17 -2.30 2.22
N ASN B 8 -17.70 -1.08 2.09
CA ASN B 8 -17.90 -0.43 0.79
C ASN B 8 -16.58 -0.22 0.04
N VAL B 9 -16.57 -0.49 -1.27
CA VAL B 9 -15.38 -0.35 -2.11
C VAL B 9 -15.51 0.78 -3.15
N ASP B 10 -16.62 0.88 -3.88
CA ASP B 10 -16.81 1.92 -4.91
C ASP B 10 -16.61 3.35 -4.39
N ALA B 11 -17.02 3.62 -3.16
CA ALA B 11 -16.88 4.92 -2.53
C ALA B 11 -15.41 5.35 -2.40
N LYS B 12 -14.50 4.38 -2.35
CA LYS B 12 -13.07 4.64 -2.26
C LYS B 12 -12.55 4.88 -3.66
N ILE B 13 -13.03 4.14 -4.65
CA ILE B 13 -12.62 4.31 -6.05
C ILE B 13 -12.96 5.75 -6.44
N ALA B 14 -14.21 6.16 -6.23
CA ALA B 14 -14.66 7.51 -6.56
C ALA B 14 -13.81 8.58 -5.88
N LYS B 15 -13.31 8.30 -4.68
CA LYS B 15 -12.47 9.21 -3.90
C LYS B 15 -11.16 9.45 -4.65
N LEU B 16 -10.34 8.40 -4.83
CA LEU B 16 -9.06 8.51 -5.53
C LEU B 16 -9.26 9.02 -6.95
N MET B 17 -10.31 8.63 -7.65
CA MET B 17 -10.56 9.12 -9.01
C MET B 17 -10.70 10.65 -9.01
N GLY B 18 -11.11 11.26 -7.89
CA GLY B 18 -11.27 12.70 -7.74
C GLY B 18 -9.95 13.41 -7.43
N GLU B 19 -8.87 12.65 -7.17
CA GLU B 19 -7.55 13.19 -6.88
C GLU B 19 -6.71 13.33 -8.16
N GLY B 20 -7.24 12.90 -9.31
CA GLY B 20 -6.58 12.98 -10.62
C GLY B 20 -5.80 11.72 -10.98
N TYR B 21 -6.49 10.58 -11.14
CA TYR B 21 -5.90 9.29 -11.52
C TYR B 21 -6.92 8.53 -12.35
N ALA B 22 -6.45 7.72 -13.29
CA ALA B 22 -7.32 6.95 -14.18
C ALA B 22 -7.98 5.78 -13.43
N PHE B 23 -9.12 5.33 -13.94
CA PHE B 23 -9.88 4.24 -13.33
C PHE B 23 -9.05 2.98 -13.14
N GLU B 24 -8.23 2.59 -14.11
CA GLU B 24 -7.44 1.37 -13.97
C GLU B 24 -6.37 1.52 -12.90
N GLU B 25 -5.80 2.71 -12.76
CA GLU B 25 -4.76 3.00 -11.77
C GLU B 25 -5.36 2.91 -10.38
N VAL B 26 -6.54 3.49 -10.20
CA VAL B 26 -7.25 3.51 -8.93
C VAL B 26 -7.61 2.09 -8.48
N LYS B 27 -8.28 1.31 -9.32
CA LYS B 27 -8.66 -0.06 -8.96
C LYS B 27 -7.43 -0.86 -8.54
N ARG B 28 -6.31 -0.65 -9.23
CA ARG B 28 -5.05 -1.36 -8.96
C ARG B 28 -4.58 -0.96 -7.56
N ALA B 29 -4.48 0.35 -7.33
CA ALA B 29 -4.03 0.89 -6.06
C ALA B 29 -4.90 0.43 -4.89
N LEU B 30 -6.22 0.44 -5.02
CA LEU B 30 -7.08 -0.01 -3.92
C LEU B 30 -6.90 -1.51 -3.69
N GLU B 31 -6.75 -2.33 -4.73
CA GLU B 31 -6.56 -3.77 -4.55
C GLU B 31 -5.32 -4.02 -3.70
N ILE B 32 -4.19 -3.41 -4.07
CA ILE B 32 -2.91 -3.51 -3.40
C ILE B 32 -3.03 -2.96 -1.97
N ALA B 33 -3.64 -1.78 -1.80
CA ALA B 33 -3.84 -1.10 -0.52
C ALA B 33 -4.81 -1.80 0.45
N GLN B 34 -5.26 -3.03 0.19
CA GLN B 34 -6.22 -3.73 1.04
C GLN B 34 -7.46 -2.84 1.21
N ASN B 35 -7.89 -2.24 0.09
CA ASN B 35 -9.03 -1.35 -0.07
C ASN B 35 -9.10 -0.29 1.04
N ASN B 36 -8.00 0.46 1.22
CA ASN B 36 -7.84 1.51 2.22
C ASN B 36 -7.35 2.77 1.52
N VAL B 37 -8.11 3.87 1.54
CA VAL B 37 -7.73 5.13 0.89
C VAL B 37 -6.47 5.72 1.52
N GLU B 38 -6.32 5.56 2.83
CA GLU B 38 -5.19 6.05 3.61
C GLU B 38 -3.86 5.53 3.07
N VAL B 39 -3.89 4.32 2.51
CA VAL B 39 -2.73 3.65 1.95
C VAL B 39 -2.68 3.83 0.43
N ALA B 40 -3.82 3.72 -0.28
CA ALA B 40 -3.88 3.87 -1.73
C ALA B 40 -3.35 5.23 -2.17
N ARG B 41 -3.55 6.27 -1.37
CA ARG B 41 -3.07 7.62 -1.70
C ARG B 41 -1.55 7.60 -1.87
N SER B 42 -0.83 6.88 -1.01
CA SER B 42 0.62 6.78 -1.09
C SER B 42 1.04 5.93 -2.29
N ILE B 43 0.26 4.90 -2.67
CA ILE B 43 0.58 4.03 -3.80
C ILE B 43 0.55 4.87 -5.07
N LEU B 44 -0.59 5.51 -5.33
CA LEU B 44 -0.78 6.35 -6.51
C LEU B 44 0.25 7.47 -6.56
N ARG B 45 0.65 8.00 -5.39
CA ARG B 45 1.64 9.07 -5.30
C ARG B 45 2.95 8.61 -5.93
N GLU B 46 3.42 7.42 -5.59
CA GLU B 46 4.67 6.90 -6.13
C GLU B 46 4.49 6.30 -7.53
N PHE B 47 3.32 5.75 -7.86
CA PHE B 47 3.10 5.16 -9.18
C PHE B 47 3.04 6.23 -10.27
N SER B 48 2.20 7.25 -10.09
CA SER B 48 2.02 8.32 -11.07
C SER B 48 3.03 9.45 -10.88
N GLY B 49 3.51 9.70 -9.66
CA GLY B 49 4.44 10.79 -9.40
C GLY B 49 3.79 12.13 -9.74
N PRO B 50 4.59 13.20 -9.97
CA PRO B 50 4.04 14.49 -10.34
C PRO B 50 3.46 14.42 -11.76
N SER B 51 2.69 15.42 -12.17
CA SER B 51 2.08 15.50 -13.49
C SER B 51 2.00 16.98 -13.85
N SER B 52 2.24 17.28 -15.12
CA SER B 52 2.22 18.64 -15.64
C SER B 52 0.88 19.34 -15.39
N GLY B 53 0.98 20.66 -15.22
CA GLY B 53 -0.07 21.61 -14.97
C GLY B 53 0.63 22.93 -15.03
N GLY A 1 -6.23 -11.31 13.69
CA GLY A 1 -4.77 -11.43 13.72
C GLY A 1 -4.17 -10.84 14.97
N SER A 2 -2.92 -11.23 15.27
CA SER A 2 -2.18 -10.75 16.43
C SER A 2 -1.76 -9.29 16.23
N SER A 3 -1.26 -8.96 15.04
CA SER A 3 -0.82 -7.61 14.70
C SER A 3 -2.03 -6.72 14.31
N GLY A 4 -1.85 -5.41 14.33
CA GLY A 4 -2.85 -4.40 13.99
C GLY A 4 -2.16 -3.19 13.33
N SER A 5 -2.88 -2.07 13.18
CA SER A 5 -2.31 -0.88 12.57
C SER A 5 -1.31 -0.17 13.50
N SER A 6 -1.17 -0.57 14.76
CA SER A 6 -0.25 -0.03 15.76
C SER A 6 0.83 -1.07 16.08
N GLY A 7 2.02 -0.65 16.51
CA GLY A 7 3.14 -1.53 16.86
C GLY A 7 4.47 -0.97 16.39
N ASN A 8 5.58 -1.51 16.87
CA ASN A 8 6.94 -1.09 16.52
C ASN A 8 7.13 -1.20 15.00
N VAL A 9 7.99 -0.35 14.45
CA VAL A 9 8.35 -0.23 13.04
C VAL A 9 9.37 -1.29 12.63
N ASP A 10 10.47 -1.42 13.35
CA ASP A 10 11.55 -2.36 13.06
C ASP A 10 11.09 -3.82 12.98
N ALA A 11 10.12 -4.22 13.79
CA ALA A 11 9.58 -5.57 13.78
C ALA A 11 8.88 -5.86 12.45
N LYS A 12 8.39 -4.83 11.76
CA LYS A 12 7.71 -4.94 10.47
C LYS A 12 8.77 -5.14 9.39
N ILE A 13 9.85 -4.34 9.45
CA ILE A 13 10.95 -4.40 8.50
C ILE A 13 11.46 -5.84 8.44
N ALA A 14 11.91 -6.38 9.58
CA ALA A 14 12.43 -7.74 9.65
C ALA A 14 11.43 -8.77 9.11
N LYS A 15 10.13 -8.60 9.37
CA LYS A 15 9.09 -9.52 8.91
C LYS A 15 9.13 -9.64 7.38
N LEU A 16 9.08 -8.52 6.65
CA LEU A 16 9.11 -8.54 5.19
C LEU A 16 10.50 -8.91 4.69
N MET A 17 11.58 -8.51 5.37
CA MET A 17 12.94 -8.88 4.92
C MET A 17 13.07 -10.41 4.90
N GLY A 18 12.40 -11.11 5.83
CA GLY A 18 12.42 -12.56 5.91
C GLY A 18 11.89 -13.20 4.62
N GLU A 19 11.04 -12.52 3.85
CA GLU A 19 10.50 -13.05 2.59
C GLU A 19 11.63 -13.26 1.57
N GLY A 20 12.72 -12.51 1.71
CA GLY A 20 13.88 -12.53 0.84
C GLY A 20 14.16 -11.15 0.25
N TYR A 21 13.30 -10.16 0.49
CA TYR A 21 13.47 -8.80 -0.02
C TYR A 21 14.59 -8.07 0.73
N ALA A 22 15.18 -7.07 0.07
CA ALA A 22 16.26 -6.26 0.63
C ALA A 22 15.72 -5.06 1.41
N PHE A 23 16.57 -4.45 2.25
CA PHE A 23 16.20 -3.30 3.08
C PHE A 23 15.69 -2.11 2.24
N GLU A 24 16.35 -1.83 1.11
CA GLU A 24 15.98 -0.74 0.21
C GLU A 24 14.57 -0.93 -0.37
N GLU A 25 14.04 -2.14 -0.37
CA GLU A 25 12.72 -2.46 -0.85
C GLU A 25 11.70 -2.37 0.28
N VAL A 26 12.00 -3.05 1.39
CA VAL A 26 11.16 -3.15 2.56
C VAL A 26 10.88 -1.82 3.25
N LYS A 27 11.92 -1.08 3.65
CA LYS A 27 11.69 0.20 4.34
C LYS A 27 10.82 1.13 3.50
N ARG A 28 10.95 1.06 2.17
CA ARG A 28 10.19 1.88 1.24
C ARG A 28 8.76 1.38 1.22
N ALA A 29 8.54 0.10 0.96
CA ALA A 29 7.21 -0.50 0.92
C ALA A 29 6.44 -0.26 2.21
N LEU A 30 7.09 -0.35 3.38
CA LEU A 30 6.42 -0.11 4.65
C LEU A 30 5.95 1.33 4.71
N GLU A 31 6.71 2.32 4.20
CA GLU A 31 6.26 3.70 4.26
C GLU A 31 5.03 3.90 3.39
N ILE A 32 5.09 3.42 2.15
CA ILE A 32 4.00 3.53 1.20
C ILE A 32 2.75 2.87 1.82
N ALA A 33 2.92 1.74 2.52
CA ALA A 33 1.87 0.99 3.20
C ALA A 33 1.43 1.63 4.52
N GLN A 34 1.88 2.83 4.90
CA GLN A 34 1.55 3.49 6.16
C GLN A 34 1.92 2.54 7.31
N ASN A 35 3.11 1.96 7.22
CA ASN A 35 3.73 1.01 8.12
C ASN A 35 2.81 -0.21 8.36
N ASN A 36 2.06 -0.67 7.36
CA ASN A 36 1.17 -1.83 7.47
C ASN A 36 1.86 -3.01 6.78
N VAL A 37 2.18 -4.07 7.52
CA VAL A 37 2.85 -5.24 6.97
C VAL A 37 2.04 -5.92 5.87
N GLU A 38 0.76 -6.15 6.13
CA GLU A 38 -0.13 -6.83 5.18
C GLU A 38 -0.13 -6.10 3.84
N VAL A 39 -0.37 -4.80 3.85
CA VAL A 39 -0.39 -4.01 2.62
C VAL A 39 1.01 -4.00 1.99
N ALA A 40 2.09 -3.88 2.80
CA ALA A 40 3.44 -3.88 2.27
C ALA A 40 3.71 -5.14 1.44
N ARG A 41 3.09 -6.29 1.79
CA ARG A 41 3.27 -7.53 1.03
C ARG A 41 2.87 -7.27 -0.42
N SER A 42 1.67 -6.72 -0.63
CA SER A 42 1.11 -6.41 -1.93
C SER A 42 1.95 -5.40 -2.72
N ILE A 43 2.61 -4.45 -2.03
CA ILE A 43 3.46 -3.43 -2.63
C ILE A 43 4.75 -4.08 -3.15
N LEU A 44 5.41 -4.89 -2.31
CA LEU A 44 6.63 -5.60 -2.67
C LEU A 44 6.33 -6.58 -3.82
N ARG A 45 5.11 -7.12 -3.85
CA ARG A 45 4.67 -8.04 -4.89
C ARG A 45 4.59 -7.32 -6.25
N GLU A 46 4.53 -5.99 -6.29
CA GLU A 46 4.48 -5.26 -7.55
C GLU A 46 5.87 -4.76 -7.92
N PHE A 47 6.64 -4.24 -6.95
CA PHE A 47 7.99 -3.75 -7.21
C PHE A 47 8.93 -4.89 -7.55
N SER A 48 8.75 -6.07 -6.96
CA SER A 48 9.57 -7.24 -7.17
C SER A 48 8.78 -8.35 -7.87
N GLY A 49 7.82 -8.99 -7.19
CA GLY A 49 7.02 -10.08 -7.77
C GLY A 49 7.03 -11.30 -6.87
N PRO A 50 6.69 -12.48 -7.41
CA PRO A 50 6.69 -13.74 -6.64
C PRO A 50 8.13 -14.17 -6.33
N SER A 51 8.27 -15.11 -5.40
CA SER A 51 9.55 -15.66 -4.96
C SER A 51 9.80 -17.01 -5.65
N SER A 52 11.01 -17.55 -5.48
CA SER A 52 11.46 -18.82 -6.01
C SER A 52 12.44 -19.43 -4.99
N GLY A 53 12.51 -20.77 -4.94
CA GLY A 53 13.37 -21.50 -4.03
C GLY A 53 13.04 -22.97 -4.08
N GLY B 1 -11.16 9.94 12.30
CA GLY B 1 -11.30 8.61 11.70
C GLY B 1 -12.66 8.43 11.07
N SER B 2 -13.02 9.26 10.10
CA SER B 2 -14.31 9.22 9.41
C SER B 2 -14.38 8.03 8.45
N SER B 3 -13.23 7.60 7.92
CA SER B 3 -13.08 6.48 7.01
C SER B 3 -12.23 5.41 7.70
N GLY B 4 -11.98 4.28 7.03
CA GLY B 4 -11.19 3.19 7.56
C GLY B 4 -11.24 2.01 6.59
N SER B 5 -10.63 0.90 6.97
CA SER B 5 -10.57 -0.34 6.19
C SER B 5 -11.89 -1.12 6.26
N SER B 6 -13.03 -0.43 6.22
CA SER B 6 -14.36 -1.04 6.28
C SER B 6 -15.34 -0.10 5.61
N GLY B 7 -16.13 -0.60 4.66
CA GLY B 7 -17.12 0.14 3.91
C GLY B 7 -17.06 -0.24 2.43
N ASN B 8 -17.92 0.37 1.62
CA ASN B 8 -18.03 0.11 0.19
C ASN B 8 -16.69 0.32 -0.54
N VAL B 9 -16.41 -0.50 -1.55
CA VAL B 9 -15.19 -0.42 -2.36
C VAL B 9 -15.38 0.74 -3.35
N ASP B 10 -16.55 0.83 -3.99
CA ASP B 10 -16.91 1.86 -4.98
C ASP B 10 -16.64 3.27 -4.46
N ALA B 11 -17.04 3.53 -3.22
CA ALA B 11 -16.86 4.81 -2.56
C ALA B 11 -15.37 5.20 -2.44
N LYS B 12 -14.46 4.23 -2.55
CA LYS B 12 -13.01 4.44 -2.47
C LYS B 12 -12.49 4.70 -3.87
N ILE B 13 -12.98 3.95 -4.87
CA ILE B 13 -12.58 4.10 -6.26
C ILE B 13 -12.81 5.56 -6.65
N ALA B 14 -14.05 6.04 -6.53
CA ALA B 14 -14.40 7.41 -6.87
C ALA B 14 -13.57 8.42 -6.06
N LYS B 15 -13.33 8.13 -4.77
CA LYS B 15 -12.55 9.01 -3.91
C LYS B 15 -11.15 9.20 -4.47
N LEU B 16 -10.40 8.13 -4.74
CA LEU B 16 -9.06 8.24 -5.30
C LEU B 16 -9.09 8.82 -6.69
N MET B 17 -10.08 8.49 -7.54
CA MET B 17 -10.16 9.06 -8.89
C MET B 17 -10.18 10.58 -8.78
N GLY B 18 -10.91 11.12 -7.80
CA GLY B 18 -11.05 12.54 -7.54
C GLY B 18 -9.73 13.20 -7.12
N GLU B 19 -8.71 12.45 -6.72
CA GLU B 19 -7.41 13.01 -6.35
C GLU B 19 -6.64 13.38 -7.63
N GLY B 20 -7.07 12.87 -8.81
CA GLY B 20 -6.47 13.12 -10.10
C GLY B 20 -5.69 11.92 -10.64
N TYR B 21 -6.33 10.76 -10.71
CA TYR B 21 -5.75 9.50 -11.20
C TYR B 21 -6.79 8.80 -12.11
N ALA B 22 -6.36 7.86 -12.97
CA ALA B 22 -7.27 7.15 -13.86
C ALA B 22 -7.83 5.92 -13.15
N PHE B 23 -9.05 5.52 -13.51
CA PHE B 23 -9.75 4.39 -12.92
C PHE B 23 -8.98 3.08 -12.94
N GLU B 24 -8.32 2.75 -14.05
CA GLU B 24 -7.60 1.49 -14.14
C GLU B 24 -6.43 1.40 -13.16
N GLU B 25 -5.88 2.56 -12.77
CA GLU B 25 -4.77 2.67 -11.82
C GLU B 25 -5.35 2.63 -10.42
N VAL B 26 -6.41 3.40 -10.19
CA VAL B 26 -7.10 3.51 -8.90
C VAL B 26 -7.60 2.13 -8.47
N LYS B 27 -8.27 1.41 -9.37
CA LYS B 27 -8.77 0.07 -9.06
C LYS B 27 -7.63 -0.82 -8.59
N ARG B 28 -6.45 -0.70 -9.21
CA ARG B 28 -5.26 -1.48 -8.86
C ARG B 28 -4.78 -1.05 -7.48
N ALA B 29 -4.63 0.25 -7.23
CA ALA B 29 -4.16 0.79 -5.97
C ALA B 29 -4.98 0.30 -4.79
N LEU B 30 -6.31 0.28 -4.88
CA LEU B 30 -7.15 -0.16 -3.77
C LEU B 30 -7.05 -1.67 -3.52
N GLU B 31 -6.73 -2.48 -4.53
CA GLU B 31 -6.57 -3.91 -4.35
C GLU B 31 -5.32 -4.11 -3.50
N ILE B 32 -4.21 -3.48 -3.93
CA ILE B 32 -2.91 -3.53 -3.26
C ILE B 32 -3.07 -3.00 -1.83
N ALA B 33 -3.71 -1.84 -1.67
CA ALA B 33 -3.95 -1.18 -0.39
C ALA B 33 -4.92 -1.93 0.52
N GLN B 34 -5.41 -3.13 0.16
CA GLN B 34 -6.37 -3.89 0.95
C GLN B 34 -7.56 -2.98 1.29
N ASN B 35 -7.99 -2.27 0.25
CA ASN B 35 -9.07 -1.30 0.16
C ASN B 35 -8.89 -0.10 1.11
N ASN B 36 -7.70 0.23 1.61
CA ASN B 36 -7.54 1.38 2.50
C ASN B 36 -7.20 2.64 1.69
N VAL B 37 -8.11 3.61 1.62
CA VAL B 37 -7.92 4.88 0.90
C VAL B 37 -6.65 5.58 1.33
N GLU B 38 -6.43 5.66 2.64
CA GLU B 38 -5.29 6.36 3.24
C GLU B 38 -3.95 5.83 2.70
N VAL B 39 -3.87 4.53 2.43
CA VAL B 39 -2.66 3.90 1.91
C VAL B 39 -2.61 4.04 0.39
N ALA B 40 -3.74 3.88 -0.30
CA ALA B 40 -3.81 3.98 -1.75
C ALA B 40 -3.26 5.32 -2.27
N ARG B 41 -3.45 6.41 -1.51
CA ARG B 41 -2.95 7.73 -1.90
C ARG B 41 -1.43 7.68 -2.05
N SER B 42 -0.72 7.06 -1.10
CA SER B 42 0.73 6.95 -1.16
C SER B 42 1.15 5.98 -2.27
N ILE B 43 0.35 4.94 -2.58
CA ILE B 43 0.68 3.98 -3.65
C ILE B 43 0.71 4.73 -4.98
N LEU B 44 -0.38 5.43 -5.31
CA LEU B 44 -0.53 6.20 -6.54
C LEU B 44 0.54 7.30 -6.62
N ARG B 45 1.01 7.81 -5.48
CA ARG B 45 2.05 8.85 -5.45
C ARG B 45 3.40 8.33 -5.96
N GLU B 46 3.61 7.02 -6.02
CA GLU B 46 4.84 6.43 -6.51
C GLU B 46 4.62 6.01 -7.97
N PHE B 47 3.43 5.51 -8.32
CA PHE B 47 3.11 5.10 -9.68
C PHE B 47 3.06 6.33 -10.59
N SER B 48 2.29 7.35 -10.21
CA SER B 48 2.12 8.58 -10.97
C SER B 48 3.18 9.59 -10.55
N GLY B 49 3.02 10.23 -9.38
CA GLY B 49 3.91 11.25 -8.86
C GLY B 49 3.05 12.45 -8.42
N PRO B 50 3.62 13.66 -8.36
CA PRO B 50 2.89 14.86 -7.96
C PRO B 50 1.89 15.29 -9.03
N SER B 51 1.07 16.29 -8.69
CA SER B 51 0.05 16.87 -9.56
C SER B 51 0.62 18.18 -10.13
N SER B 52 0.13 18.66 -11.27
CA SER B 52 0.62 19.89 -11.88
C SER B 52 -0.53 20.69 -12.49
N GLY B 53 -1.31 21.34 -11.62
CA GLY B 53 -2.46 22.16 -11.97
C GLY B 53 -2.60 23.15 -10.85
N GLY A 1 -12.48 -8.71 16.09
CA GLY A 1 -12.13 -7.30 15.91
C GLY A 1 -11.24 -7.11 14.70
N SER A 2 -10.70 -5.90 14.55
CA SER A 2 -9.80 -5.50 13.48
C SER A 2 -8.85 -4.47 14.09
N SER A 3 -7.56 -4.53 13.76
CA SER A 3 -6.56 -3.60 14.27
C SER A 3 -5.88 -2.95 13.06
N GLY A 4 -6.05 -1.65 12.89
CA GLY A 4 -5.45 -0.91 11.79
C GLY A 4 -3.93 -1.06 11.81
N SER A 5 -3.31 -0.79 12.95
CA SER A 5 -1.88 -0.86 13.17
C SER A 5 -1.58 -1.16 14.64
N SER A 6 -0.30 -1.19 14.97
CA SER A 6 0.28 -1.43 16.30
C SER A 6 1.39 -0.40 16.60
N GLY A 7 1.74 0.46 15.65
CA GLY A 7 2.75 1.50 15.80
C GLY A 7 4.20 1.07 15.64
N ASN A 8 4.55 -0.22 15.83
CA ASN A 8 5.93 -0.68 15.68
C ASN A 8 6.24 -0.78 14.18
N VAL A 9 7.43 -0.37 13.72
CA VAL A 9 7.80 -0.48 12.30
C VAL A 9 8.99 -1.43 12.14
N ASP A 10 9.94 -1.48 13.09
CA ASP A 10 11.11 -2.35 13.02
C ASP A 10 10.70 -3.83 13.02
N ALA A 11 9.64 -4.17 13.75
CA ALA A 11 9.09 -5.53 13.83
C ALA A 11 8.41 -5.94 12.51
N LYS A 12 8.14 -4.97 11.65
CA LYS A 12 7.50 -5.15 10.37
C LYS A 12 8.56 -5.28 9.30
N ILE A 13 9.60 -4.44 9.38
CA ILE A 13 10.71 -4.43 8.45
C ILE A 13 11.35 -5.82 8.46
N ALA A 14 11.78 -6.27 9.64
CA ALA A 14 12.41 -7.58 9.77
C ALA A 14 11.49 -8.71 9.31
N LYS A 15 10.17 -8.55 9.37
CA LYS A 15 9.20 -9.55 8.93
C LYS A 15 9.27 -9.64 7.41
N LEU A 16 9.05 -8.52 6.71
CA LEU A 16 9.09 -8.49 5.26
C LEU A 16 10.46 -8.90 4.73
N MET A 17 11.57 -8.55 5.39
CA MET A 17 12.90 -8.95 4.94
C MET A 17 12.93 -10.49 4.85
N GLY A 18 12.30 -11.15 5.82
CA GLY A 18 12.19 -12.61 5.92
C GLY A 18 11.33 -13.23 4.82
N GLU A 19 10.62 -12.45 4.02
CA GLU A 19 9.79 -12.91 2.90
C GLU A 19 10.66 -12.96 1.64
N GLY A 20 11.96 -12.59 1.76
CA GLY A 20 12.95 -12.57 0.72
C GLY A 20 13.08 -11.23 0.04
N TYR A 21 13.29 -10.15 0.81
CA TYR A 21 13.43 -8.80 0.27
C TYR A 21 14.57 -8.08 0.99
N ALA A 22 15.14 -7.04 0.37
CA ALA A 22 16.23 -6.28 0.97
C ALA A 22 15.65 -5.14 1.82
N PHE A 23 16.35 -4.76 2.89
CA PHE A 23 15.94 -3.71 3.81
C PHE A 23 15.54 -2.43 3.09
N GLU A 24 16.26 -2.06 2.04
CA GLU A 24 16.03 -0.85 1.27
C GLU A 24 14.63 -0.82 0.66
N GLU A 25 14.24 -1.91 0.01
CA GLU A 25 12.96 -2.10 -0.66
C GLU A 25 11.87 -2.22 0.38
N VAL A 26 12.18 -2.91 1.48
CA VAL A 26 11.27 -3.15 2.60
C VAL A 26 10.93 -1.84 3.29
N LYS A 27 11.93 -1.00 3.57
CA LYS A 27 11.71 0.28 4.23
C LYS A 27 10.75 1.09 3.39
N ARG A 28 10.94 1.04 2.07
CA ARG A 28 10.11 1.76 1.11
C ARG A 28 8.69 1.19 1.13
N ALA A 29 8.57 -0.14 1.15
CA ALA A 29 7.28 -0.81 1.18
C ALA A 29 6.52 -0.41 2.43
N LEU A 30 7.15 -0.47 3.61
CA LEU A 30 6.51 -0.10 4.87
C LEU A 30 6.20 1.40 4.91
N GLU A 31 6.94 2.25 4.20
CA GLU A 31 6.68 3.67 4.17
C GLU A 31 5.36 3.89 3.41
N ILE A 32 5.31 3.43 2.17
CA ILE A 32 4.16 3.54 1.29
C ILE A 32 2.94 2.92 1.96
N ALA A 33 3.11 1.72 2.55
CA ALA A 33 2.07 0.96 3.24
C ALA A 33 1.63 1.56 4.59
N GLN A 34 2.07 2.77 4.97
CA GLN A 34 1.71 3.39 6.27
C GLN A 34 2.00 2.40 7.41
N ASN A 35 3.16 1.77 7.32
CA ASN A 35 3.72 0.79 8.23
C ASN A 35 2.82 -0.45 8.37
N ASN A 36 2.09 -0.88 7.33
CA ASN A 36 1.24 -2.07 7.39
C ASN A 36 1.92 -3.23 6.68
N VAL A 37 2.27 -4.29 7.41
CA VAL A 37 2.91 -5.51 6.89
C VAL A 37 2.08 -6.17 5.79
N GLU A 38 0.79 -6.28 6.02
CA GLU A 38 -0.16 -6.90 5.12
C GLU A 38 -0.14 -6.27 3.74
N VAL A 39 -0.12 -4.94 3.70
CA VAL A 39 -0.10 -4.18 2.47
C VAL A 39 1.30 -4.19 1.86
N ALA A 40 2.36 -4.04 2.67
CA ALA A 40 3.74 -4.02 2.21
C ALA A 40 4.07 -5.23 1.33
N ARG A 41 3.54 -6.41 1.65
CA ARG A 41 3.78 -7.61 0.84
C ARG A 41 3.37 -7.38 -0.62
N SER A 42 2.15 -6.89 -0.84
CA SER A 42 1.61 -6.62 -2.17
C SER A 42 2.41 -5.55 -2.91
N ILE A 43 3.03 -4.59 -2.20
CA ILE A 43 3.84 -3.53 -2.80
C ILE A 43 5.10 -4.18 -3.39
N LEU A 44 5.82 -4.96 -2.58
CA LEU A 44 7.03 -5.65 -2.98
C LEU A 44 6.72 -6.64 -4.09
N ARG A 45 5.53 -7.26 -4.07
CA ARG A 45 5.12 -8.20 -5.11
C ARG A 45 4.96 -7.48 -6.44
N GLU A 46 4.60 -6.19 -6.44
CA GLU A 46 4.45 -5.42 -7.66
C GLU A 46 5.85 -5.02 -8.17
N PHE A 47 6.72 -4.52 -7.28
CA PHE A 47 8.06 -4.10 -7.65
C PHE A 47 8.93 -5.27 -8.15
N SER A 48 8.95 -6.37 -7.39
CA SER A 48 9.72 -7.58 -7.67
C SER A 48 8.91 -8.55 -8.55
N GLY A 49 7.95 -9.27 -7.97
CA GLY A 49 7.10 -10.22 -8.69
C GLY A 49 7.85 -11.53 -9.00
N PRO A 50 7.29 -12.41 -9.85
CA PRO A 50 7.91 -13.68 -10.23
C PRO A 50 9.18 -13.39 -11.04
N SER A 51 10.34 -13.81 -10.54
CA SER A 51 11.64 -13.61 -11.17
C SER A 51 12.54 -14.85 -11.03
N SER A 52 11.96 -16.04 -11.20
CA SER A 52 12.64 -17.33 -11.11
C SER A 52 13.58 -17.44 -9.90
N GLY A 53 12.95 -17.51 -8.73
CA GLY A 53 13.54 -17.64 -7.42
C GLY A 53 12.39 -18.11 -6.57
N GLY B 1 -9.47 6.45 19.60
CA GLY B 1 -10.13 5.48 18.74
C GLY B 1 -9.32 5.28 17.48
N SER B 2 -9.40 4.10 16.89
CA SER B 2 -8.70 3.78 15.66
C SER B 2 -9.62 2.84 14.87
N SER B 3 -9.72 3.07 13.56
CA SER B 3 -10.54 2.31 12.64
C SER B 3 -10.00 2.64 11.25
N GLY B 4 -9.59 1.63 10.48
CA GLY B 4 -9.06 1.82 9.14
C GLY B 4 -10.05 1.32 8.11
N SER B 5 -10.09 0.00 7.94
CA SER B 5 -10.95 -0.71 7.01
C SER B 5 -12.43 -0.39 7.22
N SER B 6 -13.25 -0.59 6.19
CA SER B 6 -14.68 -0.34 6.26
C SER B 6 -15.53 -1.21 5.30
N GLY B 7 -14.92 -2.11 4.52
CA GLY B 7 -15.64 -2.99 3.60
C GLY B 7 -16.13 -2.30 2.31
N ASN B 8 -16.56 -1.04 2.39
CA ASN B 8 -17.03 -0.27 1.24
C ASN B 8 -15.81 0.01 0.36
N VAL B 9 -15.82 -0.38 -0.92
CA VAL B 9 -14.69 -0.14 -1.83
C VAL B 9 -15.09 0.82 -2.95
N ASP B 10 -16.34 0.84 -3.42
CA ASP B 10 -16.76 1.77 -4.48
C ASP B 10 -16.55 3.21 -3.98
N ALA B 11 -16.92 3.46 -2.73
CA ALA B 11 -16.76 4.76 -2.09
C ALA B 11 -15.30 5.17 -1.92
N LYS B 12 -14.36 4.22 -2.01
CA LYS B 12 -12.93 4.47 -1.91
C LYS B 12 -12.42 4.77 -3.31
N ILE B 13 -12.85 3.99 -4.30
CA ILE B 13 -12.48 4.17 -5.70
C ILE B 13 -12.89 5.59 -6.09
N ALA B 14 -14.15 5.94 -5.82
CA ALA B 14 -14.69 7.27 -6.11
C ALA B 14 -13.96 8.40 -5.38
N LYS B 15 -13.18 8.08 -4.34
CA LYS B 15 -12.41 9.07 -3.61
C LYS B 15 -11.12 9.32 -4.40
N LEU B 16 -10.30 8.29 -4.65
CA LEU B 16 -9.04 8.44 -5.40
C LEU B 16 -9.31 8.95 -6.82
N MET B 17 -10.40 8.54 -7.47
CA MET B 17 -10.71 9.03 -8.82
C MET B 17 -10.92 10.55 -8.77
N GLY B 18 -11.32 11.08 -7.62
CA GLY B 18 -11.55 12.50 -7.37
C GLY B 18 -10.24 13.26 -7.25
N GLU B 19 -9.13 12.58 -6.95
CA GLU B 19 -7.81 13.19 -6.84
C GLU B 19 -7.33 13.57 -8.25
N GLY B 20 -7.79 12.86 -9.28
CA GLY B 20 -7.44 13.10 -10.68
C GLY B 20 -6.94 11.89 -11.46
N TYR B 21 -6.72 10.74 -10.82
CA TYR B 21 -6.22 9.54 -11.49
C TYR B 21 -7.30 8.82 -12.30
N ALA B 22 -6.87 7.92 -13.19
CA ALA B 22 -7.71 7.12 -14.06
C ALA B 22 -8.27 5.91 -13.30
N PHE B 23 -9.37 5.34 -13.79
CA PHE B 23 -10.05 4.20 -13.19
C PHE B 23 -9.15 2.99 -13.01
N GLU B 24 -8.37 2.60 -14.02
CA GLU B 24 -7.52 1.41 -13.88
C GLU B 24 -6.50 1.57 -12.77
N GLU B 25 -5.83 2.72 -12.74
CA GLU B 25 -4.80 3.09 -11.79
C GLU B 25 -5.34 3.02 -10.36
N VAL B 26 -6.54 3.57 -10.14
CA VAL B 26 -7.19 3.59 -8.84
C VAL B 26 -7.54 2.19 -8.39
N LYS B 27 -8.22 1.41 -9.24
CA LYS B 27 -8.60 0.05 -8.84
C LYS B 27 -7.36 -0.75 -8.47
N ARG B 28 -6.24 -0.53 -9.18
CA ARG B 28 -5.00 -1.24 -8.91
C ARG B 28 -4.51 -0.83 -7.52
N ALA B 29 -4.47 0.48 -7.24
CA ALA B 29 -4.01 1.01 -5.96
C ALA B 29 -4.84 0.45 -4.81
N LEU B 30 -6.16 0.38 -4.93
CA LEU B 30 -7.00 -0.14 -3.86
C LEU B 30 -6.73 -1.62 -3.61
N GLU B 31 -6.49 -2.43 -4.64
CA GLU B 31 -6.22 -3.86 -4.48
C GLU B 31 -4.95 -4.03 -3.65
N ILE B 32 -3.88 -3.36 -4.05
CA ILE B 32 -2.60 -3.41 -3.37
C ILE B 32 -2.78 -2.90 -1.93
N ALA B 33 -3.41 -1.74 -1.74
CA ALA B 33 -3.66 -1.09 -0.45
C ALA B 33 -4.64 -1.82 0.49
N GLN B 34 -5.12 -3.03 0.15
CA GLN B 34 -6.10 -3.76 0.97
C GLN B 34 -7.33 -2.88 1.21
N ASN B 35 -7.79 -2.27 0.12
CA ASN B 35 -8.92 -1.36 0.01
C ASN B 35 -8.85 -0.26 1.07
N ASN B 36 -7.81 0.56 1.01
CA ASN B 36 -7.56 1.67 1.93
C ASN B 36 -7.21 2.92 1.13
N VAL B 37 -7.95 4.01 1.31
CA VAL B 37 -7.70 5.25 0.59
C VAL B 37 -6.37 5.89 1.00
N GLU B 38 -6.10 5.92 2.30
CA GLU B 38 -4.90 6.50 2.88
C GLU B 38 -3.67 5.91 2.19
N VAL B 39 -3.55 4.59 2.22
CA VAL B 39 -2.42 3.90 1.61
C VAL B 39 -2.47 4.00 0.07
N ALA B 40 -3.65 3.85 -0.56
CA ALA B 40 -3.76 3.95 -2.02
C ALA B 40 -3.24 5.30 -2.54
N ARG B 41 -3.38 6.37 -1.75
CA ARG B 41 -2.89 7.70 -2.12
C ARG B 41 -1.38 7.61 -2.33
N SER B 42 -0.67 7.06 -1.34
CA SER B 42 0.78 6.90 -1.39
C SER B 42 1.20 6.00 -2.57
N ILE B 43 0.42 4.98 -2.93
CA ILE B 43 0.73 4.09 -4.04
C ILE B 43 0.67 4.89 -5.34
N LEU B 44 -0.45 5.61 -5.57
CA LEU B 44 -0.63 6.44 -6.76
C LEU B 44 0.46 7.51 -6.82
N ARG B 45 0.95 7.99 -5.68
CA ARG B 45 2.00 8.99 -5.60
C ARG B 45 3.37 8.43 -6.00
N GLU B 46 3.53 7.11 -6.12
CA GLU B 46 4.79 6.49 -6.53
C GLU B 46 4.73 6.29 -8.05
N PHE B 47 3.70 5.58 -8.51
CA PHE B 47 3.53 5.29 -9.93
C PHE B 47 3.33 6.58 -10.73
N SER B 48 2.38 7.43 -10.35
CA SER B 48 2.14 8.68 -11.04
C SER B 48 3.15 9.72 -10.54
N GLY B 49 3.00 10.19 -9.29
CA GLY B 49 3.90 11.18 -8.72
C GLY B 49 3.75 12.53 -9.43
N PRO B 50 4.75 13.43 -9.34
CA PRO B 50 4.72 14.73 -9.99
C PRO B 50 4.88 14.53 -11.51
N SER B 51 3.93 15.02 -12.31
CA SER B 51 3.94 14.88 -13.76
C SER B 51 3.81 16.23 -14.47
N SER B 52 4.18 17.32 -13.78
CA SER B 52 4.15 18.70 -14.25
C SER B 52 2.73 19.23 -14.50
N GLY B 53 1.69 18.48 -14.12
CA GLY B 53 0.30 18.86 -14.27
C GLY B 53 -0.05 19.59 -13.00
N GLY A 1 -14.65 3.66 12.96
CA GLY A 1 -14.41 2.93 14.19
C GLY A 1 -12.93 2.92 14.50
N SER A 2 -12.22 1.85 14.13
CA SER A 2 -10.80 1.65 14.36
C SER A 2 -10.08 1.48 13.02
N SER A 3 -9.13 2.35 12.70
CA SER A 3 -8.36 2.29 11.46
C SER A 3 -6.97 2.91 11.70
N GLY A 4 -5.89 2.14 11.60
CA GLY A 4 -4.54 2.65 11.78
C GLY A 4 -3.54 1.58 12.19
N SER A 5 -2.26 1.89 12.00
CA SER A 5 -1.15 1.01 12.36
C SER A 5 -0.84 1.24 13.84
N SER A 6 -0.05 0.36 14.42
CA SER A 6 0.40 0.39 15.80
C SER A 6 1.63 -0.51 15.88
N GLY A 7 2.42 -0.37 16.94
CA GLY A 7 3.61 -1.17 17.16
C GLY A 7 4.81 -0.73 16.33
N ASN A 8 5.97 -1.15 16.84
CA ASN A 8 7.32 -0.92 16.36
C ASN A 8 7.46 -1.27 14.88
N VAL A 9 7.86 -0.27 14.09
CA VAL A 9 8.05 -0.38 12.65
C VAL A 9 9.22 -1.33 12.31
N ASP A 10 10.27 -1.34 13.13
CA ASP A 10 11.47 -2.17 12.94
C ASP A 10 11.09 -3.64 12.73
N ALA A 11 10.29 -4.22 13.63
CA ALA A 11 9.84 -5.60 13.55
C ALA A 11 9.10 -5.89 12.25
N LYS A 12 8.35 -4.90 11.72
CA LYS A 12 7.62 -5.06 10.48
C LYS A 12 8.61 -5.17 9.34
N ILE A 13 9.63 -4.30 9.30
CA ILE A 13 10.65 -4.33 8.26
C ILE A 13 11.34 -5.70 8.33
N ALA A 14 11.78 -6.09 9.52
CA ALA A 14 12.45 -7.36 9.72
C ALA A 14 11.58 -8.53 9.23
N LYS A 15 10.26 -8.45 9.41
CA LYS A 15 9.34 -9.50 8.97
C LYS A 15 9.40 -9.65 7.45
N LEU A 16 9.16 -8.56 6.70
CA LEU A 16 9.21 -8.61 5.25
C LEU A 16 10.57 -9.07 4.76
N MET A 17 11.69 -8.65 5.37
CA MET A 17 13.01 -9.10 4.92
C MET A 17 13.08 -10.62 4.97
N GLY A 18 12.43 -11.23 5.98
CA GLY A 18 12.38 -12.67 6.17
C GLY A 18 11.61 -13.37 5.06
N GLU A 19 10.89 -12.65 4.20
CA GLU A 19 10.13 -13.17 3.07
C GLU A 19 10.98 -13.10 1.79
N GLY A 20 12.20 -12.56 1.89
CA GLY A 20 13.17 -12.42 0.82
C GLY A 20 13.10 -11.12 0.05
N TYR A 21 13.47 -10.00 0.70
CA TYR A 21 13.49 -8.68 0.12
C TYR A 21 14.60 -7.88 0.82
N ALA A 22 15.18 -6.89 0.13
CA ALA A 22 16.23 -6.06 0.69
C ALA A 22 15.65 -5.06 1.70
N PHE A 23 16.41 -4.68 2.73
CA PHE A 23 15.99 -3.74 3.77
C PHE A 23 15.48 -2.43 3.17
N GLU A 24 16.14 -1.97 2.10
CA GLU A 24 15.82 -0.75 1.39
C GLU A 24 14.42 -0.83 0.77
N GLU A 25 14.17 -1.88 -0.01
CA GLU A 25 12.91 -2.16 -0.69
C GLU A 25 11.79 -2.20 0.35
N VAL A 26 12.02 -2.94 1.42
CA VAL A 26 11.10 -3.13 2.52
C VAL A 26 10.80 -1.80 3.18
N LYS A 27 11.81 -1.00 3.47
CA LYS A 27 11.63 0.29 4.08
C LYS A 27 10.70 1.10 3.20
N ARG A 28 10.89 1.09 1.89
CA ARG A 28 10.03 1.87 1.03
C ARG A 28 8.61 1.34 1.12
N ALA A 29 8.43 0.03 0.95
CA ALA A 29 7.14 -0.62 1.00
C ALA A 29 6.38 -0.38 2.30
N LEU A 30 7.04 -0.47 3.47
CA LEU A 30 6.36 -0.25 4.74
C LEU A 30 5.90 1.21 4.83
N GLU A 31 6.69 2.16 4.34
CA GLU A 31 6.32 3.57 4.39
C GLU A 31 5.06 3.79 3.57
N ILE A 32 5.07 3.35 2.31
CA ILE A 32 3.94 3.48 1.40
C ILE A 32 2.72 2.79 2.04
N ALA A 33 2.91 1.59 2.61
CA ALA A 33 1.90 0.79 3.28
C ALA A 33 1.42 1.39 4.62
N GLN A 34 1.89 2.58 5.00
CA GLN A 34 1.56 3.24 6.27
C GLN A 34 1.79 2.25 7.43
N ASN A 35 2.97 1.63 7.35
CA ASN A 35 3.56 0.63 8.22
C ASN A 35 2.67 -0.57 8.50
N ASN A 36 2.17 -1.24 7.46
CA ASN A 36 1.32 -2.43 7.63
C ASN A 36 1.89 -3.57 6.76
N VAL A 37 2.41 -4.62 7.40
CA VAL A 37 3.01 -5.80 6.77
C VAL A 37 2.15 -6.34 5.63
N GLU A 38 0.86 -6.53 5.90
CA GLU A 38 -0.11 -7.07 4.96
C GLU A 38 -0.14 -6.33 3.62
N VAL A 39 -0.02 -5.00 3.66
CA VAL A 39 -0.04 -4.16 2.48
C VAL A 39 1.37 -4.03 1.88
N ALA A 40 2.41 -3.99 2.72
CA ALA A 40 3.79 -3.91 2.22
C ALA A 40 4.08 -5.09 1.30
N ARG A 41 3.50 -6.25 1.61
CA ARG A 41 3.63 -7.47 0.82
C ARG A 41 3.11 -7.20 -0.60
N SER A 42 1.88 -6.70 -0.71
CA SER A 42 1.22 -6.37 -1.96
C SER A 42 2.06 -5.37 -2.78
N ILE A 43 2.61 -4.36 -2.10
CA ILE A 43 3.43 -3.32 -2.72
C ILE A 43 4.70 -3.98 -3.30
N LEU A 44 5.39 -4.80 -2.50
CA LEU A 44 6.59 -5.50 -2.91
C LEU A 44 6.31 -6.46 -4.07
N ARG A 45 5.08 -7.00 -4.19
CA ARG A 45 4.77 -7.90 -5.29
C ARG A 45 4.84 -7.15 -6.61
N GLU A 46 4.34 -5.93 -6.68
CA GLU A 46 4.39 -5.16 -7.92
C GLU A 46 5.83 -4.74 -8.21
N PHE A 47 6.62 -4.34 -7.19
CA PHE A 47 8.00 -3.93 -7.40
C PHE A 47 8.91 -5.10 -7.77
N SER A 48 8.91 -6.17 -6.98
CA SER A 48 9.69 -7.39 -7.15
C SER A 48 8.76 -8.43 -7.78
N GLY A 49 8.58 -8.28 -9.09
CA GLY A 49 7.74 -9.15 -9.91
C GLY A 49 8.64 -10.23 -10.52
N PRO A 50 9.38 -9.91 -11.59
CA PRO A 50 10.27 -10.85 -12.24
C PRO A 50 11.43 -11.18 -11.28
N SER A 51 11.70 -12.47 -11.03
CA SER A 51 12.77 -12.89 -10.13
C SER A 51 14.17 -12.46 -10.61
N SER A 52 14.33 -12.21 -11.91
CA SER A 52 15.57 -11.79 -12.54
C SER A 52 15.33 -10.41 -13.14
N GLY A 53 16.08 -9.42 -12.66
CA GLY A 53 16.07 -8.03 -13.05
C GLY A 53 17.49 -7.53 -12.83
N GLY B 1 -5.09 -4.91 18.42
CA GLY B 1 -6.14 -5.87 18.11
C GLY B 1 -7.02 -5.38 16.97
N SER B 2 -7.73 -4.28 17.16
CA SER B 2 -8.62 -3.68 16.17
C SER B 2 -7.89 -3.32 14.86
N SER B 3 -8.36 -3.83 13.72
CA SER B 3 -7.82 -3.61 12.37
C SER B 3 -8.79 -4.19 11.32
N GLY B 4 -8.51 -3.97 10.04
CA GLY B 4 -9.26 -4.46 8.88
C GLY B 4 -10.12 -3.39 8.23
N SER B 5 -9.95 -3.17 6.91
CA SER B 5 -10.73 -2.20 6.16
C SER B 5 -12.19 -2.64 6.11
N SER B 6 -13.10 -1.67 6.04
CA SER B 6 -14.54 -1.90 5.99
C SER B 6 -15.16 -0.77 5.15
N GLY B 7 -16.24 -1.08 4.41
CA GLY B 7 -16.95 -0.11 3.58
C GLY B 7 -17.08 -0.57 2.14
N ASN B 8 -17.69 0.29 1.33
CA ASN B 8 -17.93 0.06 -0.09
C ASN B 8 -16.66 0.49 -0.82
N VAL B 9 -15.94 -0.43 -1.45
CA VAL B 9 -14.72 -0.08 -2.18
C VAL B 9 -15.03 0.94 -3.28
N ASP B 10 -16.26 0.96 -3.82
CA ASP B 10 -16.70 1.87 -4.87
C ASP B 10 -16.55 3.33 -4.42
N ALA B 11 -16.76 3.59 -3.12
CA ALA B 11 -16.64 4.91 -2.54
C ALA B 11 -15.16 5.28 -2.48
N LYS B 12 -14.32 4.36 -2.04
CA LYS B 12 -12.87 4.54 -1.93
C LYS B 12 -12.27 4.77 -3.32
N ILE B 13 -12.77 4.06 -4.33
CA ILE B 13 -12.32 4.18 -5.71
C ILE B 13 -12.66 5.59 -6.16
N ALA B 14 -13.94 5.96 -6.08
CA ALA B 14 -14.39 7.29 -6.46
C ALA B 14 -13.61 8.39 -5.73
N LYS B 15 -13.21 8.15 -4.48
CA LYS B 15 -12.43 9.09 -3.68
C LYS B 15 -11.13 9.37 -4.42
N LEU B 16 -10.29 8.34 -4.62
CA LEU B 16 -9.02 8.46 -5.30
C LEU B 16 -9.20 9.01 -6.72
N MET B 17 -10.23 8.59 -7.47
CA MET B 17 -10.45 9.11 -8.82
C MET B 17 -10.65 10.63 -8.76
N GLY B 18 -11.27 11.15 -7.71
CA GLY B 18 -11.49 12.57 -7.52
C GLY B 18 -10.17 13.32 -7.39
N GLU B 19 -9.10 12.63 -6.98
CA GLU B 19 -7.76 13.19 -6.80
C GLU B 19 -7.02 13.32 -8.14
N GLY B 20 -7.64 12.88 -9.24
CA GLY B 20 -7.11 12.97 -10.58
C GLY B 20 -6.34 11.77 -11.08
N TYR B 21 -6.95 10.58 -11.02
CA TYR B 21 -6.32 9.35 -11.50
C TYR B 21 -7.29 8.52 -12.34
N ALA B 22 -6.76 7.72 -13.25
CA ALA B 22 -7.50 6.84 -14.15
C ALA B 22 -8.14 5.69 -13.36
N PHE B 23 -9.26 5.16 -13.86
CA PHE B 23 -9.99 4.08 -13.22
C PHE B 23 -9.11 2.83 -13.04
N GLU B 24 -8.29 2.51 -14.05
CA GLU B 24 -7.43 1.34 -14.03
C GLU B 24 -6.43 1.42 -12.87
N GLU B 25 -5.76 2.58 -12.75
CA GLU B 25 -4.76 2.87 -11.73
C GLU B 25 -5.39 2.82 -10.33
N VAL B 26 -6.52 3.48 -10.15
CA VAL B 26 -7.20 3.53 -8.86
C VAL B 26 -7.61 2.13 -8.39
N LYS B 27 -8.23 1.35 -9.27
CA LYS B 27 -8.64 -0.01 -8.90
C LYS B 27 -7.42 -0.81 -8.47
N ARG B 28 -6.29 -0.63 -9.17
CA ARG B 28 -5.05 -1.32 -8.86
C ARG B 28 -4.61 -0.90 -7.46
N ALA B 29 -4.49 0.41 -7.23
CA ALA B 29 -4.05 0.97 -5.96
C ALA B 29 -4.92 0.52 -4.80
N LEU B 30 -6.26 0.54 -4.91
CA LEU B 30 -7.11 0.12 -3.81
C LEU B 30 -6.93 -1.37 -3.52
N GLU B 31 -6.76 -2.23 -4.54
CA GLU B 31 -6.57 -3.66 -4.31
C GLU B 31 -5.30 -3.88 -3.49
N ILE B 32 -4.19 -3.36 -3.97
CA ILE B 32 -2.87 -3.46 -3.35
C ILE B 32 -2.97 -2.96 -1.91
N ALA B 33 -3.58 -1.79 -1.70
CA ALA B 33 -3.78 -1.12 -0.43
C ALA B 33 -4.79 -1.78 0.52
N GLN B 34 -5.25 -3.02 0.27
CA GLN B 34 -6.26 -3.68 1.12
C GLN B 34 -7.45 -2.73 1.34
N ASN B 35 -7.88 -2.10 0.24
CA ASN B 35 -8.96 -1.13 0.13
C ASN B 35 -8.83 -0.03 1.19
N ASN B 36 -7.68 0.63 1.27
CA ASN B 36 -7.46 1.72 2.23
C ASN B 36 -7.09 2.96 1.43
N VAL B 37 -7.95 3.98 1.47
CA VAL B 37 -7.76 5.24 0.75
C VAL B 37 -6.40 5.88 1.10
N GLU B 38 -6.09 5.90 2.39
CA GLU B 38 -4.88 6.50 2.96
C GLU B 38 -3.61 5.85 2.39
N VAL B 39 -3.63 4.53 2.19
CA VAL B 39 -2.49 3.81 1.64
C VAL B 39 -2.52 3.91 0.11
N ALA B 40 -3.69 3.81 -0.53
CA ALA B 40 -3.81 3.91 -1.98
C ALA B 40 -3.22 5.24 -2.46
N ARG B 41 -3.37 6.30 -1.65
CA ARG B 41 -2.83 7.61 -1.95
C ARG B 41 -1.32 7.49 -2.13
N SER B 42 -0.63 6.87 -1.18
CA SER B 42 0.81 6.67 -1.22
C SER B 42 1.22 5.84 -2.44
N ILE B 43 0.48 4.78 -2.77
CA ILE B 43 0.78 3.92 -3.92
C ILE B 43 0.74 4.77 -5.19
N LEU B 44 -0.35 5.54 -5.35
CA LEU B 44 -0.51 6.41 -6.52
C LEU B 44 0.57 7.49 -6.54
N ARG B 45 1.13 7.91 -5.40
CA ARG B 45 2.19 8.92 -5.39
C ARG B 45 3.44 8.37 -6.08
N GLU B 46 3.77 7.10 -5.87
CA GLU B 46 4.94 6.49 -6.51
C GLU B 46 4.72 6.38 -8.01
N PHE B 47 3.57 5.84 -8.44
CA PHE B 47 3.21 5.64 -9.84
C PHE B 47 3.08 7.00 -10.56
N SER B 48 2.30 7.94 -10.03
CA SER B 48 2.10 9.28 -10.58
C SER B 48 3.31 10.15 -10.21
N GLY B 49 4.42 9.85 -10.89
CA GLY B 49 5.70 10.52 -10.77
C GLY B 49 5.91 11.40 -11.98
N PRO B 50 6.15 10.82 -13.18
CA PRO B 50 6.36 11.57 -14.40
C PRO B 50 5.01 12.04 -14.95
N SER B 51 4.60 13.27 -14.63
CA SER B 51 3.34 13.83 -15.11
C SER B 51 3.34 13.89 -16.64
N SER B 52 4.52 13.99 -17.24
CA SER B 52 4.81 14.05 -18.66
C SER B 52 4.99 12.65 -19.27
N GLY B 53 4.55 11.59 -18.59
CA GLY B 53 4.62 10.20 -19.04
C GLY B 53 3.30 9.76 -19.64
N GLY A 1 -7.56 -10.82 9.93
CA GLY A 1 -7.06 -10.21 11.18
C GLY A 1 -6.64 -8.76 10.98
N SER A 2 -7.39 -7.97 10.22
CA SER A 2 -7.15 -6.58 9.93
C SER A 2 -7.61 -5.73 11.12
N SER A 3 -6.89 -5.80 12.23
CA SER A 3 -7.17 -5.09 13.47
C SER A 3 -6.96 -3.56 13.38
N GLY A 4 -6.43 -3.03 12.27
CA GLY A 4 -6.22 -1.60 12.08
C GLY A 4 -5.09 -0.93 12.87
N SER A 5 -4.48 -1.57 13.87
CA SER A 5 -3.42 -0.94 14.64
C SER A 5 -2.04 -1.19 14.01
N SER A 6 -1.14 -0.22 14.17
CA SER A 6 0.24 -0.24 13.70
C SER A 6 1.14 -0.36 14.94
N GLY A 7 2.45 -0.45 14.76
CA GLY A 7 3.43 -0.57 15.82
C GLY A 7 4.80 -0.91 15.24
N ASN A 8 5.84 -0.87 16.10
CA ASN A 8 7.27 -1.13 15.86
C ASN A 8 7.61 -1.36 14.38
N VAL A 9 8.01 -0.31 13.67
CA VAL A 9 8.39 -0.34 12.26
C VAL A 9 9.47 -1.39 12.04
N ASP A 10 10.43 -1.50 12.97
CA ASP A 10 11.53 -2.44 12.88
C ASP A 10 10.99 -3.87 12.83
N ALA A 11 10.01 -4.20 13.68
CA ALA A 11 9.40 -5.51 13.73
C ALA A 11 8.63 -5.83 12.45
N LYS A 12 8.33 -4.83 11.63
CA LYS A 12 7.63 -4.97 10.36
C LYS A 12 8.65 -5.11 9.26
N ILE A 13 9.72 -4.30 9.27
CA ILE A 13 10.79 -4.35 8.28
C ILE A 13 11.41 -5.74 8.37
N ALA A 14 11.82 -6.13 9.58
CA ALA A 14 12.42 -7.43 9.85
C ALA A 14 11.48 -8.60 9.49
N LYS A 15 10.19 -8.35 9.27
CA LYS A 15 9.23 -9.37 8.90
C LYS A 15 9.44 -9.69 7.42
N LEU A 16 9.22 -8.69 6.54
CA LEU A 16 9.35 -8.81 5.09
C LEU A 16 10.76 -9.18 4.68
N MET A 17 11.79 -8.71 5.40
CA MET A 17 13.16 -9.05 5.07
C MET A 17 13.39 -10.58 5.15
N GLY A 18 12.51 -11.31 5.83
CA GLY A 18 12.57 -12.76 5.96
C GLY A 18 12.13 -13.44 4.67
N GLU A 19 11.27 -12.80 3.87
CA GLU A 19 10.73 -13.34 2.61
C GLU A 19 11.75 -13.26 1.47
N GLY A 20 12.86 -12.55 1.69
CA GLY A 20 13.96 -12.39 0.73
C GLY A 20 14.20 -10.96 0.27
N TYR A 21 13.20 -10.07 0.42
CA TYR A 21 13.33 -8.67 -0.01
C TYR A 21 14.44 -7.98 0.78
N ALA A 22 15.12 -7.04 0.12
CA ALA A 22 16.21 -6.27 0.67
C ALA A 22 15.71 -5.17 1.61
N PHE A 23 16.58 -4.69 2.49
CA PHE A 23 16.25 -3.66 3.48
C PHE A 23 15.68 -2.40 2.84
N GLU A 24 16.30 -1.90 1.76
CA GLU A 24 15.82 -0.68 1.12
C GLU A 24 14.41 -0.79 0.59
N GLU A 25 14.14 -1.86 -0.14
CA GLU A 25 12.86 -2.18 -0.76
C GLU A 25 11.79 -2.26 0.32
N VAL A 26 12.08 -2.99 1.40
CA VAL A 26 11.18 -3.20 2.51
C VAL A 26 10.91 -1.90 3.27
N LYS A 27 11.96 -1.19 3.68
CA LYS A 27 11.80 0.07 4.41
C LYS A 27 10.90 1.02 3.61
N ARG A 28 11.09 1.04 2.29
CA ARG A 28 10.31 1.88 1.41
C ARG A 28 8.86 1.38 1.37
N ALA A 29 8.65 0.07 1.23
CA ALA A 29 7.32 -0.52 1.18
C ALA A 29 6.52 -0.23 2.44
N LEU A 30 7.13 -0.31 3.63
CA LEU A 30 6.41 -0.06 4.88
C LEU A 30 5.94 1.39 4.94
N GLU A 31 6.68 2.38 4.44
CA GLU A 31 6.25 3.77 4.46
C GLU A 31 4.97 3.91 3.64
N ILE A 32 5.03 3.44 2.40
CA ILE A 32 3.92 3.48 1.44
C ILE A 32 2.70 2.76 2.08
N ALA A 33 2.91 1.61 2.72
CA ALA A 33 1.90 0.79 3.39
C ALA A 33 1.42 1.36 4.73
N GLN A 34 1.80 2.57 5.12
CA GLN A 34 1.41 3.19 6.40
C GLN A 34 1.81 2.27 7.57
N ASN A 35 3.01 1.71 7.45
CA ASN A 35 3.65 0.79 8.37
C ASN A 35 2.72 -0.39 8.71
N ASN A 36 2.39 -1.16 7.66
CA ASN A 36 1.54 -2.35 7.75
C ASN A 36 2.09 -3.46 6.85
N VAL A 37 2.57 -4.56 7.43
CA VAL A 37 3.12 -5.72 6.71
C VAL A 37 2.07 -6.26 5.74
N GLU A 38 0.82 -6.34 6.19
CA GLU A 38 -0.31 -6.86 5.45
C GLU A 38 -0.48 -6.13 4.12
N VAL A 39 -0.05 -4.87 4.01
CA VAL A 39 -0.14 -4.11 2.77
C VAL A 39 1.22 -4.11 2.06
N ALA A 40 2.32 -3.96 2.81
CA ALA A 40 3.67 -3.95 2.27
C ALA A 40 3.93 -5.18 1.41
N ARG A 41 3.31 -6.32 1.73
CA ARG A 41 3.44 -7.55 0.96
C ARG A 41 3.02 -7.27 -0.48
N SER A 42 1.82 -6.73 -0.69
CA SER A 42 1.30 -6.43 -2.01
C SER A 42 2.19 -5.42 -2.76
N ILE A 43 2.79 -4.47 -2.04
CA ILE A 43 3.66 -3.44 -2.63
C ILE A 43 4.93 -4.11 -3.15
N LEU A 44 5.62 -4.89 -2.31
CA LEU A 44 6.85 -5.61 -2.69
C LEU A 44 6.56 -6.58 -3.83
N ARG A 45 5.33 -7.12 -3.88
CA ARG A 45 4.92 -8.04 -4.92
C ARG A 45 4.89 -7.36 -6.29
N GLU A 46 4.84 -6.02 -6.36
CA GLU A 46 4.86 -5.27 -7.61
C GLU A 46 6.28 -4.76 -7.85
N PHE A 47 6.92 -4.16 -6.84
CA PHE A 47 8.28 -3.63 -6.98
C PHE A 47 9.31 -4.72 -7.27
N SER A 48 9.05 -6.00 -6.97
CA SER A 48 9.96 -7.10 -7.23
C SER A 48 9.19 -8.23 -7.91
N GLY A 49 8.19 -8.81 -7.25
CA GLY A 49 7.44 -9.89 -7.89
C GLY A 49 6.74 -10.82 -6.91
N PRO A 50 6.05 -11.85 -7.44
CA PRO A 50 5.31 -12.84 -6.67
C PRO A 50 6.25 -13.70 -5.81
N SER A 51 5.72 -14.71 -5.13
CA SER A 51 6.50 -15.60 -4.29
C SER A 51 6.42 -17.00 -4.88
N SER A 52 5.29 -17.68 -4.75
CA SER A 52 5.07 -19.03 -5.27
C SER A 52 6.12 -19.99 -4.73
N GLY A 53 6.23 -21.17 -5.33
CA GLY A 53 7.17 -22.20 -4.90
C GLY A 53 6.42 -23.29 -4.19
N GLY B 1 -5.15 9.08 13.99
CA GLY B 1 -6.42 9.24 13.27
C GLY B 1 -6.64 8.14 12.26
N SER B 2 -6.68 6.88 12.69
CA SER B 2 -6.89 5.73 11.83
C SER B 2 -7.72 4.68 12.58
N SER B 3 -9.04 4.76 12.41
CA SER B 3 -9.99 3.83 13.04
C SER B 3 -9.85 2.39 12.48
N GLY B 4 -9.18 2.23 11.34
CA GLY B 4 -8.96 0.96 10.67
C GLY B 4 -10.26 0.20 10.49
N SER B 5 -11.20 0.78 9.74
CA SER B 5 -12.52 0.22 9.45
C SER B 5 -12.77 0.21 7.94
N SER B 6 -13.87 -0.41 7.49
CA SER B 6 -14.22 -0.51 6.07
C SER B 6 -15.69 -0.12 5.83
N GLY B 7 -16.11 -0.12 4.57
CA GLY B 7 -17.46 0.22 4.12
C GLY B 7 -17.58 0.00 2.62
N ASN B 8 -18.23 0.91 1.90
CA ASN B 8 -18.42 0.81 0.45
C ASN B 8 -17.06 0.83 -0.25
N VAL B 9 -16.85 -0.06 -1.22
CA VAL B 9 -15.60 -0.18 -1.97
C VAL B 9 -15.51 0.93 -3.01
N ASP B 10 -16.52 1.08 -3.86
CA ASP B 10 -16.51 2.11 -4.91
C ASP B 10 -16.43 3.50 -4.30
N ALA B 11 -16.90 3.69 -3.05
CA ALA B 11 -16.83 4.96 -2.37
C ALA B 11 -15.38 5.40 -2.16
N LYS B 12 -14.42 4.47 -2.24
CA LYS B 12 -13.00 4.70 -2.11
C LYS B 12 -12.45 5.00 -3.50
N ILE B 13 -12.91 4.26 -4.51
CA ILE B 13 -12.49 4.44 -5.89
C ILE B 13 -12.85 5.88 -6.31
N ALA B 14 -14.11 6.29 -6.13
CA ALA B 14 -14.56 7.63 -6.49
C ALA B 14 -13.78 8.74 -5.79
N LYS B 15 -13.25 8.46 -4.59
CA LYS B 15 -12.45 9.40 -3.80
C LYS B 15 -11.18 9.70 -4.58
N LEU B 16 -10.33 8.68 -4.76
CA LEU B 16 -9.06 8.80 -5.47
C LEU B 16 -9.25 9.24 -6.92
N MET B 17 -10.29 8.78 -7.62
CA MET B 17 -10.51 9.19 -9.02
C MET B 17 -10.65 10.72 -9.09
N GLY B 18 -11.13 11.38 -8.02
CA GLY B 18 -11.29 12.82 -7.97
C GLY B 18 -9.96 13.55 -7.79
N GLU B 19 -8.89 12.84 -7.43
CA GLU B 19 -7.57 13.44 -7.26
C GLU B 19 -6.87 13.63 -8.60
N GLY B 20 -7.36 12.96 -9.65
CA GLY B 20 -6.82 13.03 -11.00
C GLY B 20 -6.08 11.76 -11.41
N TYR B 21 -6.73 10.60 -11.25
CA TYR B 21 -6.18 9.30 -11.62
C TYR B 21 -7.26 8.50 -12.33
N ALA B 22 -6.83 7.70 -13.32
CA ALA B 22 -7.73 6.88 -14.11
C ALA B 22 -8.31 5.74 -13.27
N PHE B 23 -9.47 5.22 -13.67
CA PHE B 23 -10.13 4.13 -12.96
C PHE B 23 -9.20 2.92 -12.82
N GLU B 24 -8.45 2.58 -13.87
CA GLU B 24 -7.54 1.45 -13.90
C GLU B 24 -6.35 1.62 -12.95
N GLU B 25 -6.02 2.86 -12.58
CA GLU B 25 -4.90 3.18 -11.70
C GLU B 25 -5.40 3.11 -10.25
N VAL B 26 -6.59 3.68 -10.01
CA VAL B 26 -7.24 3.77 -8.72
C VAL B 26 -7.71 2.42 -8.22
N LYS B 27 -8.52 1.71 -8.99
CA LYS B 27 -9.01 0.40 -8.56
C LYS B 27 -7.82 -0.50 -8.25
N ARG B 28 -6.75 -0.39 -9.05
CA ARG B 28 -5.57 -1.19 -8.84
C ARG B 28 -4.93 -0.80 -7.50
N ALA B 29 -4.79 0.51 -7.24
CA ALA B 29 -4.22 1.00 -6.00
C ALA B 29 -4.99 0.46 -4.81
N LEU B 30 -6.32 0.50 -4.86
CA LEU B 30 -7.16 0.00 -3.77
C LEU B 30 -6.92 -1.50 -3.60
N GLU B 31 -6.80 -2.27 -4.69
CA GLU B 31 -6.56 -3.71 -4.66
C GLU B 31 -5.33 -4.03 -3.80
N ILE B 32 -4.21 -3.40 -4.15
CA ILE B 32 -2.91 -3.54 -3.51
C ILE B 32 -2.97 -3.06 -2.06
N ALA B 33 -3.51 -1.86 -1.81
CA ALA B 33 -3.65 -1.25 -0.48
C ALA B 33 -4.61 -1.97 0.46
N GLN B 34 -5.13 -3.14 0.08
CA GLN B 34 -6.08 -3.90 0.86
C GLN B 34 -7.31 -3.02 1.14
N ASN B 35 -7.82 -2.43 0.06
CA ASN B 35 -8.98 -1.55 -0.02
C ASN B 35 -8.96 -0.43 1.04
N ASN B 36 -7.86 0.32 1.15
CA ASN B 36 -7.71 1.42 2.11
C ASN B 36 -7.26 2.68 1.36
N VAL B 37 -8.07 3.75 1.39
CA VAL B 37 -7.82 5.04 0.74
C VAL B 37 -6.55 5.71 1.28
N GLU B 38 -6.35 5.64 2.58
CA GLU B 38 -5.21 6.25 3.28
C GLU B 38 -3.89 5.63 2.83
N VAL B 39 -3.92 4.38 2.38
CA VAL B 39 -2.75 3.63 1.93
C VAL B 39 -2.65 3.69 0.40
N ALA B 40 -3.76 3.60 -0.33
CA ALA B 40 -3.80 3.64 -1.79
C ALA B 40 -3.23 4.97 -2.30
N ARG B 41 -3.36 6.06 -1.53
CA ARG B 41 -2.84 7.36 -1.92
C ARG B 41 -1.34 7.26 -2.20
N SER B 42 -0.59 6.65 -1.28
CA SER B 42 0.85 6.47 -1.42
C SER B 42 1.23 5.64 -2.65
N ILE B 43 0.40 4.67 -3.05
CA ILE B 43 0.65 3.82 -4.21
C ILE B 43 0.54 4.70 -5.46
N LEU B 44 -0.57 5.44 -5.58
CA LEU B 44 -0.79 6.33 -6.71
C LEU B 44 0.31 7.37 -6.77
N ARG B 45 0.79 7.85 -5.61
CA ARG B 45 1.87 8.83 -5.55
C ARG B 45 3.18 8.25 -6.09
N GLU B 46 3.36 6.93 -6.05
CA GLU B 46 4.57 6.28 -6.51
C GLU B 46 4.48 5.87 -7.98
N PHE B 47 3.33 5.36 -8.44
CA PHE B 47 3.17 4.98 -9.83
C PHE B 47 2.99 6.23 -10.69
N SER B 48 2.05 7.08 -10.31
CA SER B 48 1.73 8.32 -10.98
C SER B 48 2.72 9.38 -10.49
N GLY B 49 2.40 10.12 -9.43
CA GLY B 49 3.26 11.15 -8.87
C GLY B 49 2.53 11.93 -7.78
N PRO B 50 3.20 12.89 -7.13
CA PRO B 50 2.60 13.69 -6.08
C PRO B 50 1.60 14.69 -6.67
N SER B 51 0.61 15.06 -5.86
CA SER B 51 -0.45 15.98 -6.22
C SER B 51 0.03 17.34 -6.72
N SER B 52 0.98 17.95 -5.99
CA SER B 52 1.55 19.27 -6.27
C SER B 52 0.49 20.38 -6.16
N GLY B 53 0.94 21.63 -6.02
CA GLY B 53 0.07 22.78 -5.86
C GLY B 53 -0.73 22.52 -4.59
N GLY A 1 -5.42 -12.32 9.70
CA GLY A 1 -4.13 -11.87 10.24
C GLY A 1 -4.14 -11.90 11.75
N SER A 2 -3.18 -12.61 12.36
CA SER A 2 -3.03 -12.77 13.80
C SER A 2 -2.75 -11.46 14.53
N SER A 3 -1.87 -10.61 13.99
CA SER A 3 -1.50 -9.35 14.63
C SER A 3 -1.33 -8.20 13.63
N GLY A 4 -2.11 -7.13 13.80
CA GLY A 4 -2.10 -5.93 12.97
C GLY A 4 -2.22 -4.70 13.87
N SER A 5 -2.19 -3.50 13.28
CA SER A 5 -2.31 -2.23 13.99
C SER A 5 -1.29 -2.04 15.13
N SER A 6 -0.15 -2.73 15.11
CA SER A 6 0.85 -2.59 16.17
C SER A 6 1.67 -1.32 16.01
N GLY A 7 2.11 -0.74 17.12
CA GLY A 7 2.93 0.47 17.13
C GLY A 7 4.39 0.08 16.94
N ASN A 8 4.77 -0.37 15.75
CA ASN A 8 6.15 -0.77 15.42
C ASN A 8 6.38 -0.57 13.92
N VAL A 9 7.60 -0.25 13.54
CA VAL A 9 8.08 -0.04 12.17
C VAL A 9 9.26 -0.99 12.00
N ASP A 10 10.24 -0.94 12.91
CA ASP A 10 11.43 -1.78 12.92
C ASP A 10 11.08 -3.27 12.95
N ALA A 11 10.13 -3.66 13.79
CA ALA A 11 9.68 -5.05 13.90
C ALA A 11 8.99 -5.51 12.60
N LYS A 12 8.60 -4.56 11.75
CA LYS A 12 7.96 -4.86 10.47
C LYS A 12 9.05 -4.97 9.40
N ILE A 13 10.15 -4.20 9.49
CA ILE A 13 11.27 -4.26 8.54
C ILE A 13 11.77 -5.71 8.57
N ALA A 14 12.15 -6.17 9.77
CA ALA A 14 12.66 -7.52 9.96
C ALA A 14 11.69 -8.58 9.44
N LYS A 15 10.38 -8.35 9.57
CA LYS A 15 9.34 -9.25 9.11
C LYS A 15 9.40 -9.41 7.59
N LEU A 16 9.28 -8.31 6.84
CA LEU A 16 9.32 -8.35 5.38
C LEU A 16 10.67 -8.83 4.86
N MET A 17 11.79 -8.47 5.50
CA MET A 17 13.11 -8.91 5.04
C MET A 17 13.14 -10.45 4.99
N GLY A 18 12.50 -11.12 5.96
CA GLY A 18 12.42 -12.57 6.06
C GLY A 18 11.70 -13.23 4.89
N GLU A 19 10.91 -12.48 4.10
CA GLU A 19 10.21 -13.04 2.96
C GLU A 19 11.17 -13.18 1.76
N GLY A 20 12.32 -12.49 1.80
CA GLY A 20 13.34 -12.52 0.75
C GLY A 20 13.33 -11.25 -0.10
N TYR A 21 13.52 -10.09 0.52
CA TYR A 21 13.57 -8.79 -0.14
C TYR A 21 14.73 -7.99 0.47
N ALA A 22 15.23 -6.97 -0.22
CA ALA A 22 16.34 -6.16 0.31
C ALA A 22 15.78 -5.09 1.25
N PHE A 23 16.55 -4.71 2.26
CA PHE A 23 16.20 -3.71 3.27
C PHE A 23 15.72 -2.41 2.64
N GLU A 24 16.40 -1.95 1.59
CA GLU A 24 16.08 -0.70 0.91
C GLU A 24 14.67 -0.70 0.30
N GLU A 25 14.19 -1.87 -0.14
CA GLU A 25 12.87 -2.04 -0.74
C GLU A 25 11.81 -2.22 0.35
N VAL A 26 12.18 -2.92 1.41
CA VAL A 26 11.33 -3.20 2.56
C VAL A 26 10.96 -1.88 3.23
N LYS A 27 11.94 -1.01 3.44
CA LYS A 27 11.69 0.30 4.06
C LYS A 27 10.69 1.08 3.21
N ARG A 28 10.82 0.98 1.89
CA ARG A 28 9.94 1.66 0.95
C ARG A 28 8.52 1.12 1.13
N ALA A 29 8.36 -0.20 1.11
CA ALA A 29 7.07 -0.85 1.25
C ALA A 29 6.32 -0.43 2.52
N LEU A 30 6.99 -0.44 3.68
CA LEU A 30 6.35 -0.09 4.93
C LEU A 30 5.89 1.37 4.97
N GLU A 31 6.69 2.31 4.47
CA GLU A 31 6.35 3.72 4.45
C GLU A 31 5.06 3.93 3.65
N ILE A 32 5.04 3.39 2.43
CA ILE A 32 3.92 3.50 1.49
C ILE A 32 2.66 2.85 2.07
N ALA A 33 2.74 1.61 2.54
CA ALA A 33 1.58 0.90 3.08
C ALA A 33 1.11 1.38 4.47
N GLN A 34 1.65 2.48 5.00
CA GLN A 34 1.31 3.03 6.31
C GLN A 34 1.52 1.98 7.41
N ASN A 35 2.76 1.51 7.45
CA ASN A 35 3.37 0.52 8.33
C ASN A 35 2.48 -0.69 8.66
N ASN A 36 1.98 -1.40 7.65
CA ASN A 36 1.14 -2.58 7.73
C ASN A 36 1.81 -3.69 6.91
N VAL A 37 2.32 -4.72 7.58
CA VAL A 37 2.99 -5.88 6.97
C VAL A 37 2.15 -6.52 5.86
N GLU A 38 0.84 -6.66 6.11
CA GLU A 38 -0.12 -7.27 5.21
C GLU A 38 -0.13 -6.59 3.84
N VAL A 39 -0.30 -5.27 3.86
CA VAL A 39 -0.35 -4.43 2.68
C VAL A 39 1.06 -4.33 2.04
N ALA A 40 2.11 -4.22 2.85
CA ALA A 40 3.48 -4.12 2.37
C ALA A 40 3.84 -5.32 1.48
N ARG A 41 3.35 -6.53 1.80
CA ARG A 41 3.66 -7.69 0.96
C ARG A 41 3.09 -7.44 -0.45
N SER A 42 1.84 -6.97 -0.56
CA SER A 42 1.21 -6.68 -1.85
C SER A 42 2.01 -5.63 -2.63
N ILE A 43 2.62 -4.64 -1.96
CA ILE A 43 3.42 -3.61 -2.63
C ILE A 43 4.61 -4.28 -3.32
N LEU A 44 5.35 -5.10 -2.55
CA LEU A 44 6.52 -5.82 -3.03
C LEU A 44 6.15 -6.80 -4.14
N ARG A 45 4.90 -7.27 -4.23
CA ARG A 45 4.51 -8.19 -5.32
C ARG A 45 4.63 -7.50 -6.67
N GLU A 46 4.26 -6.23 -6.75
CA GLU A 46 4.34 -5.49 -8.00
C GLU A 46 5.78 -5.10 -8.30
N PHE A 47 6.56 -4.70 -7.28
CA PHE A 47 7.95 -4.29 -7.47
C PHE A 47 8.84 -5.48 -7.85
N SER A 48 8.80 -6.56 -7.07
CA SER A 48 9.61 -7.74 -7.28
C SER A 48 9.13 -8.58 -8.48
N GLY A 49 7.83 -8.90 -8.52
CA GLY A 49 7.30 -9.73 -9.59
C GLY A 49 7.79 -11.18 -9.41
N PRO A 50 7.34 -12.11 -10.25
CA PRO A 50 7.71 -13.51 -10.20
C PRO A 50 9.13 -13.71 -10.75
N SER A 51 10.15 -13.62 -9.89
CA SER A 51 11.56 -13.79 -10.28
C SER A 51 11.76 -15.17 -10.93
N SER A 52 11.14 -16.19 -10.35
CA SER A 52 11.14 -17.58 -10.77
C SER A 52 9.90 -18.21 -10.15
N GLY A 53 9.55 -19.43 -10.58
CA GLY A 53 8.39 -20.16 -10.09
C GLY A 53 7.13 -19.52 -10.62
N GLY B 1 -6.85 9.96 10.59
CA GLY B 1 -7.68 9.57 9.45
C GLY B 1 -9.14 9.91 9.72
N SER B 2 -9.70 10.85 8.94
CA SER B 2 -11.07 11.32 9.03
C SER B 2 -12.07 10.16 8.89
N SER B 3 -11.90 9.27 7.91
CA SER B 3 -12.77 8.12 7.69
C SER B 3 -11.93 6.94 7.21
N GLY B 4 -11.42 6.14 8.15
CA GLY B 4 -10.62 4.96 7.91
C GLY B 4 -11.43 3.72 8.29
N SER B 5 -10.89 2.53 8.00
CA SER B 5 -11.48 1.21 8.30
C SER B 5 -12.94 1.02 7.84
N SER B 6 -13.42 1.83 6.88
CA SER B 6 -14.77 1.72 6.36
C SER B 6 -14.90 0.45 5.51
N GLY B 7 -16.11 -0.05 5.34
CA GLY B 7 -16.45 -1.25 4.60
C GLY B 7 -17.06 -0.98 3.22
N ASN B 8 -16.43 -0.11 2.42
CA ASN B 8 -16.86 0.25 1.07
C ASN B 8 -15.69 0.02 0.12
N VAL B 9 -15.95 -0.13 -1.18
CA VAL B 9 -14.95 -0.34 -2.22
C VAL B 9 -15.19 0.72 -3.31
N ASP B 10 -16.40 0.79 -3.83
CA ASP B 10 -16.81 1.74 -4.87
C ASP B 10 -16.58 3.17 -4.39
N ALA B 11 -17.05 3.52 -3.18
CA ALA B 11 -16.89 4.86 -2.64
C ALA B 11 -15.41 5.20 -2.40
N LYS B 12 -14.52 4.20 -2.34
CA LYS B 12 -13.09 4.41 -2.14
C LYS B 12 -12.44 4.71 -3.47
N ILE B 13 -12.82 4.00 -4.54
CA ILE B 13 -12.25 4.21 -5.87
C ILE B 13 -12.52 5.65 -6.28
N ALA B 14 -13.80 6.05 -6.23
CA ALA B 14 -14.25 7.40 -6.59
C ALA B 14 -13.44 8.51 -5.89
N LYS B 15 -13.03 8.28 -4.65
CA LYS B 15 -12.26 9.21 -3.82
C LYS B 15 -10.91 9.52 -4.45
N LEU B 16 -10.08 8.52 -4.75
CA LEU B 16 -8.77 8.75 -5.35
C LEU B 16 -8.96 9.27 -6.77
N MET B 17 -9.97 8.81 -7.51
CA MET B 17 -10.21 9.30 -8.87
C MET B 17 -10.46 10.81 -8.81
N GLY B 18 -11.08 11.29 -7.73
CA GLY B 18 -11.38 12.70 -7.52
C GLY B 18 -10.13 13.57 -7.52
N GLU B 19 -8.96 13.03 -7.16
CA GLU B 19 -7.73 13.80 -7.15
C GLU B 19 -7.26 14.09 -8.58
N GLY B 20 -7.71 13.30 -9.57
CA GLY B 20 -7.36 13.44 -10.97
C GLY B 20 -6.86 12.15 -11.63
N TYR B 21 -6.61 11.08 -10.86
CA TYR B 21 -6.13 9.81 -11.39
C TYR B 21 -7.19 9.09 -12.23
N ALA B 22 -6.74 8.11 -13.02
CA ALA B 22 -7.57 7.29 -13.90
C ALA B 22 -8.08 6.06 -13.14
N PHE B 23 -9.20 5.50 -13.58
CA PHE B 23 -9.85 4.35 -12.96
C PHE B 23 -8.94 3.13 -12.84
N GLU B 24 -8.22 2.78 -13.91
CA GLU B 24 -7.37 1.59 -13.89
C GLU B 24 -6.34 1.63 -12.77
N GLU B 25 -5.69 2.78 -12.63
CA GLU B 25 -4.66 3.07 -11.66
C GLU B 25 -5.21 2.96 -10.25
N VAL B 26 -6.34 3.60 -10.00
CA VAL B 26 -7.00 3.63 -8.71
C VAL B 26 -7.50 2.26 -8.31
N LYS B 27 -8.23 1.59 -9.20
CA LYS B 27 -8.76 0.25 -8.92
C LYS B 27 -7.62 -0.68 -8.53
N ARG B 28 -6.47 -0.54 -9.20
CA ARG B 28 -5.31 -1.36 -8.92
C ARG B 28 -4.77 -0.99 -7.54
N ALA B 29 -4.57 0.30 -7.27
CA ALA B 29 -4.05 0.81 -6.00
C ALA B 29 -4.88 0.35 -4.81
N LEU B 30 -6.22 0.38 -4.91
CA LEU B 30 -7.07 -0.05 -3.82
C LEU B 30 -6.84 -1.52 -3.50
N GLU B 31 -6.51 -2.38 -4.46
CA GLU B 31 -6.26 -3.78 -4.14
C GLU B 31 -4.96 -3.91 -3.37
N ILE B 32 -3.90 -3.30 -3.89
CA ILE B 32 -2.57 -3.33 -3.29
C ILE B 32 -2.66 -2.80 -1.85
N ALA B 33 -3.46 -1.76 -1.60
CA ALA B 33 -3.71 -1.10 -0.33
C ALA B 33 -4.67 -1.87 0.60
N GLN B 34 -5.14 -3.06 0.21
CA GLN B 34 -6.10 -3.86 0.98
C GLN B 34 -7.34 -2.98 1.24
N ASN B 35 -7.90 -2.49 0.13
CA ASN B 35 -9.06 -1.61 -0.03
C ASN B 35 -9.03 -0.47 0.99
N ASN B 36 -7.94 0.30 1.03
CA ASN B 36 -7.78 1.43 1.95
C ASN B 36 -7.39 2.70 1.19
N VAL B 37 -8.20 3.74 1.30
CA VAL B 37 -7.97 5.02 0.64
C VAL B 37 -6.71 5.70 1.17
N GLU B 38 -6.53 5.70 2.49
CA GLU B 38 -5.40 6.35 3.15
C GLU B 38 -4.09 5.80 2.60
N VAL B 39 -4.02 4.49 2.41
CA VAL B 39 -2.83 3.84 1.89
C VAL B 39 -2.74 3.97 0.36
N ALA B 40 -3.85 3.86 -0.38
CA ALA B 40 -3.85 3.97 -1.84
C ALA B 40 -3.21 5.29 -2.29
N ARG B 41 -3.33 6.35 -1.48
CA ARG B 41 -2.74 7.67 -1.76
C ARG B 41 -1.25 7.51 -2.06
N SER B 42 -0.48 6.97 -1.11
CA SER B 42 0.94 6.75 -1.24
C SER B 42 1.32 5.83 -2.40
N ILE B 43 0.49 4.84 -2.74
CA ILE B 43 0.75 3.90 -3.83
C ILE B 43 0.70 4.68 -5.15
N LEU B 44 -0.40 5.39 -5.39
CA LEU B 44 -0.58 6.18 -6.61
C LEU B 44 0.53 7.22 -6.74
N ARG B 45 1.05 7.74 -5.62
CA ARG B 45 2.13 8.72 -5.65
C ARG B 45 3.42 8.13 -6.19
N GLU B 46 3.61 6.81 -6.20
CA GLU B 46 4.82 6.19 -6.73
C GLU B 46 4.63 5.84 -8.19
N PHE B 47 3.49 5.23 -8.54
CA PHE B 47 3.22 4.84 -9.91
C PHE B 47 3.03 6.06 -10.83
N SER B 48 2.51 7.19 -10.31
CA SER B 48 2.27 8.39 -11.07
C SER B 48 3.32 9.46 -10.75
N GLY B 49 3.42 9.89 -9.48
CA GLY B 49 4.38 10.92 -9.09
C GLY B 49 3.91 12.32 -9.52
N PRO B 50 4.76 13.35 -9.35
CA PRO B 50 4.44 14.72 -9.73
C PRO B 50 4.49 14.90 -11.25
N SER B 51 3.33 15.08 -11.87
CA SER B 51 3.21 15.30 -13.32
C SER B 51 3.35 16.78 -13.68
N SER B 52 3.01 17.68 -12.77
CA SER B 52 3.07 19.12 -12.88
C SER B 52 3.21 19.68 -11.47
N GLY B 53 4.14 20.60 -11.28
CA GLY B 53 4.45 21.25 -10.02
C GLY B 53 5.93 21.41 -10.01
N GLY A 1 -0.80 -14.50 10.57
CA GLY A 1 -1.20 -13.94 11.87
C GLY A 1 -0.96 -12.45 11.89
N SER A 2 -1.99 -11.69 11.53
CA SER A 2 -2.04 -10.23 11.46
C SER A 2 -3.48 -9.86 11.15
N SER A 3 -4.09 -8.96 11.94
CA SER A 3 -5.48 -8.56 11.73
C SER A 3 -5.71 -7.04 11.85
N GLY A 4 -4.73 -6.25 12.29
CA GLY A 4 -4.90 -4.81 12.43
C GLY A 4 -3.58 -4.17 12.85
N SER A 5 -3.57 -2.85 13.00
CA SER A 5 -2.36 -2.13 13.41
C SER A 5 -2.09 -2.33 14.91
N SER A 6 -0.83 -2.21 15.29
CA SER A 6 -0.33 -2.33 16.66
C SER A 6 1.00 -1.57 16.79
N GLY A 7 1.21 -0.53 15.98
CA GLY A 7 2.44 0.25 16.00
C GLY A 7 3.55 -0.53 15.35
N ASN A 8 4.78 -0.21 15.76
CA ASN A 8 6.05 -0.78 15.33
C ASN A 8 6.35 -0.54 13.86
N VAL A 9 7.62 -0.67 13.49
CA VAL A 9 8.09 -0.50 12.12
C VAL A 9 9.27 -1.45 11.90
N ASP A 10 10.31 -1.40 12.72
CA ASP A 10 11.47 -2.28 12.60
C ASP A 10 11.06 -3.75 12.64
N ALA A 11 10.21 -4.15 13.60
CA ALA A 11 9.73 -5.54 13.72
C ALA A 11 8.93 -6.01 12.50
N LYS A 12 8.48 -5.06 11.68
CA LYS A 12 7.72 -5.32 10.47
C LYS A 12 8.70 -5.45 9.33
N ILE A 13 9.70 -4.57 9.27
CA ILE A 13 10.74 -4.56 8.25
C ILE A 13 11.44 -5.91 8.34
N ALA A 14 11.88 -6.28 9.54
CA ALA A 14 12.56 -7.55 9.78
C ALA A 14 11.69 -8.70 9.23
N LYS A 15 10.38 -8.67 9.49
CA LYS A 15 9.47 -9.71 9.00
C LYS A 15 9.51 -9.81 7.48
N LEU A 16 9.23 -8.72 6.74
CA LEU A 16 9.27 -8.76 5.29
C LEU A 16 10.64 -9.17 4.78
N MET A 17 11.72 -8.70 5.41
CA MET A 17 13.07 -9.08 4.99
C MET A 17 13.22 -10.60 5.04
N GLY A 18 12.56 -11.26 6.00
CA GLY A 18 12.55 -12.70 6.18
C GLY A 18 11.79 -13.43 5.08
N GLU A 19 10.96 -12.74 4.28
CA GLU A 19 10.22 -13.35 3.18
C GLU A 19 11.15 -13.49 1.97
N GLY A 20 12.25 -12.73 1.95
CA GLY A 20 13.25 -12.71 0.91
C GLY A 20 13.27 -11.39 0.15
N TYR A 21 13.43 -10.26 0.83
CA TYR A 21 13.48 -8.92 0.22
C TYR A 21 14.57 -8.13 0.94
N ALA A 22 15.21 -7.18 0.24
CA ALA A 22 16.26 -6.36 0.81
C ALA A 22 15.68 -5.19 1.61
N PHE A 23 16.46 -4.67 2.56
CA PHE A 23 16.08 -3.57 3.43
C PHE A 23 15.65 -2.31 2.67
N GLU A 24 16.33 -1.99 1.57
CA GLU A 24 16.04 -0.82 0.76
C GLU A 24 14.68 -0.93 0.05
N GLU A 25 14.16 -2.15 -0.11
CA GLU A 25 12.90 -2.42 -0.77
C GLU A 25 11.78 -2.43 0.27
N VAL A 26 12.03 -3.13 1.38
CA VAL A 26 11.11 -3.32 2.48
C VAL A 26 10.78 -2.03 3.21
N LYS A 27 11.78 -1.28 3.65
CA LYS A 27 11.52 -0.03 4.38
C LYS A 27 10.63 0.88 3.53
N ARG A 28 10.88 0.89 2.22
CA ARG A 28 10.13 1.68 1.26
C ARG A 28 8.69 1.20 1.30
N ALA A 29 8.47 -0.12 1.17
CA ALA A 29 7.13 -0.69 1.20
C ALA A 29 6.40 -0.35 2.51
N LEU A 30 7.06 -0.41 3.67
CA LEU A 30 6.43 -0.11 4.95
C LEU A 30 6.06 1.38 5.04
N GLU A 31 6.82 2.28 4.42
CA GLU A 31 6.55 3.72 4.40
C GLU A 31 5.25 3.94 3.63
N ILE A 32 5.18 3.41 2.42
CA ILE A 32 4.02 3.52 1.53
C ILE A 32 2.77 2.95 2.23
N ALA A 33 2.87 1.72 2.75
CA ALA A 33 1.82 0.98 3.43
C ALA A 33 1.37 1.56 4.79
N GLN A 34 1.84 2.75 5.21
CA GLN A 34 1.50 3.35 6.50
C GLN A 34 1.82 2.35 7.65
N ASN A 35 2.85 1.54 7.42
CA ASN A 35 3.44 0.50 8.25
C ASN A 35 2.62 -0.78 8.42
N ASN A 36 1.67 -1.10 7.54
CA ASN A 36 0.89 -2.34 7.66
C ASN A 36 1.62 -3.44 6.86
N VAL A 37 2.07 -4.51 7.50
CA VAL A 37 2.77 -5.63 6.83
C VAL A 37 1.88 -6.29 5.79
N GLU A 38 0.61 -6.52 6.14
CA GLU A 38 -0.36 -7.19 5.28
C GLU A 38 -0.43 -6.52 3.91
N VAL A 39 -0.35 -5.20 3.93
CA VAL A 39 -0.40 -4.32 2.78
C VAL A 39 0.98 -4.25 2.09
N ALA A 40 2.06 -4.10 2.87
CA ALA A 40 3.43 -4.03 2.34
C ALA A 40 3.79 -5.25 1.50
N ARG A 41 3.18 -6.41 1.78
CA ARG A 41 3.43 -7.63 1.02
C ARG A 41 3.05 -7.42 -0.45
N SER A 42 1.86 -6.89 -0.71
CA SER A 42 1.38 -6.65 -2.07
C SER A 42 2.32 -5.74 -2.85
N ILE A 43 2.84 -4.69 -2.20
CA ILE A 43 3.78 -3.73 -2.81
C ILE A 43 4.99 -4.51 -3.32
N LEU A 44 5.63 -5.25 -2.41
CA LEU A 44 6.82 -6.03 -2.72
C LEU A 44 6.52 -7.08 -3.81
N ARG A 45 5.32 -7.65 -3.88
CA ARG A 45 5.01 -8.65 -4.91
C ARG A 45 4.98 -8.05 -6.31
N GLU A 46 4.66 -6.76 -6.46
CA GLU A 46 4.60 -6.15 -7.77
C GLU A 46 5.91 -5.43 -8.11
N PHE A 47 6.65 -4.93 -7.13
CA PHE A 47 7.95 -4.31 -7.41
C PHE A 47 8.86 -5.45 -7.84
N SER A 48 8.89 -6.52 -7.03
CA SER A 48 9.66 -7.73 -7.28
C SER A 48 8.71 -8.62 -8.11
N GLY A 49 8.41 -9.85 -7.66
CA GLY A 49 7.53 -10.77 -8.34
C GLY A 49 6.79 -11.64 -7.33
N PRO A 50 5.74 -12.36 -7.76
CA PRO A 50 4.95 -13.22 -6.89
C PRO A 50 5.79 -14.45 -6.51
N SER A 51 6.05 -14.58 -5.21
CA SER A 51 6.83 -15.66 -4.61
C SER A 51 6.13 -16.06 -3.30
N SER A 52 6.79 -16.82 -2.44
CA SER A 52 6.29 -17.27 -1.14
C SER A 52 7.50 -17.52 -0.24
N GLY A 53 7.25 -17.63 1.06
CA GLY A 53 8.24 -17.87 2.09
C GLY A 53 7.48 -18.32 3.32
N GLY B 1 -10.51 13.86 6.36
CA GLY B 1 -11.66 13.12 6.86
C GLY B 1 -11.49 11.61 6.83
N SER B 2 -10.61 11.04 7.64
CA SER B 2 -10.37 9.60 7.71
C SER B 2 -9.68 9.26 9.03
N SER B 3 -9.61 7.97 9.36
CA SER B 3 -9.00 7.45 10.57
C SER B 3 -8.66 5.99 10.32
N GLY B 4 -9.56 5.07 10.68
CA GLY B 4 -9.40 3.63 10.50
C GLY B 4 -10.13 3.22 9.22
N SER B 5 -10.31 1.92 9.01
CA SER B 5 -11.00 1.36 7.85
C SER B 5 -12.51 1.27 8.17
N SER B 6 -13.31 0.61 7.32
CA SER B 6 -14.75 0.44 7.52
C SER B 6 -15.36 -0.54 6.51
N GLY B 7 -14.95 -0.46 5.24
CA GLY B 7 -15.42 -1.29 4.15
C GLY B 7 -15.89 -0.44 2.98
N ASN B 8 -16.45 -1.09 1.94
CA ASN B 8 -16.95 -0.53 0.68
C ASN B 8 -15.76 -0.23 -0.21
N VAL B 9 -15.76 -0.66 -1.47
CA VAL B 9 -14.63 -0.43 -2.38
C VAL B 9 -14.98 0.67 -3.39
N ASP B 10 -16.22 0.71 -3.84
CA ASP B 10 -16.70 1.69 -4.82
C ASP B 10 -16.58 3.12 -4.32
N ALA B 11 -17.04 3.37 -3.09
CA ALA B 11 -16.97 4.69 -2.46
C ALA B 11 -15.53 5.18 -2.33
N LYS B 12 -14.55 4.28 -2.39
CA LYS B 12 -13.15 4.63 -2.31
C LYS B 12 -12.63 4.90 -3.70
N ILE B 13 -12.98 4.07 -4.67
CA ILE B 13 -12.55 4.23 -6.06
C ILE B 13 -12.96 5.63 -6.49
N ALA B 14 -14.24 5.95 -6.31
CA ALA B 14 -14.77 7.27 -6.65
C ALA B 14 -14.09 8.40 -5.85
N LYS B 15 -13.48 8.12 -4.69
CA LYS B 15 -12.80 9.14 -3.90
C LYS B 15 -11.44 9.42 -4.53
N LEU B 16 -10.59 8.42 -4.77
CA LEU B 16 -9.29 8.66 -5.39
C LEU B 16 -9.49 9.21 -6.80
N MET B 17 -10.46 8.69 -7.56
CA MET B 17 -10.76 9.18 -8.92
C MET B 17 -11.21 10.64 -8.83
N GLY B 18 -11.84 11.03 -7.72
CA GLY B 18 -12.32 12.37 -7.46
C GLY B 18 -11.16 13.35 -7.47
N GLU B 19 -9.96 12.91 -7.01
CA GLU B 19 -8.78 13.79 -7.04
C GLU B 19 -8.48 13.99 -8.53
N GLY B 20 -8.43 12.89 -9.30
CA GLY B 20 -8.19 12.93 -10.73
C GLY B 20 -7.52 11.70 -11.36
N TYR B 21 -7.07 10.71 -10.60
CA TYR B 21 -6.40 9.54 -11.19
C TYR B 21 -7.37 8.66 -11.97
N ALA B 22 -6.85 7.98 -12.99
CA ALA B 22 -7.59 7.09 -13.89
C ALA B 22 -8.05 5.81 -13.20
N PHE B 23 -9.10 5.19 -13.73
CA PHE B 23 -9.65 3.96 -13.17
C PHE B 23 -8.61 2.84 -13.09
N GLU B 24 -7.78 2.70 -14.12
CA GLU B 24 -6.74 1.69 -14.20
C GLU B 24 -5.71 1.83 -13.08
N GLU B 25 -5.45 3.05 -12.64
CA GLU B 25 -4.49 3.34 -11.59
C GLU B 25 -5.10 3.16 -10.20
N VAL B 26 -6.31 3.69 -10.01
CA VAL B 26 -7.05 3.68 -8.76
C VAL B 26 -7.35 2.29 -8.27
N LYS B 27 -8.10 1.48 -9.02
CA LYS B 27 -8.45 0.13 -8.59
C LYS B 27 -7.20 -0.68 -8.26
N ARG B 28 -6.11 -0.46 -9.02
CA ARG B 28 -4.86 -1.17 -8.79
C ARG B 28 -4.35 -0.75 -7.41
N ALA B 29 -4.24 0.55 -7.16
CA ALA B 29 -3.79 1.07 -5.87
C ALA B 29 -4.68 0.57 -4.73
N LEU B 30 -6.01 0.55 -4.90
CA LEU B 30 -6.93 0.08 -3.86
C LEU B 30 -6.78 -1.41 -3.61
N GLU B 31 -6.34 -2.21 -4.59
CA GLU B 31 -6.14 -3.64 -4.41
C GLU B 31 -4.90 -3.82 -3.53
N ILE B 32 -3.78 -3.23 -3.95
CA ILE B 32 -2.48 -3.27 -3.29
C ILE B 32 -2.62 -2.80 -1.83
N ALA B 33 -3.32 -1.69 -1.60
CA ALA B 33 -3.57 -1.06 -0.31
C ALA B 33 -4.57 -1.79 0.59
N GLN B 34 -5.07 -2.98 0.25
CA GLN B 34 -6.10 -3.69 1.04
C GLN B 34 -7.27 -2.72 1.27
N ASN B 35 -7.58 -1.97 0.22
CA ASN B 35 -8.62 -0.94 0.09
C ASN B 35 -8.40 0.30 0.95
N ASN B 36 -7.26 0.49 1.61
CA ASN B 36 -7.10 1.70 2.41
C ASN B 36 -6.82 2.93 1.52
N VAL B 37 -7.71 3.94 1.52
CA VAL B 37 -7.57 5.17 0.73
C VAL B 37 -6.29 5.92 1.08
N GLU B 38 -5.98 6.00 2.38
CA GLU B 38 -4.81 6.73 2.86
C GLU B 38 -3.49 6.11 2.41
N VAL B 39 -3.50 4.81 2.14
CA VAL B 39 -2.34 4.09 1.66
C VAL B 39 -2.33 4.24 0.14
N ALA B 40 -3.49 4.08 -0.52
CA ALA B 40 -3.63 4.20 -1.97
C ALA B 40 -3.05 5.51 -2.47
N ARG B 41 -3.17 6.61 -1.70
CA ARG B 41 -2.60 7.90 -2.08
C ARG B 41 -1.11 7.76 -2.35
N SER B 42 -0.36 7.20 -1.40
CA SER B 42 1.09 7.01 -1.48
C SER B 42 1.52 6.16 -2.69
N ILE B 43 0.66 5.26 -3.16
CA ILE B 43 0.91 4.39 -4.30
C ILE B 43 0.73 5.23 -5.57
N LEU B 44 -0.40 5.93 -5.69
CA LEU B 44 -0.71 6.78 -6.83
C LEU B 44 0.33 7.91 -6.96
N ARG B 45 0.87 8.39 -5.83
CA ARG B 45 1.87 9.46 -5.83
C ARG B 45 3.15 8.98 -6.53
N GLU B 46 3.53 7.70 -6.42
CA GLU B 46 4.73 7.23 -7.10
C GLU B 46 4.40 6.84 -8.54
N PHE B 47 3.28 6.17 -8.81
CA PHE B 47 2.92 5.74 -10.16
C PHE B 47 2.60 6.89 -11.13
N SER B 48 1.69 7.82 -10.78
CA SER B 48 1.30 8.92 -11.66
C SER B 48 1.90 10.27 -11.28
N GLY B 49 2.68 10.36 -10.20
CA GLY B 49 3.30 11.60 -9.75
C GLY B 49 2.64 12.12 -8.48
N PRO B 50 3.42 12.72 -7.56
CA PRO B 50 2.97 13.22 -6.27
C PRO B 50 2.19 14.55 -6.33
N SER B 51 1.05 14.56 -7.01
CA SER B 51 0.21 15.75 -7.13
C SER B 51 -0.51 16.03 -5.80
N SER B 52 -1.22 17.17 -5.76
CA SER B 52 -1.99 17.66 -4.62
C SER B 52 -3.44 17.91 -5.08
N GLY B 53 -4.32 18.37 -4.20
CA GLY B 53 -5.71 18.64 -4.53
C GLY B 53 -6.34 19.43 -3.41
N GLY A 1 -12.86 -7.94 9.74
CA GLY A 1 -12.24 -9.03 10.48
C GLY A 1 -10.84 -8.61 10.91
N SER A 2 -10.79 -7.72 11.89
CA SER A 2 -9.57 -7.16 12.44
C SER A 2 -9.84 -6.72 13.89
N SER A 3 -8.81 -6.22 14.56
CA SER A 3 -8.87 -5.77 15.95
C SER A 3 -8.07 -4.48 16.16
N GLY A 4 -7.01 -4.20 15.38
CA GLY A 4 -6.21 -3.00 15.55
C GLY A 4 -5.14 -2.87 14.49
N SER A 5 -3.99 -2.33 14.89
CA SER A 5 -2.79 -2.09 14.10
C SER A 5 -1.62 -2.22 15.05
N SER A 6 -0.74 -3.19 14.81
CA SER A 6 0.41 -3.42 15.66
C SER A 6 1.40 -2.26 15.60
N GLY A 7 2.19 -2.10 16.65
CA GLY A 7 3.21 -1.07 16.74
C GLY A 7 4.48 -1.54 16.05
N ASN A 8 5.57 -0.80 16.28
CA ASN A 8 6.92 -0.98 15.76
C ASN A 8 7.00 -0.85 14.23
N VAL A 9 8.22 -0.71 13.73
CA VAL A 9 8.53 -0.58 12.31
C VAL A 9 9.75 -1.43 11.99
N ASP A 10 10.79 -1.38 12.83
CA ASP A 10 12.01 -2.15 12.61
C ASP A 10 11.67 -3.65 12.57
N ALA A 11 10.79 -4.12 13.48
CA ALA A 11 10.37 -5.52 13.51
C ALA A 11 9.53 -5.86 12.28
N LYS A 12 8.74 -4.90 11.78
CA LYS A 12 7.92 -5.09 10.59
C LYS A 12 8.83 -5.21 9.38
N ILE A 13 9.87 -4.40 9.30
CA ILE A 13 10.85 -4.42 8.23
C ILE A 13 11.42 -5.82 8.21
N ALA A 14 11.91 -6.29 9.36
CA ALA A 14 12.48 -7.64 9.47
C ALA A 14 11.47 -8.71 9.02
N LYS A 15 10.17 -8.51 9.28
CA LYS A 15 9.11 -9.43 8.89
C LYS A 15 9.08 -9.54 7.36
N LEU A 16 9.03 -8.43 6.62
CA LEU A 16 9.03 -8.47 5.16
C LEU A 16 10.39 -8.83 4.59
N MET A 17 11.50 -8.41 5.20
CA MET A 17 12.84 -8.76 4.71
C MET A 17 12.96 -10.28 4.71
N GLY A 18 12.34 -10.94 5.69
CA GLY A 18 12.32 -12.38 5.85
C GLY A 18 11.59 -13.09 4.70
N GLU A 19 10.78 -12.39 3.92
CA GLU A 19 10.09 -12.99 2.79
C GLU A 19 11.11 -13.25 1.69
N GLY A 20 12.10 -12.35 1.55
CA GLY A 20 13.16 -12.42 0.56
C GLY A 20 13.21 -11.19 -0.31
N TYR A 21 13.38 -9.99 0.29
CA TYR A 21 13.48 -8.70 -0.40
C TYR A 21 14.61 -7.89 0.24
N ALA A 22 15.12 -6.87 -0.48
CA ALA A 22 16.19 -6.00 -0.01
C ALA A 22 15.61 -4.91 0.89
N PHE A 23 16.46 -4.33 1.76
CA PHE A 23 16.09 -3.31 2.71
C PHE A 23 15.43 -2.09 2.07
N GLU A 24 15.96 -1.59 0.94
CA GLU A 24 15.39 -0.41 0.30
C GLU A 24 13.91 -0.59 -0.04
N GLU A 25 13.61 -1.72 -0.69
CA GLU A 25 12.30 -2.11 -1.14
C GLU A 25 11.33 -2.21 0.04
N VAL A 26 11.76 -2.90 1.08
CA VAL A 26 10.97 -3.10 2.29
C VAL A 26 10.68 -1.77 2.97
N LYS A 27 11.68 -0.91 3.12
CA LYS A 27 11.46 0.39 3.76
C LYS A 27 10.44 1.19 2.96
N ARG A 28 10.50 1.09 1.63
CA ARG A 28 9.60 1.76 0.69
C ARG A 28 8.19 1.27 0.98
N ALA A 29 8.02 -0.05 0.96
CA ALA A 29 6.77 -0.72 1.21
C ALA A 29 6.17 -0.30 2.53
N LEU A 30 6.94 -0.31 3.64
CA LEU A 30 6.41 0.08 4.94
C LEU A 30 6.00 1.55 4.98
N GLU A 31 6.73 2.45 4.31
CA GLU A 31 6.38 3.87 4.30
C GLU A 31 5.02 4.06 3.63
N ILE A 32 4.92 3.56 2.40
CA ILE A 32 3.75 3.63 1.56
C ILE A 32 2.59 2.97 2.30
N ALA A 33 2.79 1.75 2.81
CA ALA A 33 1.82 0.95 3.56
C ALA A 33 1.38 1.54 4.90
N GLN A 34 1.80 2.75 5.28
CA GLN A 34 1.43 3.36 6.56
C GLN A 34 1.80 2.38 7.69
N ASN A 35 2.98 1.79 7.54
CA ASN A 35 3.65 0.84 8.41
C ASN A 35 2.84 -0.44 8.66
N ASN A 36 1.97 -0.88 7.75
CA ASN A 36 1.18 -2.11 7.92
C ASN A 36 1.82 -3.26 7.14
N VAL A 37 2.24 -4.33 7.84
CA VAL A 37 2.85 -5.52 7.25
C VAL A 37 1.89 -6.15 6.23
N GLU A 38 0.61 -6.25 6.59
CA GLU A 38 -0.43 -6.85 5.76
C GLU A 38 -0.62 -6.16 4.41
N VAL A 39 -0.23 -4.90 4.30
CA VAL A 39 -0.34 -4.14 3.05
C VAL A 39 1.02 -4.15 2.35
N ALA A 40 2.12 -4.00 3.10
CA ALA A 40 3.47 -3.98 2.56
C ALA A 40 3.76 -5.22 1.70
N ARG A 41 3.19 -6.38 2.06
CA ARG A 41 3.38 -7.62 1.30
C ARG A 41 2.96 -7.43 -0.17
N SER A 42 1.74 -6.91 -0.41
CA SER A 42 1.23 -6.67 -1.75
C SER A 42 2.06 -5.59 -2.48
N ILE A 43 2.64 -4.62 -1.78
CA ILE A 43 3.42 -3.56 -2.43
C ILE A 43 4.71 -4.19 -2.98
N LEU A 44 5.42 -4.99 -2.17
CA LEU A 44 6.66 -5.67 -2.59
C LEU A 44 6.40 -6.56 -3.79
N ARG A 45 5.20 -7.13 -3.87
CA ARG A 45 4.79 -8.00 -4.98
C ARG A 45 4.71 -7.25 -6.30
N GLU A 46 4.57 -5.92 -6.26
CA GLU A 46 4.50 -5.10 -7.47
C GLU A 46 5.85 -4.44 -7.74
N PHE A 47 6.56 -3.98 -6.71
CA PHE A 47 7.87 -3.36 -6.87
C PHE A 47 8.84 -4.42 -7.39
N SER A 48 8.93 -5.59 -6.73
CA SER A 48 9.79 -6.70 -7.15
C SER A 48 9.13 -7.53 -8.26
N GLY A 49 7.82 -7.38 -8.48
CA GLY A 49 7.10 -8.13 -9.49
C GLY A 49 6.74 -9.55 -9.02
N PRO A 50 6.11 -10.35 -9.89
CA PRO A 50 5.68 -11.70 -9.60
C PRO A 50 6.90 -12.63 -9.56
N SER A 51 7.19 -13.22 -8.40
CA SER A 51 8.34 -14.11 -8.26
C SER A 51 8.08 -15.42 -9.03
N SER A 52 9.14 -16.05 -9.53
CA SER A 52 9.12 -17.30 -10.30
C SER A 52 10.42 -18.07 -10.09
N GLY A 53 10.53 -19.24 -10.74
CA GLY A 53 11.69 -20.10 -10.67
C GLY A 53 11.77 -20.76 -9.30
N GLY B 1 -3.89 6.37 16.98
CA GLY B 1 -5.29 6.05 17.29
C GLY B 1 -5.95 5.30 16.16
N SER B 2 -6.81 4.34 16.53
CA SER B 2 -7.56 3.50 15.61
C SER B 2 -8.93 3.15 16.22
N SER B 3 -9.87 2.70 15.40
CA SER B 3 -11.22 2.31 15.81
C SER B 3 -11.83 1.22 14.91
N GLY B 4 -11.18 0.87 13.80
CA GLY B 4 -11.64 -0.13 12.84
C GLY B 4 -11.35 0.42 11.46
N SER B 5 -12.18 0.13 10.46
CA SER B 5 -11.98 0.63 9.11
C SER B 5 -13.31 0.93 8.40
N SER B 6 -13.30 1.92 7.52
CA SER B 6 -14.45 2.34 6.73
C SER B 6 -14.68 1.28 5.66
N GLY B 7 -15.92 0.84 5.47
CA GLY B 7 -16.28 -0.17 4.49
C GLY B 7 -16.35 0.39 3.07
N ASN B 8 -16.91 -0.41 2.17
CA ASN B 8 -17.13 -0.17 0.74
C ASN B 8 -15.83 -0.10 -0.08
N VAL B 9 -15.95 -0.11 -1.40
CA VAL B 9 -14.81 -0.07 -2.33
C VAL B 9 -15.10 0.85 -3.51
N ASP B 10 -16.25 0.72 -4.16
CA ASP B 10 -16.63 1.53 -5.32
C ASP B 10 -16.55 3.03 -5.02
N ALA B 11 -17.07 3.45 -3.86
CA ALA B 11 -17.02 4.86 -3.46
C ALA B 11 -15.57 5.31 -3.25
N LYS B 12 -14.72 4.40 -2.73
CA LYS B 12 -13.31 4.68 -2.48
C LYS B 12 -12.63 4.93 -3.82
N ILE B 13 -12.95 4.12 -4.85
CA ILE B 13 -12.37 4.27 -6.19
C ILE B 13 -12.65 5.70 -6.65
N ALA B 14 -13.92 6.11 -6.61
CA ALA B 14 -14.29 7.46 -7.03
C ALA B 14 -13.54 8.51 -6.21
N LYS B 15 -13.33 8.26 -4.91
CA LYS B 15 -12.60 9.15 -4.02
C LYS B 15 -11.17 9.34 -4.53
N LEU B 16 -10.41 8.25 -4.71
CA LEU B 16 -9.05 8.33 -5.21
C LEU B 16 -9.00 8.94 -6.61
N MET B 17 -9.93 8.59 -7.51
CA MET B 17 -9.92 9.16 -8.87
C MET B 17 -9.99 10.69 -8.79
N GLY B 18 -10.73 11.24 -7.81
CA GLY B 18 -10.86 12.66 -7.61
C GLY B 18 -9.53 13.35 -7.30
N GLU B 19 -8.53 12.63 -6.79
CA GLU B 19 -7.21 13.20 -6.50
C GLU B 19 -6.45 13.44 -7.81
N GLY B 20 -7.00 12.99 -8.94
CA GLY B 20 -6.47 13.13 -10.28
C GLY B 20 -5.70 11.89 -10.72
N TYR B 21 -6.36 10.73 -10.76
CA TYR B 21 -5.76 9.47 -11.19
C TYR B 21 -6.75 8.71 -12.08
N ALA B 22 -6.25 7.87 -12.99
CA ALA B 22 -7.09 7.08 -13.90
C ALA B 22 -7.64 5.86 -13.16
N PHE B 23 -8.79 5.34 -13.59
CA PHE B 23 -9.45 4.21 -12.98
C PHE B 23 -8.56 2.97 -12.86
N GLU B 24 -7.78 2.62 -13.89
CA GLU B 24 -6.93 1.44 -13.85
C GLU B 24 -5.85 1.54 -12.77
N GLU B 25 -5.27 2.72 -12.57
CA GLU B 25 -4.24 2.95 -11.57
C GLU B 25 -4.88 2.82 -10.20
N VAL B 26 -6.02 3.48 -10.04
CA VAL B 26 -6.80 3.50 -8.81
C VAL B 26 -7.23 2.11 -8.38
N LYS B 27 -7.80 1.31 -9.29
CA LYS B 27 -8.25 -0.03 -8.95
C LYS B 27 -7.08 -0.83 -8.39
N ARG B 28 -5.90 -0.64 -8.98
CA ARG B 28 -4.69 -1.31 -8.57
C ARG B 28 -4.38 -0.89 -7.14
N ALA B 29 -4.35 0.42 -6.90
CA ALA B 29 -4.08 1.00 -5.61
C ALA B 29 -5.02 0.44 -4.55
N LEU B 30 -6.34 0.40 -4.79
CA LEU B 30 -7.29 -0.10 -3.83
C LEU B 30 -7.03 -1.57 -3.54
N GLU B 31 -6.70 -2.38 -4.54
CA GLU B 31 -6.43 -3.80 -4.38
C GLU B 31 -5.20 -4.00 -3.47
N ILE B 32 -4.07 -3.42 -3.89
CA ILE B 32 -2.80 -3.51 -3.21
C ILE B 32 -2.94 -2.97 -1.78
N ALA B 33 -3.56 -1.81 -1.58
CA ALA B 33 -3.73 -1.21 -0.26
C ALA B 33 -4.81 -1.88 0.60
N GLN B 34 -5.26 -3.11 0.28
CA GLN B 34 -6.27 -3.83 1.05
C GLN B 34 -7.52 -2.96 1.28
N ASN B 35 -7.94 -2.23 0.25
CA ASN B 35 -9.08 -1.32 0.17
C ASN B 35 -9.04 -0.16 1.18
N ASN B 36 -7.89 0.11 1.81
CA ASN B 36 -7.69 1.20 2.76
C ASN B 36 -7.34 2.47 1.96
N VAL B 37 -8.23 3.46 1.86
CA VAL B 37 -7.99 4.72 1.11
C VAL B 37 -6.68 5.38 1.53
N GLU B 38 -6.42 5.36 2.85
CA GLU B 38 -5.26 5.97 3.49
C GLU B 38 -3.93 5.53 2.87
N VAL B 39 -3.86 4.31 2.36
CA VAL B 39 -2.66 3.76 1.76
C VAL B 39 -2.71 3.83 0.23
N ALA B 40 -3.89 3.68 -0.38
CA ALA B 40 -4.02 3.77 -1.84
C ALA B 40 -3.43 5.08 -2.35
N ARG B 41 -3.62 6.16 -1.59
CA ARG B 41 -3.12 7.48 -1.91
C ARG B 41 -1.60 7.45 -2.12
N SER B 42 -0.87 6.83 -1.20
CA SER B 42 0.59 6.71 -1.24
C SER B 42 1.06 5.76 -2.36
N ILE B 43 0.25 4.76 -2.75
CA ILE B 43 0.63 3.84 -3.83
C ILE B 43 0.60 4.63 -5.13
N LEU B 44 -0.48 5.38 -5.35
CA LEU B 44 -0.66 6.19 -6.55
C LEU B 44 0.44 7.24 -6.67
N ARG B 45 1.01 7.69 -5.56
CA ARG B 45 2.10 8.68 -5.55
C ARG B 45 3.34 8.14 -6.25
N GLU B 46 3.56 6.83 -6.22
CA GLU B 46 4.72 6.23 -6.87
C GLU B 46 4.34 5.82 -8.30
N PHE B 47 3.17 5.22 -8.52
CA PHE B 47 2.75 4.81 -9.87
C PHE B 47 2.58 6.01 -10.79
N SER B 48 1.80 7.00 -10.39
CA SER B 48 1.56 8.20 -11.18
C SER B 48 2.77 9.15 -11.11
N GLY B 49 3.60 9.03 -10.07
CA GLY B 49 4.79 9.83 -9.87
C GLY B 49 4.48 11.16 -9.18
N PRO B 50 5.51 12.00 -8.97
CA PRO B 50 5.36 13.29 -8.32
C PRO B 50 4.65 14.25 -9.26
N SER B 51 3.38 14.59 -8.99
CA SER B 51 2.61 15.51 -9.80
C SER B 51 3.31 16.87 -9.75
N SER B 52 3.81 17.36 -10.88
CA SER B 52 4.51 18.64 -10.97
C SER B 52 3.89 19.46 -12.11
N GLY B 53 2.72 20.03 -11.87
CA GLY B 53 2.00 20.85 -12.84
C GLY B 53 0.63 21.12 -12.28
N GLY A 1 -7.87 -11.29 12.36
CA GLY A 1 -7.31 -10.02 12.83
C GLY A 1 -8.22 -8.88 12.41
N SER A 2 -8.97 -8.31 13.35
CA SER A 2 -9.88 -7.21 13.07
C SER A 2 -9.16 -5.92 12.69
N SER A 3 -7.90 -5.75 13.09
CA SER A 3 -7.10 -4.57 12.82
C SER A 3 -5.69 -4.96 12.35
N GLY A 4 -4.90 -3.96 11.96
CA GLY A 4 -3.54 -4.12 11.47
C GLY A 4 -2.75 -2.83 11.67
N SER A 5 -2.61 -2.39 12.93
CA SER A 5 -1.88 -1.20 13.36
C SER A 5 -1.18 -1.56 14.68
N SER A 6 -0.22 -0.75 15.13
CA SER A 6 0.52 -0.97 16.38
C SER A 6 1.42 0.24 16.61
N GLY A 7 2.32 0.15 17.59
CA GLY A 7 3.29 1.16 17.93
C GLY A 7 4.69 0.71 17.48
N ASN A 8 4.81 -0.22 16.51
CA ASN A 8 6.08 -0.73 16.02
C ASN A 8 6.18 -0.69 14.50
N VAL A 9 7.38 -0.39 14.00
CA VAL A 9 7.71 -0.30 12.59
C VAL A 9 8.87 -1.23 12.25
N ASP A 10 10.00 -1.12 12.96
CA ASP A 10 11.21 -1.91 12.74
C ASP A 10 10.95 -3.42 12.76
N ALA A 11 10.05 -3.89 13.63
CA ALA A 11 9.70 -5.31 13.72
C ALA A 11 9.11 -5.80 12.40
N LYS A 12 8.38 -4.94 11.69
CA LYS A 12 7.76 -5.25 10.41
C LYS A 12 8.83 -5.29 9.32
N ILE A 13 9.83 -4.41 9.38
CA ILE A 13 10.91 -4.38 8.41
C ILE A 13 11.59 -5.77 8.48
N ALA A 14 11.97 -6.22 9.68
CA ALA A 14 12.61 -7.53 9.85
C ALA A 14 11.70 -8.65 9.30
N LYS A 15 10.38 -8.55 9.51
CA LYS A 15 9.41 -9.52 9.05
C LYS A 15 9.43 -9.63 7.53
N LEU A 16 9.21 -8.53 6.79
CA LEU A 16 9.22 -8.54 5.33
C LEU A 16 10.58 -8.98 4.80
N MET A 17 11.67 -8.58 5.44
CA MET A 17 13.02 -8.96 5.05
C MET A 17 13.18 -10.48 5.03
N GLY A 18 12.41 -11.21 5.86
CA GLY A 18 12.45 -12.66 5.95
C GLY A 18 11.78 -13.34 4.75
N GLU A 19 10.96 -12.62 3.97
CA GLU A 19 10.30 -13.21 2.81
C GLU A 19 11.26 -13.32 1.63
N GLY A 20 12.29 -12.46 1.60
CA GLY A 20 13.31 -12.45 0.55
C GLY A 20 13.38 -11.14 -0.23
N TYR A 21 13.46 -10.01 0.48
CA TYR A 21 13.55 -8.69 -0.12
C TYR A 21 14.67 -7.88 0.53
N ALA A 22 15.24 -6.89 -0.16
CA ALA A 22 16.32 -6.07 0.38
C ALA A 22 15.78 -4.99 1.35
N PHE A 23 16.61 -4.53 2.28
CA PHE A 23 16.27 -3.55 3.31
C PHE A 23 15.69 -2.26 2.76
N GLU A 24 16.26 -1.77 1.67
CA GLU A 24 15.82 -0.54 1.03
C GLU A 24 14.38 -0.70 0.57
N GLU A 25 14.14 -1.73 -0.23
CA GLU A 25 12.86 -2.10 -0.83
C GLU A 25 11.79 -2.30 0.24
N VAL A 26 12.14 -3.00 1.31
CA VAL A 26 11.24 -3.31 2.41
C VAL A 26 10.85 -2.03 3.15
N LYS A 27 11.82 -1.28 3.65
CA LYS A 27 11.55 -0.05 4.37
C LYS A 27 10.70 0.88 3.51
N ARG A 28 10.98 0.91 2.21
CA ARG A 28 10.25 1.75 1.29
C ARG A 28 8.79 1.29 1.28
N ALA A 29 8.56 -0.01 1.09
CA ALA A 29 7.24 -0.57 1.06
C ALA A 29 6.48 -0.32 2.37
N LEU A 30 7.16 -0.38 3.53
CA LEU A 30 6.54 -0.14 4.83
C LEU A 30 6.06 1.31 4.92
N GLU A 31 6.84 2.29 4.48
CA GLU A 31 6.42 3.70 4.55
C GLU A 31 5.16 3.92 3.70
N ILE A 32 5.15 3.34 2.50
CA ILE A 32 4.03 3.45 1.58
C ILE A 32 2.80 2.80 2.22
N ALA A 33 2.93 1.58 2.74
CA ALA A 33 1.84 0.83 3.38
C ALA A 33 1.41 1.38 4.74
N GLN A 34 1.89 2.55 5.17
CA GLN A 34 1.57 3.14 6.47
C GLN A 34 1.91 2.12 7.56
N ASN A 35 3.10 1.53 7.45
CA ASN A 35 3.72 0.53 8.31
C ASN A 35 2.78 -0.63 8.66
N ASN A 36 2.31 -1.33 7.63
CA ASN A 36 1.43 -2.48 7.72
C ASN A 36 2.05 -3.61 6.90
N VAL A 37 2.18 -4.80 7.46
CA VAL A 37 2.78 -5.96 6.82
C VAL A 37 1.98 -6.47 5.63
N GLU A 38 0.69 -6.78 5.83
CA GLU A 38 -0.20 -7.31 4.80
C GLU A 38 -0.18 -6.41 3.56
N VAL A 39 -0.35 -5.11 3.80
CA VAL A 39 -0.36 -4.11 2.77
C VAL A 39 1.05 -3.99 2.14
N ALA A 40 2.13 -3.99 2.94
CA ALA A 40 3.49 -3.90 2.42
C ALA A 40 3.83 -5.09 1.51
N ARG A 41 3.32 -6.29 1.82
CA ARG A 41 3.58 -7.45 0.96
C ARG A 41 3.03 -7.15 -0.42
N SER A 42 1.82 -6.62 -0.52
CA SER A 42 1.18 -6.28 -1.78
C SER A 42 2.06 -5.39 -2.67
N ILE A 43 2.82 -4.48 -2.05
CA ILE A 43 3.71 -3.56 -2.74
C ILE A 43 4.91 -4.35 -3.29
N LEU A 44 5.61 -5.08 -2.41
CA LEU A 44 6.77 -5.88 -2.79
C LEU A 44 6.39 -6.96 -3.81
N ARG A 45 5.16 -7.47 -3.75
CA ARG A 45 4.62 -8.48 -4.65
C ARG A 45 4.55 -7.94 -6.08
N GLU A 46 4.39 -6.63 -6.25
CA GLU A 46 4.32 -5.96 -7.53
C GLU A 46 5.69 -5.48 -7.98
N PHE A 47 6.48 -4.87 -7.08
CA PHE A 47 7.80 -4.38 -7.46
C PHE A 47 8.71 -5.54 -7.87
N SER A 48 8.75 -6.61 -7.07
CA SER A 48 9.56 -7.78 -7.36
C SER A 48 8.84 -8.64 -8.40
N GLY A 49 7.78 -9.32 -8.00
CA GLY A 49 6.96 -10.21 -8.82
C GLY A 49 6.78 -11.53 -8.06
N PRO A 50 6.30 -12.61 -8.69
CA PRO A 50 6.12 -13.91 -8.05
C PRO A 50 7.47 -14.50 -7.59
N SER A 51 7.43 -15.52 -6.74
CA SER A 51 8.60 -16.19 -6.18
C SER A 51 8.30 -17.70 -6.15
N SER A 52 9.30 -18.58 -6.25
CA SER A 52 9.05 -20.02 -6.23
C SER A 52 10.18 -20.79 -5.54
N GLY A 53 9.80 -21.87 -4.87
CA GLY A 53 10.64 -22.77 -4.12
C GLY A 53 9.67 -23.58 -3.30
N GLY B 1 -10.67 11.28 12.30
CA GLY B 1 -10.43 9.94 11.74
C GLY B 1 -9.43 9.21 12.61
N SER B 2 -9.48 7.87 12.59
CA SER B 2 -8.59 7.01 13.37
C SER B 2 -8.26 5.75 12.57
N SER B 3 -9.21 4.83 12.43
CA SER B 3 -9.06 3.58 11.69
C SER B 3 -9.06 3.83 10.17
N GLY B 4 -8.80 2.79 9.39
CA GLY B 4 -8.77 2.81 7.92
C GLY B 4 -9.41 1.54 7.36
N SER B 5 -10.57 1.15 7.90
CA SER B 5 -11.33 -0.03 7.49
C SER B 5 -12.83 0.28 7.36
N SER B 6 -13.53 -0.43 6.46
CA SER B 6 -14.97 -0.29 6.23
C SER B 6 -15.47 -1.41 5.31
N GLY B 7 -16.77 -1.45 5.05
CA GLY B 7 -17.46 -2.44 4.21
C GLY B 7 -17.82 -1.91 2.83
N ASN B 8 -17.14 -0.87 2.34
CA ASN B 8 -17.40 -0.29 1.02
C ASN B 8 -16.13 -0.42 0.20
N VAL B 9 -16.26 -0.39 -1.13
CA VAL B 9 -15.15 -0.52 -2.06
C VAL B 9 -15.27 0.51 -3.19
N ASP B 10 -16.45 0.58 -3.78
CA ASP B 10 -16.81 1.45 -4.89
C ASP B 10 -16.60 2.93 -4.53
N ALA B 11 -17.04 3.32 -3.33
CA ALA B 11 -16.89 4.69 -2.83
C ALA B 11 -15.41 5.10 -2.78
N LYS B 12 -14.54 4.19 -2.39
CA LYS B 12 -13.11 4.45 -2.29
C LYS B 12 -12.54 4.68 -3.67
N ILE B 13 -12.89 3.83 -4.64
CA ILE B 13 -12.40 3.97 -6.01
C ILE B 13 -12.86 5.35 -6.50
N ALA B 14 -14.13 5.68 -6.28
CA ALA B 14 -14.70 6.95 -6.68
C ALA B 14 -14.06 8.15 -5.94
N LYS B 15 -13.40 7.96 -4.78
CA LYS B 15 -12.77 9.03 -4.04
C LYS B 15 -11.43 9.40 -4.69
N LEU B 16 -10.49 8.46 -4.83
CA LEU B 16 -9.18 8.76 -5.43
C LEU B 16 -9.36 9.29 -6.85
N MET B 17 -10.38 8.81 -7.57
CA MET B 17 -10.69 9.25 -8.93
C MET B 17 -10.98 10.75 -9.00
N GLY B 18 -11.33 11.38 -7.86
CA GLY B 18 -11.63 12.80 -7.79
C GLY B 18 -10.35 13.60 -7.68
N GLU B 19 -9.29 13.02 -7.09
CA GLU B 19 -8.02 13.71 -6.94
C GLU B 19 -7.45 13.98 -8.34
N GLY B 20 -7.69 13.05 -9.28
CA GLY B 20 -7.26 13.16 -10.67
C GLY B 20 -6.82 11.84 -11.31
N TYR B 21 -6.44 10.84 -10.51
CA TYR B 21 -5.95 9.55 -10.99
C TYR B 21 -6.97 8.76 -11.83
N ALA B 22 -6.45 7.94 -12.76
CA ALA B 22 -7.21 7.12 -13.70
C ALA B 22 -7.85 5.91 -13.02
N PHE B 23 -8.97 5.41 -13.53
CA PHE B 23 -9.69 4.27 -12.97
C PHE B 23 -8.82 3.02 -12.89
N GLU B 24 -8.03 2.77 -13.93
CA GLU B 24 -7.16 1.60 -13.99
C GLU B 24 -6.03 1.65 -12.97
N GLU B 25 -5.67 2.84 -12.49
CA GLU B 25 -4.63 3.07 -11.51
C GLU B 25 -5.24 3.05 -10.12
N VAL B 26 -6.39 3.71 -9.94
CA VAL B 26 -7.09 3.79 -8.68
C VAL B 26 -7.52 2.41 -8.23
N LYS B 27 -8.24 1.68 -9.09
CA LYS B 27 -8.70 0.34 -8.75
C LYS B 27 -7.53 -0.54 -8.37
N ARG B 28 -6.40 -0.37 -9.06
CA ARG B 28 -5.21 -1.14 -8.81
C ARG B 28 -4.68 -0.79 -7.42
N ALA B 29 -4.47 0.49 -7.15
CA ALA B 29 -3.97 0.98 -5.89
C ALA B 29 -4.83 0.55 -4.71
N LEU B 30 -6.17 0.57 -4.83
CA LEU B 30 -7.02 0.16 -3.71
C LEU B 30 -6.79 -1.30 -3.37
N GLU B 31 -6.68 -2.21 -4.34
CA GLU B 31 -6.47 -3.62 -4.06
C GLU B 31 -5.12 -3.82 -3.35
N ILE B 32 -4.09 -3.16 -3.86
CA ILE B 32 -2.74 -3.24 -3.29
C ILE B 32 -2.77 -2.65 -1.87
N ALA B 33 -3.62 -1.65 -1.60
CA ALA B 33 -3.81 -0.97 -0.31
C ALA B 33 -4.84 -1.69 0.59
N GLN B 34 -5.30 -2.89 0.24
CA GLN B 34 -6.31 -3.66 0.99
C GLN B 34 -7.55 -2.78 1.24
N ASN B 35 -7.99 -2.13 0.17
CA ASN B 35 -9.12 -1.23 0.04
C ASN B 35 -9.07 -0.10 1.08
N ASN B 36 -7.96 0.65 1.18
CA ASN B 36 -7.81 1.77 2.11
C ASN B 36 -7.29 3.00 1.36
N VAL B 37 -8.10 4.05 1.28
CA VAL B 37 -7.80 5.32 0.61
C VAL B 37 -6.50 5.93 1.14
N GLU B 38 -6.32 5.92 2.47
CA GLU B 38 -5.14 6.49 3.11
C GLU B 38 -3.84 5.91 2.59
N VAL B 39 -3.80 4.61 2.30
CA VAL B 39 -2.62 3.94 1.80
C VAL B 39 -2.56 4.01 0.27
N ALA B 40 -3.70 3.91 -0.41
CA ALA B 40 -3.76 3.98 -1.87
C ALA B 40 -3.07 5.25 -2.40
N ARG B 41 -3.15 6.35 -1.64
CA ARG B 41 -2.51 7.61 -2.01
C ARG B 41 -1.03 7.45 -2.25
N SER B 42 -0.32 6.81 -1.32
CA SER B 42 1.12 6.60 -1.38
C SER B 42 1.52 5.71 -2.56
N ILE B 43 0.64 4.79 -2.98
CA ILE B 43 0.89 3.90 -4.11
C ILE B 43 0.73 4.74 -5.38
N LEU B 44 -0.36 5.49 -5.48
CA LEU B 44 -0.66 6.36 -6.63
C LEU B 44 0.47 7.38 -6.80
N ARG B 45 1.09 7.82 -5.71
CA ARG B 45 2.20 8.78 -5.70
C ARG B 45 3.44 8.21 -6.39
N GLU B 46 3.54 6.89 -6.53
CA GLU B 46 4.66 6.25 -7.22
C GLU B 46 4.28 6.17 -8.69
N PHE B 47 3.15 5.51 -9.01
CA PHE B 47 2.71 5.32 -10.39
C PHE B 47 2.39 6.63 -11.13
N SER B 48 1.97 7.70 -10.46
CA SER B 48 1.65 8.99 -11.06
C SER B 48 2.70 10.05 -10.72
N GLY B 49 3.73 9.72 -9.94
CA GLY B 49 4.75 10.69 -9.57
C GLY B 49 4.15 11.82 -8.72
N PRO B 50 4.78 13.01 -8.68
CA PRO B 50 4.29 14.15 -7.93
C PRO B 50 3.04 14.75 -8.58
N SER B 51 2.33 15.61 -7.86
CA SER B 51 1.11 16.29 -8.30
C SER B 51 1.12 17.70 -7.70
N SER B 52 0.65 18.70 -8.44
CA SER B 52 0.58 20.09 -8.01
C SER B 52 -0.50 20.84 -8.79
N GLY B 53 -1.13 21.81 -8.15
CA GLY B 53 -2.17 22.62 -8.73
C GLY B 53 -2.75 23.41 -7.60
N GLY A 1 -7.24 -11.20 21.43
CA GLY A 1 -6.12 -10.54 20.74
C GLY A 1 -6.39 -10.51 19.24
N SER A 2 -6.18 -9.35 18.61
CA SER A 2 -6.37 -9.14 17.17
C SER A 2 -5.26 -8.19 16.67
N SER A 3 -5.40 -7.70 15.44
CA SER A 3 -4.49 -6.79 14.79
C SER A 3 -5.30 -5.72 14.05
N GLY A 4 -4.69 -4.97 13.14
CA GLY A 4 -5.36 -3.92 12.39
C GLY A 4 -5.19 -2.57 13.07
N SER A 5 -4.07 -2.36 13.77
CA SER A 5 -3.72 -1.14 14.49
C SER A 5 -2.22 -0.88 14.34
N SER A 6 -1.81 0.37 14.59
CA SER A 6 -0.42 0.81 14.54
C SER A 6 0.41 0.13 15.63
N GLY A 7 1.74 0.21 15.57
CA GLY A 7 2.60 -0.39 16.58
C GLY A 7 4.07 -0.27 16.19
N ASN A 8 4.81 -1.36 16.33
CA ASN A 8 6.24 -1.39 15.99
C ASN A 8 6.44 -1.23 14.49
N VAL A 9 7.67 -0.91 14.08
CA VAL A 9 8.07 -0.72 12.69
C VAL A 9 9.29 -1.60 12.40
N ASP A 10 10.26 -1.66 13.32
CA ASP A 10 11.48 -2.48 13.17
C ASP A 10 11.11 -3.93 12.91
N ALA A 11 10.28 -4.52 13.78
CA ALA A 11 9.82 -5.91 13.65
C ALA A 11 9.02 -6.18 12.38
N LYS A 12 8.62 -5.14 11.64
CA LYS A 12 7.87 -5.28 10.40
C LYS A 12 8.85 -5.29 9.23
N ILE A 13 9.94 -4.53 9.33
CA ILE A 13 10.96 -4.45 8.29
C ILE A 13 11.58 -5.85 8.16
N ALA A 14 12.15 -6.38 9.24
CA ALA A 14 12.77 -7.71 9.19
C ALA A 14 11.79 -8.78 8.69
N LYS A 15 10.51 -8.63 9.01
CA LYS A 15 9.46 -9.56 8.59
C LYS A 15 9.38 -9.60 7.07
N LEU A 16 9.15 -8.45 6.42
CA LEU A 16 9.07 -8.40 4.97
C LEU A 16 10.38 -8.79 4.33
N MET A 17 11.52 -8.43 4.93
CA MET A 17 12.83 -8.81 4.37
C MET A 17 12.87 -10.34 4.26
N GLY A 18 12.24 -11.04 5.20
CA GLY A 18 12.15 -12.50 5.26
C GLY A 18 11.41 -13.09 4.05
N GLU A 19 10.55 -12.33 3.36
CA GLU A 19 9.86 -12.84 2.17
C GLU A 19 10.92 -12.99 1.05
N GLY A 20 12.06 -12.29 1.17
CA GLY A 20 13.19 -12.27 0.26
C GLY A 20 13.32 -10.96 -0.49
N TYR A 21 13.49 -9.83 0.21
CA TYR A 21 13.65 -8.50 -0.38
C TYR A 21 14.74 -7.73 0.39
N ALA A 22 15.32 -6.70 -0.23
CA ALA A 22 16.36 -5.89 0.39
C ALA A 22 15.75 -4.88 1.37
N PHE A 23 16.55 -4.45 2.35
CA PHE A 23 16.14 -3.51 3.38
C PHE A 23 15.60 -2.19 2.82
N GLU A 24 16.28 -1.62 1.83
CA GLU A 24 15.92 -0.34 1.23
C GLU A 24 14.52 -0.40 0.60
N GLU A 25 14.19 -1.51 -0.06
CA GLU A 25 12.89 -1.71 -0.69
C GLU A 25 11.82 -1.85 0.39
N VAL A 26 12.08 -2.71 1.37
CA VAL A 26 11.16 -2.97 2.47
C VAL A 26 10.86 -1.72 3.26
N LYS A 27 11.88 -0.95 3.62
CA LYS A 27 11.68 0.28 4.38
C LYS A 27 10.74 1.21 3.61
N ARG A 28 10.84 1.25 2.28
CA ARG A 28 10.00 2.10 1.44
C ARG A 28 8.58 1.53 1.48
N ALA A 29 8.42 0.22 1.24
CA ALA A 29 7.13 -0.43 1.22
C ALA A 29 6.36 -0.21 2.52
N LEU A 30 7.02 -0.35 3.69
CA LEU A 30 6.36 -0.15 4.96
C LEU A 30 5.91 1.31 5.12
N GLU A 31 6.61 2.31 4.57
CA GLU A 31 6.21 3.70 4.70
C GLU A 31 4.90 3.90 3.95
N ILE A 32 4.87 3.45 2.70
CA ILE A 32 3.73 3.53 1.80
C ILE A 32 2.54 2.81 2.46
N ALA A 33 2.76 1.59 2.94
CA ALA A 33 1.79 0.71 3.60
C ALA A 33 1.26 1.21 4.95
N GLN A 34 1.47 2.47 5.35
CA GLN A 34 1.01 2.97 6.66
C GLN A 34 1.54 2.02 7.76
N ASN A 35 2.79 1.57 7.58
CA ASN A 35 3.56 0.67 8.43
C ASN A 35 2.77 -0.62 8.73
N ASN A 36 2.07 -1.17 7.73
CA ASN A 36 1.27 -2.40 7.86
C ASN A 36 1.94 -3.53 7.08
N VAL A 37 2.28 -4.62 7.75
CA VAL A 37 2.92 -5.81 7.18
C VAL A 37 2.03 -6.42 6.09
N GLU A 38 0.73 -6.59 6.38
CA GLU A 38 -0.28 -7.18 5.51
C GLU A 38 -0.23 -6.57 4.11
N VAL A 39 -0.31 -5.23 4.07
CA VAL A 39 -0.31 -4.43 2.87
C VAL A 39 1.08 -4.38 2.22
N ALA A 40 2.14 -4.19 3.00
CA ALA A 40 3.51 -4.11 2.48
C ALA A 40 3.88 -5.35 1.66
N ARG A 41 3.33 -6.51 2.00
CA ARG A 41 3.58 -7.76 1.30
C ARG A 41 3.22 -7.61 -0.18
N SER A 42 2.04 -7.09 -0.49
CA SER A 42 1.59 -6.88 -1.86
C SER A 42 2.35 -5.74 -2.52
N ILE A 43 2.75 -4.69 -1.79
CA ILE A 43 3.50 -3.57 -2.37
C ILE A 43 4.81 -4.11 -2.94
N LEU A 44 5.59 -4.84 -2.14
CA LEU A 44 6.86 -5.42 -2.57
C LEU A 44 6.66 -6.40 -3.72
N ARG A 45 5.51 -7.06 -3.78
CA ARG A 45 5.20 -8.03 -4.84
C ARG A 45 5.12 -7.33 -6.19
N GLU A 46 4.71 -6.06 -6.23
CA GLU A 46 4.60 -5.30 -7.48
C GLU A 46 5.91 -4.56 -7.73
N PHE A 47 6.57 -4.02 -6.69
CA PHE A 47 7.83 -3.31 -6.87
C PHE A 47 8.88 -4.28 -7.40
N SER A 48 9.05 -5.44 -6.76
CA SER A 48 10.00 -6.45 -7.17
C SER A 48 9.45 -7.18 -8.40
N GLY A 49 8.62 -8.20 -8.17
CA GLY A 49 7.99 -9.04 -9.17
C GLY A 49 7.84 -10.44 -8.54
N PRO A 50 7.47 -11.48 -9.30
CA PRO A 50 7.33 -12.84 -8.78
C PRO A 50 8.69 -13.47 -8.44
N SER A 51 8.70 -14.43 -7.52
CA SER A 51 9.91 -15.14 -7.10
C SER A 51 10.44 -16.04 -8.22
N SER A 52 11.65 -16.58 -8.07
CA SER A 52 12.28 -17.47 -9.06
C SER A 52 13.07 -18.59 -8.36
N GLY A 53 12.54 -19.12 -7.26
CA GLY A 53 13.16 -20.18 -6.47
C GLY A 53 12.78 -19.97 -5.03
N GLY B 1 -16.59 8.12 16.05
CA GLY B 1 -15.97 8.30 14.74
C GLY B 1 -14.49 8.00 14.78
N SER B 2 -14.11 6.77 14.43
CA SER B 2 -12.73 6.31 14.40
C SER B 2 -12.57 5.47 13.13
N SER B 3 -12.11 6.09 12.05
CA SER B 3 -11.90 5.39 10.79
C SER B 3 -10.54 4.69 10.87
N GLY B 4 -10.41 3.56 10.19
CA GLY B 4 -9.21 2.75 10.16
C GLY B 4 -9.55 1.26 10.13
N SER B 5 -10.70 0.88 9.55
CA SER B 5 -11.17 -0.49 9.46
C SER B 5 -11.81 -0.72 8.07
N SER B 6 -12.46 -1.85 7.87
CA SER B 6 -13.14 -2.24 6.63
C SER B 6 -14.36 -1.34 6.34
N GLY B 7 -15.02 -1.49 5.17
CA GLY B 7 -16.18 -0.68 4.82
C GLY B 7 -16.40 -0.61 3.32
N ASN B 8 -17.06 0.46 2.86
CA ASN B 8 -17.36 0.72 1.45
C ASN B 8 -16.08 0.68 0.61
N VAL B 9 -16.20 0.34 -0.68
CA VAL B 9 -15.08 0.28 -1.60
C VAL B 9 -15.37 1.11 -2.86
N ASP B 10 -16.59 1.04 -3.39
CA ASP B 10 -16.98 1.78 -4.60
C ASP B 10 -16.76 3.27 -4.39
N ALA B 11 -17.13 3.80 -3.22
CA ALA B 11 -16.94 5.20 -2.90
C ALA B 11 -15.45 5.54 -2.82
N LYS B 12 -14.63 4.63 -2.28
CA LYS B 12 -13.19 4.81 -2.14
C LYS B 12 -12.54 4.95 -3.51
N ILE B 13 -13.03 4.21 -4.50
CA ILE B 13 -12.51 4.27 -5.87
C ILE B 13 -12.73 5.70 -6.36
N ALA B 14 -13.98 6.15 -6.39
CA ALA B 14 -14.31 7.51 -6.83
C ALA B 14 -13.52 8.58 -6.07
N LYS B 15 -13.32 8.38 -4.76
CA LYS B 15 -12.57 9.29 -3.90
C LYS B 15 -11.18 9.52 -4.52
N LEU B 16 -10.41 8.47 -4.76
CA LEU B 16 -9.08 8.57 -5.37
C LEU B 16 -9.15 9.03 -6.82
N MET B 17 -10.15 8.60 -7.61
CA MET B 17 -10.27 9.02 -9.00
C MET B 17 -10.37 10.54 -9.08
N GLY B 18 -11.05 11.16 -8.12
CA GLY B 18 -11.22 12.60 -8.04
C GLY B 18 -9.88 13.32 -7.92
N GLU B 19 -8.81 12.67 -7.43
CA GLU B 19 -7.50 13.29 -7.31
C GLU B 19 -7.01 13.64 -8.73
N GLY B 20 -7.37 12.82 -9.73
CA GLY B 20 -7.03 12.96 -11.15
C GLY B 20 -6.47 11.69 -11.78
N TYR B 21 -6.39 10.58 -11.05
CA TYR B 21 -5.85 9.33 -11.58
C TYR B 21 -6.89 8.59 -12.43
N ALA B 22 -6.42 7.75 -13.35
CA ALA B 22 -7.27 6.97 -14.24
C ALA B 22 -7.87 5.78 -13.47
N PHE B 23 -8.98 5.25 -13.97
CA PHE B 23 -9.70 4.14 -13.34
C PHE B 23 -8.84 2.91 -13.09
N GLU B 24 -8.03 2.49 -14.05
CA GLU B 24 -7.24 1.28 -13.87
C GLU B 24 -6.20 1.40 -12.76
N GLU B 25 -5.67 2.60 -12.57
CA GLU B 25 -4.66 2.90 -11.55
C GLU B 25 -5.27 2.76 -10.16
N VAL B 26 -6.42 3.40 -9.96
CA VAL B 26 -7.17 3.44 -8.71
C VAL B 26 -7.65 2.08 -8.26
N LYS B 27 -8.32 1.32 -9.12
CA LYS B 27 -8.82 0.00 -8.69
C LYS B 27 -7.66 -0.85 -8.19
N ARG B 28 -6.50 -0.76 -8.85
CA ARG B 28 -5.33 -1.54 -8.47
C ARG B 28 -4.76 -0.99 -7.16
N ALA B 29 -4.74 0.34 -6.98
CA ALA B 29 -4.22 0.95 -5.77
C ALA B 29 -5.03 0.49 -4.55
N LEU B 30 -6.37 0.52 -4.62
CA LEU B 30 -7.22 0.10 -3.52
C LEU B 30 -7.05 -1.41 -3.29
N GLU B 31 -6.78 -2.22 -4.33
CA GLU B 31 -6.59 -3.66 -4.19
C GLU B 31 -5.34 -3.90 -3.34
N ILE B 32 -4.20 -3.36 -3.78
CA ILE B 32 -2.92 -3.50 -3.09
C ILE B 32 -3.02 -2.95 -1.67
N ALA B 33 -3.62 -1.77 -1.49
CA ALA B 33 -3.81 -1.09 -0.22
C ALA B 33 -4.78 -1.78 0.75
N GLN B 34 -5.34 -2.94 0.41
CA GLN B 34 -6.31 -3.65 1.25
C GLN B 34 -7.51 -2.73 1.53
N ASN B 35 -8.00 -2.12 0.45
CA ASN B 35 -9.12 -1.18 0.35
C ASN B 35 -8.92 0.10 1.16
N ASN B 36 -7.70 0.45 1.58
CA ASN B 36 -7.43 1.66 2.35
C ASN B 36 -7.16 2.85 1.42
N VAL B 37 -7.98 3.89 1.51
CA VAL B 37 -7.88 5.13 0.71
C VAL B 37 -6.55 5.84 0.93
N GLU B 38 -6.09 5.90 2.17
CA GLU B 38 -4.88 6.59 2.56
C GLU B 38 -3.63 5.89 2.05
N VAL B 39 -3.56 4.56 2.15
CA VAL B 39 -2.40 3.84 1.64
C VAL B 39 -2.43 3.96 0.11
N ALA B 40 -3.62 3.85 -0.51
CA ALA B 40 -3.76 3.97 -1.96
C ALA B 40 -3.20 5.34 -2.40
N ARG B 41 -3.40 6.41 -1.62
CA ARG B 41 -2.88 7.75 -1.93
C ARG B 41 -1.36 7.68 -2.16
N SER B 42 -0.64 6.97 -1.28
CA SER B 42 0.80 6.80 -1.35
C SER B 42 1.21 5.84 -2.47
N ILE B 43 0.40 4.82 -2.80
CA ILE B 43 0.72 3.87 -3.87
C ILE B 43 0.66 4.62 -5.20
N LEU B 44 -0.43 5.37 -5.42
CA LEU B 44 -0.63 6.15 -6.64
C LEU B 44 0.50 7.16 -6.82
N ARG B 45 1.06 7.64 -5.70
CA ARG B 45 2.16 8.58 -5.68
C ARG B 45 3.49 7.98 -6.16
N GLU B 46 3.62 6.67 -6.20
CA GLU B 46 4.86 6.04 -6.66
C GLU B 46 4.77 5.59 -8.11
N PHE B 47 3.67 4.93 -8.51
CA PHE B 47 3.53 4.49 -9.90
C PHE B 47 3.48 5.73 -10.81
N SER B 48 2.57 6.68 -10.52
CA SER B 48 2.41 7.90 -11.28
C SER B 48 3.49 8.89 -10.84
N GLY B 49 3.34 9.52 -9.68
CA GLY B 49 4.29 10.51 -9.16
C GLY B 49 3.51 11.73 -8.65
N PRO B 50 4.17 12.90 -8.51
CA PRO B 50 3.50 14.12 -8.09
C PRO B 50 2.64 14.61 -9.27
N SER B 51 1.67 15.49 -9.02
CA SER B 51 0.79 16.03 -10.05
C SER B 51 1.32 17.38 -10.50
N SER B 52 2.10 17.38 -11.58
CA SER B 52 2.73 18.58 -12.15
C SER B 52 1.73 19.44 -12.92
N GLY B 53 0.70 19.94 -12.25
CA GLY B 53 -0.34 20.80 -12.82
C GLY B 53 -0.60 21.91 -11.84
N GLY A 1 -9.97 -10.54 8.82
CA GLY A 1 -9.37 -10.04 10.07
C GLY A 1 -8.63 -8.75 9.78
N SER A 2 -8.78 -7.74 10.63
CA SER A 2 -8.14 -6.44 10.45
C SER A 2 -8.04 -5.64 11.75
N SER A 3 -7.31 -6.14 12.77
CA SER A 3 -7.15 -5.43 14.05
C SER A 3 -6.82 -3.94 13.91
N GLY A 4 -5.84 -3.55 13.08
CA GLY A 4 -5.45 -2.15 12.87
C GLY A 4 -4.01 -1.87 13.30
N SER A 5 -3.68 -0.60 13.58
CA SER A 5 -2.35 -0.18 14.02
C SER A 5 -1.90 -0.93 15.27
N SER A 6 -0.58 -0.99 15.50
CA SER A 6 -0.01 -1.67 16.65
C SER A 6 1.13 -0.84 17.23
N GLY A 7 2.38 -1.00 16.77
CA GLY A 7 3.51 -0.24 17.30
C GLY A 7 4.63 -0.10 16.28
N ASN A 8 5.86 -0.45 16.70
CA ASN A 8 7.11 -0.39 15.95
C ASN A 8 6.98 -0.74 14.47
N VAL A 9 7.53 0.12 13.61
CA VAL A 9 7.56 -0.10 12.16
C VAL A 9 8.64 -1.18 11.94
N ASP A 10 9.69 -1.16 12.75
CA ASP A 10 10.86 -2.02 12.80
C ASP A 10 10.43 -3.49 12.79
N ALA A 11 9.49 -3.81 13.68
CA ALA A 11 8.93 -5.14 13.86
C ALA A 11 8.24 -5.67 12.62
N LYS A 12 7.86 -4.79 11.69
CA LYS A 12 7.22 -5.13 10.44
C LYS A 12 8.30 -5.26 9.37
N ILE A 13 9.32 -4.39 9.40
CA ILE A 13 10.42 -4.42 8.44
C ILE A 13 11.12 -5.78 8.55
N ALA A 14 11.54 -6.17 9.76
CA ALA A 14 12.22 -7.45 9.98
C ALA A 14 11.40 -8.64 9.48
N LYS A 15 10.07 -8.55 9.58
CA LYS A 15 9.13 -9.57 9.14
C LYS A 15 9.21 -9.71 7.62
N LEU A 16 9.00 -8.61 6.88
CA LEU A 16 9.05 -8.62 5.42
C LEU A 16 10.43 -8.98 4.90
N MET A 17 11.52 -8.53 5.53
CA MET A 17 12.87 -8.87 5.07
C MET A 17 13.05 -10.39 5.02
N GLY A 18 12.35 -11.14 5.87
CA GLY A 18 12.42 -12.60 5.92
C GLY A 18 11.73 -13.27 4.73
N GLU A 19 11.02 -12.54 3.88
CA GLU A 19 10.32 -13.09 2.72
C GLU A 19 11.18 -13.09 1.46
N GLY A 20 12.36 -12.46 1.50
CA GLY A 20 13.29 -12.38 0.39
C GLY A 20 13.37 -10.98 -0.21
N TYR A 21 13.52 -9.95 0.63
CA TYR A 21 13.61 -8.56 0.21
C TYR A 21 14.66 -7.82 1.03
N ALA A 22 15.30 -6.84 0.41
CA ALA A 22 16.34 -6.03 1.05
C ALA A 22 15.76 -4.96 1.95
N PHE A 23 16.56 -4.44 2.89
CA PHE A 23 16.11 -3.41 3.81
C PHE A 23 15.60 -2.18 3.05
N GLU A 24 16.32 -1.72 2.03
CA GLU A 24 15.95 -0.55 1.26
C GLU A 24 14.61 -0.72 0.53
N GLU A 25 14.29 -1.96 0.15
CA GLU A 25 13.05 -2.32 -0.55
C GLU A 25 11.91 -2.39 0.46
N VAL A 26 12.12 -3.10 1.56
CA VAL A 26 11.14 -3.29 2.61
C VAL A 26 10.79 -1.97 3.26
N LYS A 27 11.78 -1.18 3.66
CA LYS A 27 11.51 0.11 4.28
C LYS A 27 10.68 0.98 3.33
N ARG A 28 10.96 0.91 2.02
CA ARG A 28 10.22 1.68 1.05
C ARG A 28 8.77 1.20 1.03
N ALA A 29 8.56 -0.11 0.94
CA ALA A 29 7.23 -0.70 0.92
C ALA A 29 6.45 -0.33 2.18
N LEU A 30 7.07 -0.48 3.36
CA LEU A 30 6.46 -0.17 4.64
C LEU A 30 6.00 1.29 4.68
N GLU A 31 6.84 2.25 4.25
CA GLU A 31 6.51 3.67 4.21
C GLU A 31 5.23 3.88 3.40
N ILE A 32 5.24 3.43 2.14
CA ILE A 32 4.11 3.54 1.21
C ILE A 32 2.86 2.91 1.84
N ALA A 33 3.01 1.70 2.41
CA ALA A 33 1.97 0.91 3.06
C ALA A 33 1.47 1.50 4.38
N GLN A 34 1.95 2.68 4.81
CA GLN A 34 1.59 3.31 6.07
C GLN A 34 1.85 2.31 7.21
N ASN A 35 3.03 1.71 7.14
CA ASN A 35 3.63 0.72 8.02
C ASN A 35 2.68 -0.41 8.39
N ASN A 36 2.24 -1.18 7.38
CA ASN A 36 1.34 -2.32 7.54
C ASN A 36 1.87 -3.52 6.76
N VAL A 37 2.15 -4.64 7.43
CA VAL A 37 2.67 -5.88 6.84
C VAL A 37 1.72 -6.47 5.80
N GLU A 38 0.44 -6.46 6.12
CA GLU A 38 -0.62 -7.02 5.28
C GLU A 38 -0.79 -6.26 3.97
N VAL A 39 -0.30 -5.03 3.92
CA VAL A 39 -0.36 -4.16 2.78
C VAL A 39 1.00 -4.17 2.04
N ALA A 40 2.10 -4.11 2.77
CA ALA A 40 3.46 -4.10 2.23
C ALA A 40 3.82 -5.33 1.39
N ARG A 41 3.27 -6.51 1.68
CA ARG A 41 3.55 -7.74 0.93
C ARG A 41 3.28 -7.54 -0.56
N SER A 42 2.10 -7.06 -0.94
CA SER A 42 1.73 -6.83 -2.33
C SER A 42 2.64 -5.79 -3.00
N ILE A 43 3.11 -4.76 -2.28
CA ILE A 43 3.98 -3.75 -2.87
C ILE A 43 5.27 -4.43 -3.33
N LEU A 44 5.90 -5.19 -2.43
CA LEU A 44 7.14 -5.90 -2.70
C LEU A 44 6.94 -6.92 -3.82
N ARG A 45 5.75 -7.53 -3.92
CA ARG A 45 5.44 -8.49 -4.97
C ARG A 45 5.46 -7.82 -6.34
N GLU A 46 4.93 -6.61 -6.45
CA GLU A 46 4.90 -5.88 -7.71
C GLU A 46 6.33 -5.47 -8.11
N PHE A 47 7.08 -4.81 -7.21
CA PHE A 47 8.44 -4.37 -7.51
C PHE A 47 9.38 -5.55 -7.75
N SER A 48 9.44 -6.50 -6.82
CA SER A 48 10.29 -7.68 -6.89
C SER A 48 9.66 -8.81 -7.69
N GLY A 49 8.85 -8.50 -8.70
CA GLY A 49 8.22 -9.48 -9.57
C GLY A 49 9.24 -10.50 -10.09
N PRO A 50 10.31 -10.07 -10.78
CA PRO A 50 11.32 -10.95 -11.32
C PRO A 50 12.30 -11.49 -10.26
N SER A 51 11.98 -12.58 -9.57
CA SER A 51 12.82 -13.19 -8.55
C SER A 51 13.06 -14.68 -8.82
N SER A 52 12.09 -15.56 -8.54
CA SER A 52 12.21 -17.00 -8.72
C SER A 52 11.19 -17.56 -9.71
N GLY A 53 11.54 -17.59 -11.00
CA GLY A 53 10.68 -18.10 -12.07
C GLY A 53 9.69 -17.05 -12.46
N GLY B 1 -4.40 9.16 13.61
CA GLY B 1 -5.86 9.33 13.62
C GLY B 1 -6.52 8.36 12.67
N SER B 2 -6.70 7.10 13.08
CA SER B 2 -7.33 6.06 12.29
C SER B 2 -8.15 5.19 13.23
N SER B 3 -9.08 4.41 12.69
CA SER B 3 -9.94 3.52 13.46
C SER B 3 -9.80 2.09 12.94
N GLY B 4 -9.71 1.88 11.63
CA GLY B 4 -9.57 0.54 11.09
C GLY B 4 -10.02 0.48 9.64
N SER B 5 -10.77 -0.56 9.32
CA SER B 5 -11.32 -0.84 8.00
C SER B 5 -12.69 -0.14 7.85
N SER B 6 -13.34 -0.32 6.69
CA SER B 6 -14.64 0.24 6.37
C SER B 6 -15.42 -0.86 5.63
N GLY B 7 -16.48 -0.53 4.88
CA GLY B 7 -17.30 -1.50 4.16
C GLY B 7 -17.15 -1.43 2.64
N ASN B 8 -17.85 -0.49 2.00
CA ASN B 8 -17.88 -0.28 0.56
C ASN B 8 -16.49 0.00 -0.04
N VAL B 9 -16.19 -0.71 -1.13
CA VAL B 9 -14.94 -0.56 -1.89
C VAL B 9 -15.11 0.59 -2.90
N ASP B 10 -16.32 0.72 -3.42
CA ASP B 10 -16.78 1.70 -4.40
C ASP B 10 -16.49 3.12 -3.94
N ALA B 11 -16.78 3.40 -2.67
CA ALA B 11 -16.58 4.70 -2.03
C ALA B 11 -15.12 5.14 -2.12
N LYS B 12 -14.19 4.19 -2.03
CA LYS B 12 -12.75 4.43 -2.08
C LYS B 12 -12.34 4.75 -3.50
N ILE B 13 -12.88 4.01 -4.48
CA ILE B 13 -12.58 4.22 -5.89
C ILE B 13 -12.97 5.67 -6.23
N ALA B 14 -14.21 6.07 -5.92
CA ALA B 14 -14.67 7.44 -6.21
C ALA B 14 -13.82 8.50 -5.49
N LYS B 15 -13.22 8.17 -4.35
CA LYS B 15 -12.40 9.10 -3.59
C LYS B 15 -11.15 9.47 -4.40
N LEU B 16 -10.26 8.51 -4.62
CA LEU B 16 -9.03 8.74 -5.36
C LEU B 16 -9.32 9.22 -6.79
N MET B 17 -10.39 8.74 -7.44
CA MET B 17 -10.69 9.20 -8.80
C MET B 17 -10.85 10.73 -8.84
N GLY B 18 -11.28 11.36 -7.74
CA GLY B 18 -11.45 12.81 -7.67
C GLY B 18 -10.13 13.55 -7.49
N GLU B 19 -9.08 12.88 -7.01
CA GLU B 19 -7.75 13.43 -6.77
C GLU B 19 -6.92 13.58 -8.06
N GLY B 20 -7.48 13.19 -9.22
CA GLY B 20 -6.80 13.30 -10.51
C GLY B 20 -6.16 12.00 -10.98
N TYR B 21 -6.89 10.87 -10.89
CA TYR B 21 -6.41 9.56 -11.32
C TYR B 21 -7.55 8.81 -12.01
N ALA B 22 -7.20 7.96 -12.98
CA ALA B 22 -8.15 7.15 -13.73
C ALA B 22 -8.63 5.94 -12.94
N PHE B 23 -9.75 5.35 -13.36
CA PHE B 23 -10.35 4.18 -12.73
C PHE B 23 -9.37 3.02 -12.61
N GLU B 24 -8.65 2.71 -13.69
CA GLU B 24 -7.69 1.61 -13.72
C GLU B 24 -6.65 1.77 -12.62
N GLU B 25 -6.03 2.96 -12.57
CA GLU B 25 -4.98 3.32 -11.63
C GLU B 25 -5.45 3.16 -10.20
N VAL B 26 -6.62 3.73 -9.91
CA VAL B 26 -7.24 3.71 -8.60
C VAL B 26 -7.55 2.29 -8.17
N LYS B 27 -8.33 1.55 -8.96
CA LYS B 27 -8.68 0.17 -8.61
C LYS B 27 -7.41 -0.66 -8.41
N ARG B 28 -6.37 -0.42 -9.20
CA ARG B 28 -5.11 -1.15 -9.09
C ARG B 28 -4.49 -0.85 -7.73
N ALA B 29 -4.38 0.43 -7.39
CA ALA B 29 -3.81 0.88 -6.13
C ALA B 29 -4.59 0.36 -4.93
N LEU B 30 -5.93 0.40 -4.94
CA LEU B 30 -6.73 -0.08 -3.82
C LEU B 30 -6.58 -1.59 -3.63
N GLU B 31 -6.42 -2.37 -4.70
CA GLU B 31 -6.25 -3.80 -4.57
C GLU B 31 -4.97 -4.09 -3.79
N ILE B 32 -3.90 -3.36 -4.11
CA ILE B 32 -2.59 -3.46 -3.50
C ILE B 32 -2.70 -2.95 -2.04
N ALA B 33 -3.30 -1.80 -1.80
CA ALA B 33 -3.52 -1.11 -0.53
C ALA B 33 -4.52 -1.76 0.43
N GLN B 34 -4.92 -3.03 0.23
CA GLN B 34 -5.90 -3.71 1.10
C GLN B 34 -7.20 -2.88 1.23
N ASN B 35 -7.61 -2.23 0.14
CA ASN B 35 -8.79 -1.39 0.04
C ASN B 35 -8.76 -0.29 1.11
N ASN B 36 -7.67 0.49 1.17
CA ASN B 36 -7.49 1.58 2.13
C ASN B 36 -7.03 2.84 1.38
N VAL B 37 -7.85 3.89 1.39
CA VAL B 37 -7.60 5.18 0.74
C VAL B 37 -6.30 5.80 1.26
N GLU B 38 -6.06 5.71 2.57
CA GLU B 38 -4.90 6.27 3.26
C GLU B 38 -3.58 5.73 2.69
N VAL B 39 -3.60 4.51 2.15
CA VAL B 39 -2.44 3.86 1.59
C VAL B 39 -2.41 4.00 0.07
N ALA B 40 -3.55 3.81 -0.60
CA ALA B 40 -3.65 3.92 -2.06
C ALA B 40 -3.12 5.28 -2.54
N ARG B 41 -3.29 6.32 -1.71
CA ARG B 41 -2.84 7.67 -1.96
C ARG B 41 -1.33 7.69 -2.23
N SER B 42 -0.53 6.93 -1.47
CA SER B 42 0.91 6.86 -1.63
C SER B 42 1.29 5.98 -2.82
N ILE B 43 0.51 4.93 -3.12
CA ILE B 43 0.79 4.04 -4.25
C ILE B 43 0.65 4.84 -5.53
N LEU B 44 -0.47 5.56 -5.68
CA LEU B 44 -0.75 6.38 -6.85
C LEU B 44 0.34 7.43 -7.04
N ARG B 45 0.95 7.93 -5.95
CA ARG B 45 2.02 8.91 -6.02
C ARG B 45 3.27 8.36 -6.67
N GLU B 46 3.48 7.04 -6.63
CA GLU B 46 4.65 6.42 -7.24
C GLU B 46 4.38 6.28 -8.74
N PHE B 47 3.30 5.57 -9.11
CA PHE B 47 2.93 5.31 -10.50
C PHE B 47 2.61 6.60 -11.26
N SER B 48 1.77 7.46 -10.71
CA SER B 48 1.39 8.71 -11.33
C SER B 48 2.37 9.79 -10.86
N GLY B 49 3.66 9.50 -11.00
CA GLY B 49 4.75 10.39 -10.66
C GLY B 49 4.80 11.51 -11.71
N PRO B 50 5.13 11.19 -12.97
CA PRO B 50 5.19 12.19 -14.04
C PRO B 50 3.77 12.63 -14.40
N SER B 51 3.36 13.84 -13.99
CA SER B 51 2.04 14.39 -14.28
C SER B 51 2.11 15.90 -14.39
N SER B 52 2.73 16.58 -13.41
CA SER B 52 2.85 18.03 -13.38
C SER B 52 4.10 18.55 -12.65
N GLY B 53 5.15 17.75 -12.57
CA GLY B 53 6.41 18.06 -11.91
C GLY B 53 6.72 16.87 -11.02
N GLY A 1 -9.25 -7.49 21.61
CA GLY A 1 -8.63 -7.18 20.32
C GLY A 1 -7.78 -8.34 19.84
N SER A 2 -7.18 -8.23 18.67
CA SER A 2 -6.32 -9.24 18.08
C SER A 2 -5.41 -8.59 17.03
N SER A 3 -5.97 -8.23 15.87
CA SER A 3 -5.24 -7.63 14.78
C SER A 3 -4.70 -6.23 15.07
N GLY A 4 -5.58 -5.22 15.19
CA GLY A 4 -5.16 -3.85 15.43
C GLY A 4 -4.63 -3.26 14.10
N SER A 5 -4.27 -1.97 14.11
CA SER A 5 -3.76 -1.27 12.94
C SER A 5 -2.55 -0.47 13.44
N SER A 6 -1.40 -0.62 12.80
CA SER A 6 -0.14 0.03 13.16
C SER A 6 0.30 -0.33 14.59
N GLY A 7 1.45 0.22 15.00
CA GLY A 7 2.09 0.03 16.29
C GLY A 7 3.58 0.02 16.00
N ASN A 8 4.20 -1.15 16.04
CA ASN A 8 5.63 -1.30 15.78
C ASN A 8 5.96 -0.92 14.33
N VAL A 9 7.25 -0.71 14.04
CA VAL A 9 7.76 -0.33 12.74
C VAL A 9 8.94 -1.22 12.39
N ASP A 10 10.03 -1.18 13.16
CA ASP A 10 11.23 -2.00 12.91
C ASP A 10 10.89 -3.49 12.93
N ALA A 11 9.93 -3.88 13.78
CA ALA A 11 9.49 -5.26 13.91
C ALA A 11 8.85 -5.78 12.61
N LYS A 12 8.48 -4.88 11.70
CA LYS A 12 7.86 -5.21 10.41
C LYS A 12 8.93 -5.31 9.34
N ILE A 13 9.97 -4.48 9.42
CA ILE A 13 11.07 -4.48 8.45
C ILE A 13 11.67 -5.89 8.47
N ALA A 14 12.12 -6.38 9.64
CA ALA A 14 12.69 -7.70 9.76
C ALA A 14 11.72 -8.80 9.30
N LYS A 15 10.41 -8.55 9.41
CA LYS A 15 9.36 -9.48 9.01
C LYS A 15 9.39 -9.65 7.49
N LEU A 16 9.16 -8.57 6.72
CA LEU A 16 9.18 -8.63 5.26
C LEU A 16 10.56 -9.06 4.78
N MET A 17 11.64 -8.66 5.46
CA MET A 17 13.00 -9.06 5.07
C MET A 17 13.13 -10.59 5.15
N GLY A 18 12.32 -11.26 5.96
CA GLY A 18 12.29 -12.70 6.14
C GLY A 18 11.60 -13.41 4.97
N GLU A 19 10.91 -12.67 4.10
CA GLU A 19 10.25 -13.24 2.94
C GLU A 19 11.33 -13.41 1.88
N GLY A 20 12.07 -12.33 1.62
CA GLY A 20 13.16 -12.31 0.64
C GLY A 20 13.08 -11.07 -0.23
N TYR A 21 13.26 -9.90 0.36
CA TYR A 21 13.25 -8.60 -0.30
C TYR A 21 14.43 -7.80 0.26
N ALA A 22 15.00 -6.87 -0.50
CA ALA A 22 16.13 -6.09 0.02
C ALA A 22 15.61 -5.03 0.99
N PHE A 23 16.44 -4.68 1.98
CA PHE A 23 16.15 -3.72 3.05
C PHE A 23 15.61 -2.39 2.55
N GLU A 24 16.18 -1.88 1.46
CA GLU A 24 15.76 -0.61 0.91
C GLU A 24 14.32 -0.69 0.38
N GLU A 25 13.97 -1.79 -0.28
CA GLU A 25 12.66 -2.07 -0.87
C GLU A 25 11.66 -2.21 0.25
N VAL A 26 12.03 -2.97 1.28
CA VAL A 26 11.22 -3.23 2.45
C VAL A 26 10.88 -1.92 3.14
N LYS A 27 11.88 -1.14 3.53
CA LYS A 27 11.63 0.13 4.21
C LYS A 27 10.78 1.05 3.35
N ARG A 28 10.96 1.01 2.03
CA ARG A 28 10.20 1.88 1.15
C ARG A 28 8.74 1.42 1.17
N ALA A 29 8.50 0.14 0.91
CA ALA A 29 7.18 -0.45 0.89
C ALA A 29 6.47 -0.20 2.21
N LEU A 30 7.14 -0.37 3.35
CA LEU A 30 6.54 -0.15 4.66
C LEU A 30 6.11 1.31 4.78
N GLU A 31 6.87 2.30 4.31
CA GLU A 31 6.47 3.70 4.41
C GLU A 31 5.21 3.93 3.59
N ILE A 32 5.23 3.54 2.32
CA ILE A 32 4.11 3.67 1.38
C ILE A 32 2.87 3.04 2.03
N ALA A 33 3.03 1.83 2.59
CA ALA A 33 2.01 1.03 3.25
C ALA A 33 1.56 1.60 4.60
N GLN A 34 1.93 2.81 5.00
CA GLN A 34 1.56 3.42 6.28
C GLN A 34 2.00 2.50 7.44
N ASN A 35 3.12 1.78 7.24
CA ASN A 35 3.79 0.82 8.11
C ASN A 35 2.93 -0.42 8.36
N ASN A 36 2.05 -0.82 7.45
CA ASN A 36 1.21 -1.99 7.60
C ASN A 36 1.83 -3.18 6.85
N VAL A 37 2.14 -4.29 7.52
CA VAL A 37 2.73 -5.49 6.90
C VAL A 37 1.79 -6.06 5.84
N GLU A 38 0.50 -6.18 6.16
CA GLU A 38 -0.48 -6.76 5.23
C GLU A 38 -0.58 -5.98 3.94
N VAL A 39 -0.36 -4.67 3.98
CA VAL A 39 -0.44 -3.84 2.81
C VAL A 39 0.93 -3.82 2.09
N ALA A 40 2.03 -3.77 2.85
CA ALA A 40 3.38 -3.77 2.31
C ALA A 40 3.65 -5.02 1.50
N ARG A 41 3.03 -6.15 1.87
CA ARG A 41 3.17 -7.43 1.18
C ARG A 41 2.81 -7.24 -0.29
N SER A 42 1.63 -6.70 -0.58
CA SER A 42 1.17 -6.45 -1.94
C SER A 42 2.13 -5.54 -2.72
N ILE A 43 2.65 -4.48 -2.09
CA ILE A 43 3.57 -3.54 -2.73
C ILE A 43 4.82 -4.27 -3.18
N LEU A 44 5.41 -5.06 -2.27
CA LEU A 44 6.62 -5.80 -2.57
C LEU A 44 6.40 -6.79 -3.70
N ARG A 45 5.18 -7.33 -3.89
CA ARG A 45 4.94 -8.27 -5.00
C ARG A 45 5.05 -7.56 -6.34
N GLU A 46 4.69 -6.28 -6.41
CA GLU A 46 4.78 -5.54 -7.66
C GLU A 46 6.23 -5.18 -7.96
N PHE A 47 6.99 -4.71 -6.97
CA PHE A 47 8.39 -4.33 -7.18
C PHE A 47 9.27 -5.58 -7.41
N SER A 48 9.20 -6.55 -6.50
CA SER A 48 9.97 -7.78 -6.56
C SER A 48 9.22 -8.78 -7.44
N GLY A 49 9.28 -8.57 -8.75
CA GLY A 49 8.65 -9.48 -9.70
C GLY A 49 9.55 -10.71 -9.85
N PRO A 50 9.18 -11.69 -10.70
CA PRO A 50 10.00 -12.88 -10.91
C PRO A 50 11.38 -12.43 -11.40
N SER A 51 12.45 -13.07 -10.91
CA SER A 51 13.82 -12.72 -11.27
C SER A 51 14.74 -13.94 -11.27
N SER A 52 14.19 -15.10 -11.67
CA SER A 52 14.86 -16.39 -11.73
C SER A 52 15.28 -16.87 -10.33
N GLY A 53 15.72 -18.12 -10.28
CA GLY A 53 16.18 -18.86 -9.13
C GLY A 53 16.05 -20.32 -9.50
N GLY B 1 -15.65 5.38 17.31
CA GLY B 1 -15.62 4.99 15.89
C GLY B 1 -15.94 6.18 15.00
N SER B 2 -14.92 6.73 14.34
CA SER B 2 -15.00 7.88 13.45
C SER B 2 -14.34 7.64 12.09
N SER B 3 -13.56 6.57 11.92
CA SER B 3 -12.87 6.24 10.68
C SER B 3 -13.06 4.77 10.34
N GLY B 4 -12.76 3.86 11.27
CA GLY B 4 -12.91 2.42 11.07
C GLY B 4 -11.81 1.84 10.18
N SER B 5 -12.01 0.61 9.72
CA SER B 5 -11.12 -0.14 8.85
C SER B 5 -12.02 -0.98 7.95
N SER B 6 -11.71 -1.03 6.65
CA SER B 6 -12.46 -1.76 5.62
C SER B 6 -13.90 -1.26 5.50
N GLY B 7 -14.64 -1.78 4.51
CA GLY B 7 -16.03 -1.41 4.25
C GLY B 7 -16.30 -1.50 2.75
N ASN B 8 -16.94 -0.47 2.19
CA ASN B 8 -17.28 -0.38 0.77
C ASN B 8 -16.00 -0.28 -0.05
N VAL B 9 -16.08 -0.42 -1.37
CA VAL B 9 -14.92 -0.33 -2.26
C VAL B 9 -15.19 0.69 -3.38
N ASP B 10 -16.41 0.75 -3.92
CA ASP B 10 -16.73 1.68 -5.00
C ASP B 10 -16.55 3.11 -4.51
N ALA B 11 -17.06 3.46 -3.32
CA ALA B 11 -16.90 4.79 -2.74
C ALA B 11 -15.43 5.12 -2.45
N LYS B 12 -14.53 4.13 -2.46
CA LYS B 12 -13.10 4.32 -2.23
C LYS B 12 -12.48 4.63 -3.58
N ILE B 13 -12.82 3.87 -4.62
CA ILE B 13 -12.33 4.06 -5.98
C ILE B 13 -12.72 5.49 -6.39
N ALA B 14 -14.00 5.83 -6.24
CA ALA B 14 -14.52 7.14 -6.57
C ALA B 14 -13.90 8.29 -5.76
N LYS B 15 -13.17 7.98 -4.67
CA LYS B 15 -12.50 8.97 -3.83
C LYS B 15 -11.21 9.39 -4.53
N LEU B 16 -10.29 8.45 -4.74
CA LEU B 16 -9.00 8.70 -5.39
C LEU B 16 -9.23 9.24 -6.80
N MET B 17 -10.29 8.82 -7.49
CA MET B 17 -10.59 9.30 -8.83
C MET B 17 -10.73 10.83 -8.87
N GLY B 18 -11.03 11.48 -7.75
CA GLY B 18 -11.15 12.94 -7.68
C GLY B 18 -9.80 13.62 -7.50
N GLU B 19 -8.77 12.91 -7.00
CA GLU B 19 -7.43 13.43 -6.74
C GLU B 19 -6.56 13.54 -7.99
N GLY B 20 -7.06 13.12 -9.16
CA GLY B 20 -6.32 13.20 -10.42
C GLY B 20 -5.65 11.88 -10.80
N TYR B 21 -6.33 10.75 -10.62
CA TYR B 21 -5.79 9.43 -10.96
C TYR B 21 -6.78 8.71 -11.87
N ALA B 22 -6.27 7.78 -12.69
CA ALA B 22 -7.06 6.99 -13.63
C ALA B 22 -7.77 5.81 -12.93
N PHE B 23 -8.95 5.41 -13.43
CA PHE B 23 -9.73 4.32 -12.87
C PHE B 23 -8.91 3.05 -12.76
N GLU B 24 -8.13 2.73 -13.79
CA GLU B 24 -7.27 1.56 -13.84
C GLU B 24 -6.34 1.55 -12.63
N GLU B 25 -5.57 2.63 -12.48
CA GLU B 25 -4.60 2.87 -11.43
C GLU B 25 -5.26 2.83 -10.06
N VAL B 26 -6.39 3.53 -9.91
CA VAL B 26 -7.12 3.59 -8.66
C VAL B 26 -7.55 2.19 -8.24
N LYS B 27 -8.23 1.46 -9.12
CA LYS B 27 -8.68 0.11 -8.82
C LYS B 27 -7.49 -0.76 -8.46
N ARG B 28 -6.38 -0.57 -9.17
CA ARG B 28 -5.19 -1.36 -8.93
C ARG B 28 -4.69 -1.05 -7.53
N ALA B 29 -4.48 0.22 -7.22
CA ALA B 29 -4.02 0.72 -5.94
C ALA B 29 -4.88 0.22 -4.80
N LEU B 30 -6.21 0.25 -4.90
CA LEU B 30 -7.08 -0.21 -3.82
C LEU B 30 -6.85 -1.69 -3.52
N GLU B 31 -6.69 -2.54 -4.53
CA GLU B 31 -6.48 -3.98 -4.35
C GLU B 31 -5.20 -4.24 -3.55
N ILE B 32 -4.12 -3.53 -3.91
CA ILE B 32 -2.81 -3.60 -3.30
C ILE B 32 -2.92 -3.09 -1.86
N ALA B 33 -3.54 -1.93 -1.68
CA ALA B 33 -3.79 -1.19 -0.44
C ALA B 33 -4.75 -1.89 0.55
N GLN B 34 -5.09 -3.17 0.38
CA GLN B 34 -6.02 -3.88 1.26
C GLN B 34 -7.37 -3.14 1.33
N ASN B 35 -7.75 -2.51 0.21
CA ASN B 35 -8.95 -1.72 -0.01
C ASN B 35 -9.00 -0.55 0.98
N ASN B 36 -7.91 0.19 1.11
CA ASN B 36 -7.78 1.33 2.01
C ASN B 36 -7.31 2.58 1.27
N VAL B 37 -8.13 3.64 1.28
CA VAL B 37 -7.83 4.92 0.63
C VAL B 37 -6.56 5.53 1.23
N GLU B 38 -6.41 5.46 2.55
CA GLU B 38 -5.27 6.03 3.25
C GLU B 38 -3.93 5.46 2.78
N VAL B 39 -3.93 4.25 2.23
CA VAL B 39 -2.71 3.64 1.72
C VAL B 39 -2.66 3.82 0.20
N ALA B 40 -3.81 3.67 -0.50
CA ALA B 40 -3.88 3.83 -1.95
C ALA B 40 -3.32 5.18 -2.38
N ARG B 41 -3.49 6.22 -1.56
CA ARG B 41 -2.98 7.56 -1.82
C ARG B 41 -1.47 7.48 -2.06
N SER B 42 -0.72 6.85 -1.15
CA SER B 42 0.72 6.70 -1.24
C SER B 42 1.19 5.94 -2.49
N ILE B 43 0.43 4.95 -2.93
CA ILE B 43 0.73 4.12 -4.10
C ILE B 43 0.68 5.01 -5.35
N LEU B 44 -0.47 5.66 -5.53
CA LEU B 44 -0.75 6.53 -6.66
C LEU B 44 0.28 7.67 -6.78
N ARG B 45 0.85 8.14 -5.67
CA ARG B 45 1.85 9.21 -5.73
C ARG B 45 3.11 8.75 -6.46
N GLU B 46 3.46 7.46 -6.36
CA GLU B 46 4.65 6.94 -7.03
C GLU B 46 4.33 6.59 -8.49
N PHE B 47 3.25 5.85 -8.74
CA PHE B 47 2.87 5.48 -10.10
C PHE B 47 2.53 6.70 -10.97
N SER B 48 1.64 7.55 -10.49
CA SER B 48 1.21 8.76 -11.18
C SER B 48 2.19 9.90 -10.86
N GLY B 49 3.46 9.69 -11.24
CA GLY B 49 4.56 10.61 -11.04
C GLY B 49 4.40 11.89 -11.87
N PRO B 50 5.36 12.83 -11.78
CA PRO B 50 5.32 14.09 -12.51
C PRO B 50 5.31 13.86 -14.02
N SER B 51 4.17 14.17 -14.65
CA SER B 51 3.89 14.03 -16.07
C SER B 51 3.53 15.38 -16.71
N SER B 52 3.84 16.49 -16.03
CA SER B 52 3.62 17.88 -16.43
C SER B 52 2.13 18.24 -16.59
N GLY B 53 1.88 19.53 -16.79
CA GLY B 53 0.56 20.12 -16.97
C GLY B 53 0.51 21.35 -16.11
N GLY A 1 -9.15 -5.84 10.17
CA GLY A 1 -8.80 -6.89 9.20
C GLY A 1 -8.19 -8.09 9.90
N SER A 2 -8.53 -9.31 9.46
CA SER A 2 -7.99 -10.54 10.05
C SER A 2 -6.46 -10.51 9.91
N SER A 3 -5.73 -10.81 10.99
CA SER A 3 -4.27 -10.82 11.11
C SER A 3 -3.68 -9.40 11.28
N GLY A 4 -4.50 -8.35 11.18
CA GLY A 4 -4.08 -6.97 11.31
C GLY A 4 -3.54 -6.58 12.69
N SER A 5 -2.62 -5.61 12.71
CA SER A 5 -1.97 -5.08 13.90
C SER A 5 -1.23 -3.79 13.50
N SER A 6 -1.12 -2.85 14.44
CA SER A 6 -0.46 -1.57 14.31
C SER A 6 0.28 -1.35 15.65
N GLY A 7 1.42 -0.67 15.62
CA GLY A 7 2.21 -0.39 16.80
C GLY A 7 3.71 -0.40 16.53
N ASN A 8 4.30 -1.58 16.26
CA ASN A 8 5.73 -1.67 16.00
C ASN A 8 6.06 -1.36 14.53
N VAL A 9 7.34 -1.23 14.20
CA VAL A 9 7.81 -0.93 12.84
C VAL A 9 8.99 -1.80 12.46
N ASP A 10 10.07 -1.86 13.25
CA ASP A 10 11.21 -2.69 12.88
C ASP A 10 10.84 -4.16 12.77
N ALA A 11 9.95 -4.64 13.66
CA ALA A 11 9.47 -6.02 13.67
C ALA A 11 8.70 -6.37 12.39
N LYS A 12 8.34 -5.37 11.59
CA LYS A 12 7.64 -5.48 10.32
C LYS A 12 8.68 -5.49 9.21
N ILE A 13 9.66 -4.60 9.29
CA ILE A 13 10.72 -4.53 8.30
C ILE A 13 11.42 -5.89 8.28
N ALA A 14 11.87 -6.35 9.45
CA ALA A 14 12.55 -7.64 9.57
C ALA A 14 11.66 -8.79 9.05
N LYS A 15 10.34 -8.64 9.12
CA LYS A 15 9.37 -9.62 8.66
C LYS A 15 9.46 -9.72 7.15
N LEU A 16 9.15 -8.63 6.44
CA LEU A 16 9.18 -8.59 4.98
C LEU A 16 10.58 -8.88 4.46
N MET A 17 11.65 -8.43 5.13
CA MET A 17 13.01 -8.72 4.68
C MET A 17 13.24 -10.23 4.60
N GLY A 18 12.54 -11.03 5.41
CA GLY A 18 12.66 -12.47 5.40
C GLY A 18 12.00 -13.09 4.16
N GLU A 19 11.15 -12.36 3.44
CA GLU A 19 10.48 -12.86 2.24
C GLU A 19 11.37 -12.76 0.99
N GLY A 20 12.59 -12.24 1.15
CA GLY A 20 13.59 -12.09 0.10
C GLY A 20 13.59 -10.69 -0.50
N TYR A 21 13.86 -9.66 0.30
CA TYR A 21 13.91 -8.28 -0.15
C TYR A 21 14.95 -7.49 0.62
N ALA A 22 15.54 -6.49 -0.03
CA ALA A 22 16.55 -5.62 0.55
C ALA A 22 15.85 -4.59 1.45
N PHE A 23 16.59 -4.04 2.41
CA PHE A 23 16.06 -3.08 3.37
C PHE A 23 15.46 -1.84 2.70
N GLU A 24 16.10 -1.30 1.66
CA GLU A 24 15.60 -0.10 0.98
C GLU A 24 14.20 -0.31 0.42
N GLU A 25 13.98 -1.44 -0.24
CA GLU A 25 12.72 -1.81 -0.86
C GLU A 25 11.64 -2.01 0.21
N VAL A 26 11.98 -2.78 1.24
CA VAL A 26 11.09 -3.07 2.35
C VAL A 26 10.66 -1.79 3.05
N LYS A 27 11.60 -0.91 3.34
CA LYS A 27 11.31 0.35 4.02
C LYS A 27 10.36 1.17 3.17
N ARG A 28 10.56 1.16 1.84
CA ARG A 28 9.72 1.92 0.92
C ARG A 28 8.30 1.40 1.05
N ALA A 29 8.13 0.08 0.89
CA ALA A 29 6.84 -0.56 0.98
C ALA A 29 6.17 -0.32 2.33
N LEU A 30 6.87 -0.48 3.45
CA LEU A 30 6.31 -0.26 4.78
C LEU A 30 5.82 1.18 4.93
N GLU A 31 6.63 2.18 4.53
CA GLU A 31 6.27 3.61 4.62
C GLU A 31 4.97 3.86 3.88
N ILE A 32 4.90 3.42 2.63
CA ILE A 32 3.73 3.58 1.77
C ILE A 32 2.53 2.92 2.48
N ALA A 33 2.71 1.71 3.00
CA ALA A 33 1.69 0.94 3.70
C ALA A 33 1.31 1.45 5.09
N GLN A 34 1.72 2.65 5.54
CA GLN A 34 1.42 3.15 6.90
C GLN A 34 1.91 2.11 7.92
N ASN A 35 3.05 1.49 7.62
CA ASN A 35 3.73 0.46 8.38
C ASN A 35 2.78 -0.71 8.66
N ASN A 36 2.09 -1.19 7.63
CA ASN A 36 1.14 -2.30 7.71
C ASN A 36 1.64 -3.48 6.88
N VAL A 37 2.16 -4.52 7.54
CA VAL A 37 2.70 -5.74 6.92
C VAL A 37 1.75 -6.33 5.88
N GLU A 38 0.46 -6.46 6.22
CA GLU A 38 -0.57 -7.02 5.36
C GLU A 38 -0.71 -6.30 4.02
N VAL A 39 -0.37 -5.00 3.96
CA VAL A 39 -0.45 -4.22 2.74
C VAL A 39 0.93 -4.10 2.09
N ALA A 40 1.99 -3.94 2.89
CA ALA A 40 3.37 -3.83 2.40
C ALA A 40 3.74 -5.02 1.52
N ARG A 41 3.22 -6.21 1.86
CA ARG A 41 3.48 -7.42 1.09
C ARG A 41 2.98 -7.24 -0.34
N SER A 42 1.75 -6.75 -0.50
CA SER A 42 1.16 -6.52 -1.80
C SER A 42 1.92 -5.43 -2.57
N ILE A 43 2.46 -4.42 -1.89
CA ILE A 43 3.24 -3.36 -2.55
C ILE A 43 4.49 -4.02 -3.15
N LEU A 44 5.25 -4.74 -2.32
CA LEU A 44 6.47 -5.43 -2.75
C LEU A 44 6.14 -6.43 -3.85
N ARG A 45 4.93 -6.99 -3.87
CA ARG A 45 4.53 -7.93 -4.90
C ARG A 45 4.46 -7.26 -6.25
N GLU A 46 3.97 -6.03 -6.36
CA GLU A 46 3.91 -5.32 -7.64
C GLU A 46 5.32 -4.95 -8.09
N PHE A 47 6.12 -4.38 -7.19
CA PHE A 47 7.49 -3.97 -7.48
C PHE A 47 8.34 -5.19 -7.86
N SER A 48 8.03 -6.36 -7.31
CA SER A 48 8.71 -7.63 -7.52
C SER A 48 7.73 -8.59 -8.20
N GLY A 49 7.11 -8.13 -9.29
CA GLY A 49 6.14 -8.89 -10.07
C GLY A 49 5.97 -8.30 -11.47
N PRO A 50 5.01 -8.81 -12.23
CA PRO A 50 4.72 -8.36 -13.59
C PRO A 50 3.94 -7.05 -13.61
N SER A 51 3.74 -6.53 -14.83
CA SER A 51 3.02 -5.30 -15.15
C SER A 51 3.65 -4.07 -14.47
N SER A 52 3.12 -2.88 -14.75
CA SER A 52 3.61 -1.62 -14.18
C SER A 52 2.45 -0.61 -14.10
N GLY A 53 2.75 0.65 -13.77
CA GLY A 53 1.80 1.73 -13.65
C GLY A 53 2.56 2.99 -13.97
N GLY B 1 -5.42 4.51 13.30
CA GLY B 1 -5.26 5.61 12.33
C GLY B 1 -6.40 6.60 12.46
N SER B 2 -6.09 7.87 12.76
CA SER B 2 -7.12 8.89 12.87
C SER B 2 -7.83 8.97 11.52
N SER B 3 -9.16 9.13 11.53
CA SER B 3 -10.00 9.20 10.34
C SER B 3 -9.99 7.94 9.47
N GLY B 4 -9.26 6.89 9.85
CA GLY B 4 -9.18 5.65 9.12
C GLY B 4 -10.49 4.87 9.23
N SER B 5 -10.64 3.87 8.36
CA SER B 5 -11.80 2.99 8.29
C SER B 5 -11.43 1.82 7.37
N SER B 6 -12.38 0.90 7.20
CA SER B 6 -12.35 -0.29 6.37
C SER B 6 -13.84 -0.57 6.15
N GLY B 7 -14.26 -0.82 4.92
CA GLY B 7 -15.66 -1.09 4.62
C GLY B 7 -15.93 -1.06 3.13
N ASN B 8 -16.58 0.01 2.66
CA ASN B 8 -16.95 0.21 1.25
C ASN B 8 -15.74 0.18 0.31
N VAL B 9 -15.97 -0.01 -0.99
CA VAL B 9 -14.91 -0.08 -1.99
C VAL B 9 -15.12 0.91 -3.13
N ASP B 10 -16.25 0.86 -3.84
CA ASP B 10 -16.53 1.76 -4.97
C ASP B 10 -16.35 3.23 -4.58
N ALA B 11 -16.78 3.63 -3.38
CA ALA B 11 -16.66 5.00 -2.88
C ALA B 11 -15.18 5.40 -2.72
N LYS B 12 -14.31 4.45 -2.35
CA LYS B 12 -12.89 4.68 -2.18
C LYS B 12 -12.27 4.91 -3.54
N ILE B 13 -12.67 4.15 -4.56
CA ILE B 13 -12.16 4.31 -5.92
C ILE B 13 -12.50 5.74 -6.34
N ALA B 14 -13.76 6.17 -6.16
CA ALA B 14 -14.17 7.52 -6.52
C ALA B 14 -13.30 8.56 -5.79
N LYS B 15 -13.01 8.31 -4.50
CA LYS B 15 -12.20 9.21 -3.70
C LYS B 15 -10.84 9.43 -4.35
N LEU B 16 -10.13 8.37 -4.73
CA LEU B 16 -8.83 8.47 -5.37
C LEU B 16 -8.95 9.03 -6.78
N MET B 17 -9.90 8.56 -7.60
CA MET B 17 -10.08 9.07 -8.97
C MET B 17 -10.23 10.57 -8.95
N GLY B 18 -10.94 11.10 -7.95
CA GLY B 18 -11.18 12.52 -7.77
C GLY B 18 -9.89 13.33 -7.62
N GLU B 19 -8.74 12.72 -7.32
CA GLU B 19 -7.47 13.42 -7.18
C GLU B 19 -6.74 13.49 -8.54
N GLY B 20 -7.24 12.77 -9.54
CA GLY B 20 -6.70 12.74 -10.89
C GLY B 20 -5.85 11.52 -11.16
N TYR B 21 -6.48 10.34 -11.19
CA TYR B 21 -5.86 9.07 -11.49
C TYR B 21 -6.88 8.25 -12.29
N ALA B 22 -6.40 7.34 -13.15
CA ALA B 22 -7.25 6.50 -13.97
C ALA B 22 -7.89 5.40 -13.14
N PHE B 23 -9.08 4.96 -13.53
CA PHE B 23 -9.82 3.92 -12.82
C PHE B 23 -8.99 2.64 -12.67
N GLU B 24 -8.28 2.23 -13.72
CA GLU B 24 -7.49 1.01 -13.68
C GLU B 24 -6.38 1.07 -12.62
N GLU B 25 -5.72 2.22 -12.52
CA GLU B 25 -4.63 2.51 -11.59
C GLU B 25 -5.16 2.51 -10.18
N VAL B 26 -6.24 3.24 -10.01
CA VAL B 26 -6.93 3.41 -8.74
C VAL B 26 -7.41 2.05 -8.22
N LYS B 27 -8.09 1.28 -9.07
CA LYS B 27 -8.58 -0.03 -8.69
C LYS B 27 -7.41 -0.88 -8.22
N ARG B 28 -6.26 -0.77 -8.90
CA ARG B 28 -5.07 -1.52 -8.55
C ARG B 28 -4.58 -1.06 -7.18
N ALA B 29 -4.46 0.26 -6.97
CA ALA B 29 -4.00 0.86 -5.74
C ALA B 29 -4.85 0.42 -4.55
N LEU B 30 -6.18 0.49 -4.67
CA LEU B 30 -7.07 0.09 -3.58
C LEU B 30 -6.93 -1.40 -3.31
N GLU B 31 -6.75 -2.23 -4.34
CA GLU B 31 -6.59 -3.69 -4.21
C GLU B 31 -5.36 -3.98 -3.37
N ILE B 32 -4.24 -3.35 -3.71
CA ILE B 32 -2.96 -3.50 -3.01
C ILE B 32 -3.17 -3.02 -1.58
N ALA B 33 -3.76 -1.82 -1.41
CA ALA B 33 -4.04 -1.17 -0.14
C ALA B 33 -5.11 -1.86 0.71
N GLN B 34 -5.64 -3.03 0.33
CA GLN B 34 -6.69 -3.73 1.07
C GLN B 34 -7.86 -2.76 1.35
N ASN B 35 -8.19 -2.01 0.31
CA ASN B 35 -9.21 -0.98 0.22
C ASN B 35 -9.01 0.11 1.26
N ASN B 36 -7.81 0.67 1.33
CA ASN B 36 -7.45 1.75 2.25
C ASN B 36 -7.10 2.98 1.40
N VAL B 37 -7.91 4.03 1.51
CA VAL B 37 -7.76 5.28 0.77
C VAL B 37 -6.41 5.97 1.03
N GLU B 38 -5.99 6.02 2.29
CA GLU B 38 -4.74 6.67 2.70
C GLU B 38 -3.55 6.00 2.04
N VAL B 39 -3.41 4.69 2.22
CA VAL B 39 -2.33 3.90 1.65
C VAL B 39 -2.41 3.98 0.12
N ALA B 40 -3.60 3.88 -0.47
CA ALA B 40 -3.76 3.96 -1.93
C ALA B 40 -3.19 5.27 -2.46
N ARG B 41 -3.32 6.36 -1.69
CA ARG B 41 -2.79 7.68 -2.05
C ARG B 41 -1.28 7.55 -2.24
N SER B 42 -0.57 7.07 -1.22
CA SER B 42 0.87 6.87 -1.24
C SER B 42 1.29 5.89 -2.34
N ILE B 43 0.50 4.84 -2.64
CA ILE B 43 0.82 3.87 -3.68
C ILE B 43 0.83 4.60 -5.04
N LEU B 44 -0.27 5.27 -5.36
CA LEU B 44 -0.40 6.02 -6.61
C LEU B 44 0.66 7.10 -6.70
N ARG B 45 1.16 7.59 -5.55
CA ARG B 45 2.18 8.61 -5.50
C ARG B 45 3.49 8.14 -6.13
N GLU B 46 3.83 6.85 -5.99
CA GLU B 46 5.05 6.27 -6.55
C GLU B 46 4.85 5.90 -8.02
N PHE B 47 3.73 5.23 -8.34
CA PHE B 47 3.44 4.83 -9.72
C PHE B 47 3.28 6.06 -10.60
N SER B 48 2.69 7.12 -10.07
CA SER B 48 2.43 8.36 -10.75
C SER B 48 3.21 9.45 -10.02
N GLY B 49 4.54 9.45 -10.20
CA GLY B 49 5.44 10.39 -9.59
C GLY B 49 6.90 9.99 -9.83
N PRO B 50 7.86 10.75 -9.26
CA PRO B 50 9.29 10.48 -9.39
C PRO B 50 9.69 9.33 -8.45
N SER B 51 10.95 8.93 -8.54
CA SER B 51 11.60 7.87 -7.75
C SER B 51 11.19 6.49 -8.27
N SER B 52 12.18 5.59 -8.36
CA SER B 52 12.01 4.23 -8.83
C SER B 52 12.59 3.23 -7.81
N GLY B 53 12.69 1.96 -8.18
CA GLY B 53 13.23 0.89 -7.37
C GLY B 53 13.42 -0.26 -8.32
N GLY A 1 -11.61 -11.98 17.13
CA GLY A 1 -10.23 -11.53 17.32
C GLY A 1 -9.78 -10.70 16.14
N SER A 2 -9.37 -9.45 16.37
CA SER A 2 -8.90 -8.50 15.38
C SER A 2 -7.91 -7.52 16.02
N SER A 3 -7.02 -6.92 15.24
CA SER A 3 -6.03 -5.95 15.68
C SER A 3 -5.57 -5.15 14.44
N GLY A 4 -6.25 -4.03 14.17
CA GLY A 4 -5.94 -3.16 13.02
C GLY A 4 -4.97 -2.05 13.42
N SER A 5 -4.54 -2.03 14.67
CA SER A 5 -3.63 -1.04 15.25
C SER A 5 -2.19 -1.24 14.76
N SER A 6 -1.31 -0.33 15.19
CA SER A 6 0.10 -0.31 14.88
C SER A 6 0.83 -0.34 16.23
N GLY A 7 2.02 0.26 16.31
CA GLY A 7 2.84 0.34 17.50
C GLY A 7 4.28 -0.10 17.25
N ASN A 8 4.61 -0.57 16.05
CA ASN A 8 5.96 -1.00 15.71
C ASN A 8 6.24 -0.67 14.24
N VAL A 9 7.52 -0.49 13.92
CA VAL A 9 8.06 -0.17 12.60
C VAL A 9 9.24 -1.10 12.33
N ASP A 10 10.24 -1.13 13.23
CA ASP A 10 11.43 -1.97 13.08
C ASP A 10 11.06 -3.45 12.96
N ALA A 11 10.18 -3.93 13.84
CA ALA A 11 9.74 -5.33 13.78
C ALA A 11 8.98 -5.66 12.50
N LYS A 12 8.61 -4.67 11.67
CA LYS A 12 7.91 -4.87 10.42
C LYS A 12 8.97 -5.01 9.33
N ILE A 13 10.11 -4.31 9.45
CA ILE A 13 11.21 -4.40 8.49
C ILE A 13 11.68 -5.85 8.47
N ALA A 14 12.08 -6.35 9.64
CA ALA A 14 12.56 -7.71 9.79
C ALA A 14 11.49 -8.75 9.39
N LYS A 15 10.22 -8.36 9.29
CA LYS A 15 9.13 -9.23 8.89
C LYS A 15 9.25 -9.45 7.38
N LEU A 16 9.07 -8.38 6.59
CA LEU A 16 9.11 -8.44 5.14
C LEU A 16 10.46 -8.94 4.62
N MET A 17 11.58 -8.58 5.26
CA MET A 17 12.89 -9.05 4.80
C MET A 17 12.91 -10.59 4.74
N GLY A 18 12.23 -11.27 5.67
CA GLY A 18 12.16 -12.72 5.73
C GLY A 18 11.34 -13.33 4.58
N GLU A 19 10.59 -12.52 3.83
CA GLU A 19 9.79 -13.00 2.69
C GLU A 19 10.64 -13.02 1.42
N GLY A 20 11.92 -12.65 1.53
CA GLY A 20 12.91 -12.62 0.46
C GLY A 20 13.00 -11.29 -0.25
N TYR A 21 13.21 -10.20 0.49
CA TYR A 21 13.36 -8.85 -0.06
C TYR A 21 14.52 -8.13 0.63
N ALA A 22 15.07 -7.09 0.01
CA ALA A 22 16.19 -6.33 0.56
C ALA A 22 15.67 -5.20 1.44
N PHE A 23 16.43 -4.80 2.46
CA PHE A 23 16.08 -3.76 3.42
C PHE A 23 15.65 -2.45 2.76
N GLU A 24 16.36 -2.00 1.74
CA GLU A 24 16.04 -0.75 1.08
C GLU A 24 14.63 -0.76 0.49
N GLU A 25 14.25 -1.88 -0.14
CA GLU A 25 12.93 -2.06 -0.77
C GLU A 25 11.86 -2.18 0.31
N VAL A 26 12.18 -2.86 1.41
CA VAL A 26 11.27 -3.03 2.53
C VAL A 26 10.97 -1.67 3.15
N LYS A 27 11.99 -0.83 3.34
CA LYS A 27 11.80 0.49 3.92
C LYS A 27 10.87 1.33 3.02
N ARG A 28 10.91 1.11 1.70
CA ARG A 28 10.07 1.81 0.73
C ARG A 28 8.64 1.29 0.85
N ALA A 29 8.45 -0.02 0.85
CA ALA A 29 7.16 -0.68 0.94
C ALA A 29 6.38 -0.30 2.20
N LEU A 30 6.99 -0.36 3.38
CA LEU A 30 6.27 -0.03 4.61
C LEU A 30 5.87 1.44 4.64
N GLU A 31 6.69 2.36 4.10
CA GLU A 31 6.38 3.79 4.10
C GLU A 31 5.05 4.01 3.39
N ILE A 32 4.96 3.48 2.17
CA ILE A 32 3.80 3.57 1.32
C ILE A 32 2.62 2.90 2.07
N ALA A 33 2.84 1.70 2.61
CA ALA A 33 1.88 0.89 3.34
C ALA A 33 1.45 1.43 4.72
N GLN A 34 1.80 2.65 5.13
CA GLN A 34 1.45 3.19 6.46
C GLN A 34 1.90 2.20 7.55
N ASN A 35 3.11 1.68 7.38
CA ASN A 35 3.75 0.71 8.25
C ASN A 35 2.84 -0.49 8.54
N ASN A 36 2.17 -1.05 7.53
CA ASN A 36 1.29 -2.21 7.69
C ASN A 36 1.88 -3.36 6.88
N VAL A 37 2.33 -4.42 7.56
CA VAL A 37 2.93 -5.60 6.95
C VAL A 37 1.99 -6.20 5.88
N GLU A 38 0.71 -6.30 6.23
CA GLU A 38 -0.34 -6.87 5.40
C GLU A 38 -0.39 -6.22 4.00
N VAL A 39 -0.17 -4.92 3.92
CA VAL A 39 -0.19 -4.18 2.67
C VAL A 39 1.20 -4.15 2.04
N ALA A 40 2.27 -3.99 2.84
CA ALA A 40 3.63 -3.96 2.32
C ALA A 40 3.93 -5.25 1.54
N ARG A 41 3.34 -6.36 1.98
CA ARG A 41 3.48 -7.67 1.34
C ARG A 41 3.02 -7.53 -0.10
N SER A 42 1.81 -7.01 -0.32
CA SER A 42 1.24 -6.79 -1.64
C SER A 42 2.11 -5.85 -2.45
N ILE A 43 2.53 -4.72 -1.89
CA ILE A 43 3.38 -3.75 -2.59
C ILE A 43 4.64 -4.43 -3.14
N LEU A 44 5.31 -5.26 -2.34
CA LEU A 44 6.52 -5.95 -2.78
C LEU A 44 6.24 -6.96 -3.88
N ARG A 45 4.99 -7.42 -4.07
CA ARG A 45 4.67 -8.36 -5.16
C ARG A 45 4.86 -7.63 -6.49
N GLU A 46 4.54 -6.34 -6.55
CA GLU A 46 4.71 -5.56 -7.76
C GLU A 46 6.14 -5.06 -7.92
N PHE A 47 6.77 -4.54 -6.85
CA PHE A 47 8.15 -4.03 -6.91
C PHE A 47 9.19 -5.13 -7.14
N SER A 48 8.87 -6.37 -6.77
CA SER A 48 9.70 -7.55 -6.92
C SER A 48 8.77 -8.63 -7.47
N GLY A 49 8.52 -9.74 -6.76
CA GLY A 49 7.65 -10.82 -7.22
C GLY A 49 8.26 -12.18 -6.84
N PRO A 50 7.78 -13.29 -7.42
CA PRO A 50 8.29 -14.63 -7.17
C PRO A 50 9.61 -14.82 -7.92
N SER A 51 10.64 -15.37 -7.28
CA SER A 51 11.94 -15.58 -7.90
C SER A 51 12.57 -16.90 -7.48
N SER A 52 12.54 -17.91 -8.35
CA SER A 52 13.13 -19.21 -8.03
C SER A 52 14.67 -19.07 -8.03
N GLY A 53 15.37 -19.89 -7.25
CA GLY A 53 16.82 -19.85 -7.17
C GLY A 53 17.36 -20.96 -6.32
N GLY B 1 -12.07 9.80 18.07
CA GLY B 1 -12.21 9.42 16.67
C GLY B 1 -11.19 8.38 16.32
N SER B 2 -11.60 7.11 16.32
CA SER B 2 -10.79 5.94 16.01
C SER B 2 -11.68 5.11 15.09
N SER B 3 -11.40 5.10 13.79
CA SER B 3 -12.19 4.39 12.80
C SER B 3 -11.30 3.67 11.77
N GLY B 4 -10.26 2.97 12.23
CA GLY B 4 -9.33 2.22 11.40
C GLY B 4 -10.00 0.89 11.05
N SER B 5 -11.09 0.94 10.28
CA SER B 5 -11.91 -0.18 9.83
C SER B 5 -12.12 -0.08 8.31
N SER B 6 -12.93 -0.96 7.73
CA SER B 6 -13.22 -0.96 6.30
C SER B 6 -14.69 -1.31 6.05
N GLY B 7 -15.09 -1.41 4.78
CA GLY B 7 -16.43 -1.74 4.32
C GLY B 7 -16.49 -1.52 2.81
N ASN B 8 -17.28 -0.53 2.38
CA ASN B 8 -17.51 -0.12 0.99
C ASN B 8 -16.20 -0.04 0.19
N VAL B 9 -16.23 -0.50 -1.06
CA VAL B 9 -15.09 -0.52 -1.97
C VAL B 9 -15.23 0.58 -3.03
N ASP B 10 -16.31 0.61 -3.81
CA ASP B 10 -16.50 1.61 -4.87
C ASP B 10 -16.42 3.06 -4.38
N ALA B 11 -16.87 3.33 -3.14
CA ALA B 11 -16.81 4.66 -2.57
C ALA B 11 -15.34 5.13 -2.53
N LYS B 12 -14.43 4.21 -2.19
CA LYS B 12 -12.99 4.46 -2.12
C LYS B 12 -12.44 4.72 -3.50
N ILE B 13 -12.83 3.91 -4.49
CA ILE B 13 -12.37 4.06 -5.87
C ILE B 13 -12.68 5.49 -6.30
N ALA B 14 -13.96 5.88 -6.27
CA ALA B 14 -14.39 7.21 -6.65
C ALA B 14 -13.66 8.32 -5.88
N LYS B 15 -13.27 8.06 -4.62
CA LYS B 15 -12.54 9.00 -3.78
C LYS B 15 -11.24 9.39 -4.48
N LEU B 16 -10.36 8.43 -4.79
CA LEU B 16 -9.09 8.68 -5.45
C LEU B 16 -9.28 9.17 -6.87
N MET B 17 -10.29 8.68 -7.62
CA MET B 17 -10.50 9.12 -9.00
C MET B 17 -10.64 10.64 -9.04
N GLY B 18 -11.32 11.24 -8.05
CA GLY B 18 -11.51 12.68 -8.02
C GLY B 18 -10.20 13.44 -7.87
N GLU B 19 -9.14 12.79 -7.38
CA GLU B 19 -7.84 13.44 -7.19
C GLU B 19 -7.08 13.60 -8.51
N GLY B 20 -7.62 13.07 -9.61
CA GLY B 20 -7.03 13.17 -10.95
C GLY B 20 -6.53 11.86 -11.55
N TYR B 21 -6.57 10.75 -10.83
CA TYR B 21 -6.08 9.47 -11.34
C TYR B 21 -7.15 8.78 -12.19
N ALA B 22 -6.70 7.90 -13.09
CA ALA B 22 -7.56 7.14 -13.99
C ALA B 22 -8.12 5.94 -13.23
N PHE B 23 -9.23 5.37 -13.70
CA PHE B 23 -9.93 4.25 -13.10
C PHE B 23 -9.02 3.06 -12.85
N GLU B 24 -8.22 2.67 -13.84
CA GLU B 24 -7.33 1.52 -13.71
C GLU B 24 -6.31 1.71 -12.60
N GLU B 25 -5.69 2.89 -12.53
CA GLU B 25 -4.69 3.23 -11.53
C GLU B 25 -5.28 3.10 -10.14
N VAL B 26 -6.47 3.66 -9.95
CA VAL B 26 -7.15 3.63 -8.68
C VAL B 26 -7.49 2.18 -8.33
N LYS B 27 -8.11 1.45 -9.25
CA LYS B 27 -8.46 0.06 -8.98
C LYS B 27 -7.25 -0.77 -8.63
N ARG B 28 -6.12 -0.48 -9.26
CA ARG B 28 -4.87 -1.16 -9.05
C ARG B 28 -4.43 -0.87 -7.61
N ALA B 29 -4.23 0.40 -7.28
CA ALA B 29 -3.79 0.86 -5.98
C ALA B 29 -4.69 0.39 -4.84
N LEU B 30 -6.02 0.42 -5.00
CA LEU B 30 -6.92 0.00 -3.94
C LEU B 30 -6.75 -1.48 -3.63
N GLU B 31 -6.59 -2.37 -4.61
CA GLU B 31 -6.42 -3.80 -4.30
C GLU B 31 -5.13 -4.01 -3.51
N ILE B 32 -4.03 -3.44 -4.00
CA ILE B 32 -2.72 -3.55 -3.36
C ILE B 32 -2.84 -3.04 -1.93
N ALA B 33 -3.46 -1.86 -1.73
CA ALA B 33 -3.68 -1.22 -0.45
C ALA B 33 -4.69 -1.93 0.47
N GLN B 34 -5.15 -3.16 0.18
CA GLN B 34 -6.13 -3.86 0.99
C GLN B 34 -7.40 -3.00 1.15
N ASN B 35 -7.75 -2.30 0.07
CA ASN B 35 -8.86 -1.39 -0.09
C ASN B 35 -8.82 -0.30 0.98
N ASN B 36 -7.65 0.33 1.17
CA ASN B 36 -7.44 1.41 2.15
C ASN B 36 -7.07 2.67 1.38
N VAL B 37 -7.89 3.73 1.48
CA VAL B 37 -7.63 4.98 0.77
C VAL B 37 -6.35 5.68 1.24
N GLU B 38 -6.12 5.75 2.55
CA GLU B 38 -4.95 6.43 3.12
C GLU B 38 -3.67 5.84 2.54
N VAL B 39 -3.62 4.52 2.41
CA VAL B 39 -2.48 3.81 1.87
C VAL B 39 -2.46 3.95 0.34
N ALA B 40 -3.59 3.73 -0.33
CA ALA B 40 -3.68 3.84 -1.79
C ALA B 40 -3.24 5.21 -2.28
N ARG B 41 -3.45 6.27 -1.50
CA ARG B 41 -3.04 7.62 -1.85
C ARG B 41 -1.53 7.59 -2.03
N SER B 42 -0.79 7.05 -1.05
CA SER B 42 0.66 6.94 -1.10
C SER B 42 1.09 6.03 -2.26
N ILE B 43 0.36 4.97 -2.57
CA ILE B 43 0.71 4.07 -3.69
C ILE B 43 0.70 4.93 -4.97
N LEU B 44 -0.42 5.61 -5.23
CA LEU B 44 -0.60 6.47 -6.41
C LEU B 44 0.41 7.61 -6.42
N ARG B 45 0.84 8.09 -5.24
CA ARG B 45 1.82 9.18 -5.15
C ARG B 45 3.18 8.71 -5.65
N GLU B 46 3.55 7.45 -5.37
CA GLU B 46 4.81 6.88 -5.81
C GLU B 46 4.69 6.39 -7.26
N PHE B 47 3.55 5.80 -7.65
CA PHE B 47 3.29 5.27 -8.99
C PHE B 47 3.15 6.36 -10.05
N SER B 48 2.54 7.49 -9.72
CA SER B 48 2.33 8.58 -10.66
C SER B 48 3.26 9.74 -10.29
N GLY B 49 2.96 10.42 -9.19
CA GLY B 49 3.71 11.57 -8.72
C GLY B 49 2.82 12.81 -8.87
N PRO B 50 3.30 13.99 -8.47
CA PRO B 50 2.53 15.21 -8.58
C PRO B 50 2.49 15.63 -10.05
N SER B 51 1.36 16.23 -10.46
CA SER B 51 1.14 16.69 -11.83
C SER B 51 0.46 18.06 -11.76
N SER B 52 0.82 18.97 -12.67
CA SER B 52 0.30 20.33 -12.77
C SER B 52 0.49 20.82 -14.21
N GLY B 53 -0.30 21.80 -14.64
CA GLY B 53 -0.25 22.39 -15.98
C GLY B 53 -1.55 23.11 -16.28
N GLY A 1 -6.92 -11.53 13.12
CA GLY A 1 -6.78 -11.12 14.53
C GLY A 1 -5.44 -10.46 14.78
N SER A 2 -5.18 -9.36 14.07
CA SER A 2 -3.98 -8.55 14.13
C SER A 2 -4.36 -7.30 13.35
N SER A 3 -4.95 -6.31 14.03
CA SER A 3 -5.38 -5.08 13.38
C SER A 3 -4.17 -4.25 12.93
N GLY A 4 -4.40 -3.23 12.11
CA GLY A 4 -3.35 -2.38 11.60
C GLY A 4 -2.96 -1.27 12.59
N SER A 5 -1.86 -0.59 12.28
CA SER A 5 -1.28 0.52 13.03
C SER A 5 -1.03 0.18 14.53
N SER A 6 -0.55 -1.02 14.84
CA SER A 6 -0.27 -1.45 16.21
C SER A 6 0.72 -0.51 16.91
N GLY A 7 1.92 -0.26 16.35
CA GLY A 7 2.89 0.64 16.97
C GLY A 7 4.35 0.39 16.58
N ASN A 8 4.72 -0.83 16.19
CA ASN A 8 6.10 -1.14 15.80
C ASN A 8 6.29 -1.03 14.29
N VAL A 9 7.49 -0.65 13.87
CA VAL A 9 7.87 -0.51 12.47
C VAL A 9 9.07 -1.40 12.18
N ASP A 10 10.11 -1.37 13.03
CA ASP A 10 11.32 -2.18 12.84
C ASP A 10 10.99 -3.67 12.79
N ALA A 11 10.01 -4.11 13.58
CA ALA A 11 9.57 -5.50 13.60
C ALA A 11 8.98 -5.88 12.25
N LYS A 12 8.20 -4.97 11.66
CA LYS A 12 7.56 -5.18 10.36
C LYS A 12 8.63 -5.26 9.27
N ILE A 13 9.64 -4.38 9.34
CA ILE A 13 10.75 -4.35 8.39
C ILE A 13 11.43 -5.71 8.45
N ALA A 14 11.81 -6.17 9.64
CA ALA A 14 12.47 -7.47 9.81
C ALA A 14 11.60 -8.59 9.23
N LYS A 15 10.28 -8.56 9.50
CA LYS A 15 9.34 -9.56 9.00
C LYS A 15 9.40 -9.62 7.47
N LEU A 16 9.18 -8.50 6.77
CA LEU A 16 9.23 -8.47 5.32
C LEU A 16 10.61 -8.83 4.79
N MET A 17 11.70 -8.46 5.46
CA MET A 17 13.02 -8.84 4.99
C MET A 17 13.11 -10.38 4.96
N GLY A 18 12.33 -11.07 5.79
CA GLY A 18 12.24 -12.52 5.88
C GLY A 18 11.46 -13.13 4.71
N GLU A 19 10.92 -12.32 3.79
CA GLU A 19 10.18 -12.75 2.61
C GLU A 19 11.13 -12.75 1.39
N GLY A 20 12.41 -12.44 1.60
CA GLY A 20 13.45 -12.42 0.57
C GLY A 20 13.50 -11.12 -0.21
N TYR A 21 13.55 -9.98 0.47
CA TYR A 21 13.62 -8.67 -0.15
C TYR A 21 14.69 -7.84 0.55
N ALA A 22 15.33 -6.93 -0.18
CA ALA A 22 16.36 -6.08 0.37
C ALA A 22 15.74 -5.05 1.31
N PHE A 23 16.50 -4.60 2.31
CA PHE A 23 16.05 -3.63 3.28
C PHE A 23 15.49 -2.37 2.63
N GLU A 24 16.16 -1.87 1.59
CA GLU A 24 15.75 -0.65 0.91
C GLU A 24 14.40 -0.80 0.20
N GLU A 25 14.01 -2.01 -0.17
CA GLU A 25 12.75 -2.30 -0.85
C GLU A 25 11.65 -2.41 0.20
N VAL A 26 11.97 -3.11 1.30
CA VAL A 26 11.08 -3.34 2.41
C VAL A 26 10.71 -2.03 3.10
N LYS A 27 11.70 -1.25 3.51
CA LYS A 27 11.44 0.02 4.18
C LYS A 27 10.59 0.92 3.30
N ARG A 28 10.82 0.89 1.98
CA ARG A 28 10.07 1.69 1.04
C ARG A 28 8.62 1.29 1.11
N ALA A 29 8.36 -0.01 0.97
CA ALA A 29 7.03 -0.59 1.00
C ALA A 29 6.30 -0.29 2.31
N LEU A 30 6.97 -0.45 3.46
CA LEU A 30 6.35 -0.20 4.76
C LEU A 30 5.87 1.25 4.88
N GLU A 31 6.70 2.22 4.48
CA GLU A 31 6.36 3.63 4.53
C GLU A 31 5.09 3.91 3.73
N ILE A 32 5.07 3.47 2.47
CA ILE A 32 3.94 3.65 1.57
C ILE A 32 2.69 3.03 2.20
N ALA A 33 2.82 1.82 2.75
CA ALA A 33 1.79 1.03 3.41
C ALA A 33 1.32 1.57 4.77
N GLN A 34 1.78 2.74 5.23
CA GLN A 34 1.43 3.30 6.54
C GLN A 34 1.82 2.26 7.62
N ASN A 35 2.98 1.64 7.43
CA ASN A 35 3.61 0.61 8.24
C ASN A 35 2.66 -0.57 8.45
N ASN A 36 2.21 -1.20 7.36
CA ASN A 36 1.31 -2.35 7.37
C ASN A 36 1.99 -3.48 6.62
N VAL A 37 2.18 -4.63 7.28
CA VAL A 37 2.81 -5.81 6.69
C VAL A 37 2.03 -6.36 5.51
N GLU A 38 0.72 -6.52 5.63
CA GLU A 38 -0.11 -7.09 4.56
C GLU A 38 -0.04 -6.23 3.30
N VAL A 39 -0.17 -4.91 3.47
CA VAL A 39 -0.11 -3.99 2.35
C VAL A 39 1.34 -3.97 1.82
N ALA A 40 2.36 -3.96 2.68
CA ALA A 40 3.75 -3.94 2.24
C ALA A 40 4.06 -5.20 1.42
N ARG A 41 3.54 -6.37 1.82
CA ARG A 41 3.75 -7.62 1.08
C ARG A 41 3.20 -7.40 -0.32
N SER A 42 1.97 -6.88 -0.42
CA SER A 42 1.29 -6.59 -1.67
C SER A 42 2.11 -5.60 -2.52
N ILE A 43 2.72 -4.57 -1.93
CA ILE A 43 3.53 -3.58 -2.64
C ILE A 43 4.76 -4.30 -3.23
N LEU A 44 5.46 -5.10 -2.42
CA LEU A 44 6.63 -5.84 -2.88
C LEU A 44 6.23 -6.87 -3.94
N ARG A 45 4.99 -7.35 -3.91
CA ARG A 45 4.46 -8.30 -4.89
C ARG A 45 4.27 -7.63 -6.26
N GLU A 46 4.30 -6.30 -6.31
CA GLU A 46 4.16 -5.51 -7.53
C GLU A 46 5.55 -5.08 -7.99
N PHE A 47 6.34 -4.44 -7.11
CA PHE A 47 7.69 -3.99 -7.47
C PHE A 47 8.63 -5.16 -7.77
N SER A 48 8.72 -6.12 -6.87
CA SER A 48 9.59 -7.28 -7.03
C SER A 48 8.87 -8.32 -7.87
N GLY A 49 7.72 -8.82 -7.39
CA GLY A 49 6.96 -9.85 -8.09
C GLY A 49 7.75 -11.17 -8.15
N PRO A 50 7.22 -12.23 -8.79
CA PRO A 50 7.93 -13.49 -8.89
C PRO A 50 9.07 -13.35 -9.91
N SER A 51 10.10 -14.18 -9.79
CA SER A 51 11.27 -14.18 -10.68
C SER A 51 11.51 -15.60 -11.20
N SER A 52 11.36 -16.58 -10.31
CA SER A 52 11.52 -18.01 -10.53
C SER A 52 10.54 -18.75 -9.58
N GLY A 53 9.38 -18.15 -9.30
CA GLY A 53 8.37 -18.68 -8.41
C GLY A 53 7.47 -19.68 -9.10
N GLY B 1 -10.91 11.66 12.63
CA GLY B 1 -10.12 10.45 12.43
C GLY B 1 -11.01 9.29 12.01
N SER B 2 -10.50 8.41 11.16
CA SER B 2 -11.19 7.22 10.66
C SER B 2 -10.13 6.13 10.45
N SER B 3 -10.56 4.90 10.21
CA SER B 3 -9.69 3.74 10.00
C SER B 3 -10.01 3.04 8.69
N GLY B 4 -9.21 2.04 8.34
CA GLY B 4 -9.37 1.25 7.12
C GLY B 4 -10.39 0.12 7.34
N SER B 5 -10.37 -0.84 6.41
CA SER B 5 -11.20 -2.04 6.37
C SER B 5 -12.69 -1.84 6.70
N SER B 6 -13.26 -0.68 6.39
CA SER B 6 -14.66 -0.36 6.68
C SER B 6 -15.60 -1.39 6.02
N GLY B 7 -15.62 -1.45 4.68
CA GLY B 7 -16.46 -2.36 3.93
C GLY B 7 -16.45 -1.94 2.47
N ASN B 8 -17.21 -0.88 2.18
CA ASN B 8 -17.39 -0.28 0.85
C ASN B 8 -16.04 0.03 0.20
N VAL B 9 -15.91 -0.33 -1.07
CA VAL B 9 -14.70 -0.12 -1.87
C VAL B 9 -14.99 0.84 -3.04
N ASP B 10 -16.23 0.88 -3.51
CA ASP B 10 -16.70 1.70 -4.62
C ASP B 10 -16.45 3.18 -4.33
N ALA B 11 -16.90 3.66 -3.17
CA ALA B 11 -16.69 5.04 -2.76
C ALA B 11 -15.20 5.35 -2.54
N LYS B 12 -14.34 4.33 -2.38
CA LYS B 12 -12.91 4.53 -2.19
C LYS B 12 -12.27 4.72 -3.55
N ILE B 13 -12.68 3.92 -4.54
CA ILE B 13 -12.18 4.04 -5.90
C ILE B 13 -12.59 5.45 -6.36
N ALA B 14 -13.87 5.80 -6.18
CA ALA B 14 -14.40 7.10 -6.54
C ALA B 14 -13.63 8.25 -5.87
N LYS B 15 -13.15 8.07 -4.64
CA LYS B 15 -12.40 9.07 -3.90
C LYS B 15 -11.06 9.35 -4.58
N LEU B 16 -10.23 8.34 -4.79
CA LEU B 16 -8.93 8.54 -5.43
C LEU B 16 -9.13 9.03 -6.87
N MET B 17 -10.16 8.56 -7.58
CA MET B 17 -10.44 9.02 -8.94
C MET B 17 -10.76 10.53 -8.92
N GLY B 18 -11.24 11.04 -7.78
CA GLY B 18 -11.58 12.43 -7.58
C GLY B 18 -10.34 13.31 -7.56
N GLU B 19 -9.17 12.76 -7.22
CA GLU B 19 -7.91 13.50 -7.20
C GLU B 19 -7.58 13.82 -8.66
N GLY B 20 -7.51 12.77 -9.49
CA GLY B 20 -7.20 12.89 -10.91
C GLY B 20 -6.68 11.60 -11.54
N TYR B 21 -6.43 10.56 -10.74
CA TYR B 21 -5.92 9.30 -11.26
C TYR B 21 -7.01 8.55 -12.05
N ALA B 22 -6.60 7.67 -12.96
CA ALA B 22 -7.51 6.89 -13.80
C ALA B 22 -8.04 5.69 -13.02
N PHE B 23 -9.20 5.14 -13.41
CA PHE B 23 -9.80 3.98 -12.75
C PHE B 23 -8.81 2.81 -12.73
N GLU B 24 -8.12 2.56 -13.84
CA GLU B 24 -7.14 1.49 -13.99
C GLU B 24 -6.02 1.55 -12.96
N GLU B 25 -5.64 2.75 -12.55
CA GLU B 25 -4.58 3.03 -11.60
C GLU B 25 -5.15 2.94 -10.19
N VAL B 26 -6.27 3.60 -9.96
CA VAL B 26 -6.95 3.66 -8.68
C VAL B 26 -7.32 2.29 -8.18
N LYS B 27 -8.03 1.51 -8.98
CA LYS B 27 -8.45 0.17 -8.57
C LYS B 27 -7.22 -0.68 -8.24
N ARG B 28 -6.13 -0.49 -9.00
CA ARG B 28 -4.90 -1.23 -8.78
C ARG B 28 -4.37 -0.86 -7.39
N ALA B 29 -4.27 0.45 -7.11
CA ALA B 29 -3.79 0.96 -5.84
C ALA B 29 -4.66 0.53 -4.67
N LEU B 30 -6.00 0.58 -4.78
CA LEU B 30 -6.88 0.17 -3.69
C LEU B 30 -6.67 -1.30 -3.39
N GLU B 31 -6.52 -2.16 -4.40
CA GLU B 31 -6.30 -3.59 -4.22
C GLU B 31 -5.06 -3.83 -3.38
N ILE B 32 -3.95 -3.20 -3.77
CA ILE B 32 -2.68 -3.32 -3.08
C ILE B 32 -2.90 -2.84 -1.63
N ALA B 33 -3.57 -1.70 -1.45
CA ALA B 33 -3.89 -1.08 -0.17
C ALA B 33 -4.95 -1.82 0.65
N GLN B 34 -5.36 -3.04 0.27
CA GLN B 34 -6.40 -3.81 0.98
C GLN B 34 -7.70 -2.99 1.12
N ASN B 35 -7.97 -2.15 0.12
CA ASN B 35 -9.10 -1.25 -0.04
C ASN B 35 -9.07 -0.13 1.00
N ASN B 36 -7.91 0.55 1.14
CA ASN B 36 -7.73 1.65 2.07
C ASN B 36 -7.31 2.90 1.30
N VAL B 37 -8.14 3.96 1.32
CA VAL B 37 -7.92 5.24 0.65
C VAL B 37 -6.62 5.89 1.13
N GLU B 38 -6.43 5.90 2.45
CA GLU B 38 -5.28 6.53 3.11
C GLU B 38 -3.98 5.94 2.59
N VAL B 39 -3.92 4.62 2.44
CA VAL B 39 -2.72 3.95 1.94
C VAL B 39 -2.62 4.09 0.42
N ALA B 40 -3.74 3.96 -0.31
CA ALA B 40 -3.76 4.07 -1.76
C ALA B 40 -3.15 5.39 -2.25
N ARG B 41 -3.34 6.49 -1.50
CA ARG B 41 -2.77 7.79 -1.88
C ARG B 41 -1.26 7.68 -2.06
N SER B 42 -0.56 7.01 -1.14
CA SER B 42 0.88 6.84 -1.20
C SER B 42 1.29 5.97 -2.40
N ILE B 43 0.50 4.92 -2.70
CA ILE B 43 0.77 4.01 -3.81
C ILE B 43 0.72 4.81 -5.13
N LEU B 44 -0.35 5.58 -5.33
CA LEU B 44 -0.55 6.41 -6.52
C LEU B 44 0.55 7.49 -6.59
N ARG B 45 1.09 7.90 -5.44
CA ARG B 45 2.16 8.89 -5.37
C ARG B 45 3.46 8.33 -5.93
N GLU B 46 3.59 7.01 -6.08
CA GLU B 46 4.77 6.39 -6.66
C GLU B 46 4.51 5.99 -8.11
N PHE B 47 3.37 5.37 -8.42
CA PHE B 47 3.04 4.95 -9.78
C PHE B 47 2.86 6.14 -10.73
N SER B 48 2.41 7.29 -10.22
CA SER B 48 2.20 8.50 -10.99
C SER B 48 3.01 9.62 -10.34
N GLY B 49 2.81 9.88 -9.05
CA GLY B 49 3.56 10.92 -8.36
C GLY B 49 3.27 12.32 -8.88
N PRO B 50 4.23 13.26 -8.77
CA PRO B 50 4.09 14.63 -9.21
C PRO B 50 4.13 14.72 -10.74
N SER B 51 4.09 15.94 -11.28
CA SER B 51 4.14 16.20 -12.71
C SER B 51 4.55 17.67 -12.88
N SER B 52 3.60 18.57 -13.09
CA SER B 52 3.83 20.00 -13.25
C SER B 52 2.83 20.75 -12.38
N GLY B 53 2.86 20.46 -11.09
CA GLY B 53 2.03 21.06 -10.05
C GLY B 53 2.97 21.88 -9.22
N GLY A 1 -6.00 -13.28 8.32
CA GLY A 1 -5.03 -13.96 9.20
C GLY A 1 -5.47 -13.93 10.66
N SER A 2 -4.63 -14.47 11.55
CA SER A 2 -4.85 -14.57 12.99
C SER A 2 -5.06 -13.25 13.75
N SER A 3 -4.54 -12.12 13.28
CA SER A 3 -4.69 -10.84 13.96
C SER A 3 -4.35 -9.69 13.01
N GLY A 4 -4.62 -8.46 13.44
CA GLY A 4 -4.36 -7.24 12.69
C GLY A 4 -2.87 -6.86 12.73
N SER A 5 -2.53 -5.68 12.22
CA SER A 5 -1.14 -5.21 12.23
C SER A 5 -0.76 -4.82 13.66
N SER A 6 0.49 -5.08 14.03
CA SER A 6 1.05 -4.79 15.35
C SER A 6 2.57 -4.91 15.31
N GLY A 7 3.21 -4.72 16.47
CA GLY A 7 4.65 -4.77 16.63
C GLY A 7 5.26 -3.41 16.33
N ASN A 8 6.56 -3.27 16.59
CA ASN A 8 7.28 -2.02 16.32
C ASN A 8 7.55 -1.93 14.82
N VAL A 9 7.86 -0.75 14.32
CA VAL A 9 8.15 -0.52 12.89
C VAL A 9 9.26 -1.47 12.43
N ASP A 10 10.32 -1.58 13.24
CA ASP A 10 11.47 -2.44 12.95
C ASP A 10 11.04 -3.89 12.78
N ALA A 11 10.10 -4.36 13.62
CA ALA A 11 9.61 -5.72 13.56
C ALA A 11 8.92 -6.00 12.24
N LYS A 12 8.16 -5.01 11.74
CA LYS A 12 7.45 -5.13 10.47
C LYS A 12 8.48 -5.19 9.36
N ILE A 13 9.47 -4.30 9.36
CA ILE A 13 10.53 -4.27 8.36
C ILE A 13 11.20 -5.64 8.36
N ALA A 14 11.71 -6.08 9.52
CA ALA A 14 12.38 -7.36 9.66
C ALA A 14 11.49 -8.51 9.18
N LYS A 15 10.17 -8.45 9.36
CA LYS A 15 9.27 -9.50 8.90
C LYS A 15 9.33 -9.55 7.37
N LEU A 16 9.05 -8.45 6.67
CA LEU A 16 9.10 -8.42 5.22
C LEU A 16 10.49 -8.79 4.73
N MET A 17 11.57 -8.33 5.36
CA MET A 17 12.94 -8.69 4.95
C MET A 17 13.12 -10.21 5.06
N GLY A 18 12.46 -10.85 6.03
CA GLY A 18 12.50 -12.28 6.25
C GLY A 18 11.76 -13.04 5.14
N GLU A 19 10.96 -12.37 4.31
CA GLU A 19 10.24 -13.01 3.22
C GLU A 19 11.23 -13.22 2.08
N GLY A 20 12.19 -12.30 1.94
CA GLY A 20 13.23 -12.32 0.92
C GLY A 20 13.23 -11.03 0.11
N TYR A 21 13.58 -9.90 0.74
CA TYR A 21 13.67 -8.58 0.10
C TYR A 21 14.82 -7.77 0.69
N ALA A 22 15.33 -6.80 -0.08
CA ALA A 22 16.43 -5.92 0.30
C ALA A 22 15.92 -4.85 1.28
N PHE A 23 16.84 -4.26 2.04
CA PHE A 23 16.52 -3.25 3.04
C PHE A 23 15.83 -2.02 2.45
N GLU A 24 16.28 -1.49 1.30
CA GLU A 24 15.65 -0.30 0.75
C GLU A 24 14.24 -0.57 0.25
N GLU A 25 14.02 -1.70 -0.41
CA GLU A 25 12.72 -2.09 -0.94
C GLU A 25 11.71 -2.15 0.20
N VAL A 26 12.06 -2.84 1.28
CA VAL A 26 11.19 -2.98 2.44
C VAL A 26 10.95 -1.64 3.10
N LYS A 27 12.00 -0.83 3.30
CA LYS A 27 11.84 0.48 3.94
C LYS A 27 10.89 1.37 3.16
N ARG A 28 10.87 1.25 1.84
CA ARG A 28 9.98 2.03 0.99
C ARG A 28 8.58 1.45 1.11
N ALA A 29 8.41 0.15 0.91
CA ALA A 29 7.14 -0.55 0.97
C ALA A 29 6.41 -0.31 2.29
N LEU A 30 7.11 -0.43 3.43
CA LEU A 30 6.49 -0.22 4.73
C LEU A 30 5.98 1.21 4.86
N GLU A 31 6.75 2.21 4.45
CA GLU A 31 6.31 3.61 4.57
C GLU A 31 5.06 3.84 3.73
N ILE A 32 5.07 3.41 2.47
CA ILE A 32 3.94 3.55 1.57
C ILE A 32 2.73 2.88 2.24
N ALA A 33 2.91 1.67 2.77
CA ALA A 33 1.90 0.88 3.47
C ALA A 33 1.46 1.46 4.83
N GLN A 34 1.90 2.66 5.24
CA GLN A 34 1.56 3.24 6.54
C GLN A 34 1.94 2.21 7.62
N ASN A 35 3.12 1.62 7.43
CA ASN A 35 3.76 0.59 8.22
C ASN A 35 2.78 -0.57 8.49
N ASN A 36 2.11 -1.09 7.47
CA ASN A 36 1.18 -2.20 7.59
C ASN A 36 1.83 -3.39 6.89
N VAL A 37 2.12 -4.46 7.62
CA VAL A 37 2.76 -5.66 7.07
C VAL A 37 1.94 -6.28 5.94
N GLU A 38 0.65 -6.48 6.17
CA GLU A 38 -0.23 -7.10 5.17
C GLU A 38 -0.29 -6.29 3.88
N VAL A 39 -0.35 -4.95 3.96
CA VAL A 39 -0.40 -4.11 2.77
C VAL A 39 0.99 -4.08 2.11
N ALA A 40 2.08 -3.99 2.91
CA ALA A 40 3.42 -3.97 2.35
C ALA A 40 3.69 -5.24 1.54
N ARG A 41 3.12 -6.37 1.97
CA ARG A 41 3.27 -7.64 1.28
C ARG A 41 2.61 -7.60 -0.11
N SER A 42 1.68 -6.67 -0.36
CA SER A 42 1.00 -6.49 -1.63
C SER A 42 1.80 -5.50 -2.47
N ILE A 43 2.36 -4.45 -1.86
CA ILE A 43 3.17 -3.44 -2.57
C ILE A 43 4.34 -4.16 -3.26
N LEU A 44 5.02 -5.05 -2.53
CA LEU A 44 6.15 -5.80 -3.06
C LEU A 44 5.73 -6.85 -4.10
N ARG A 45 4.43 -7.13 -4.30
CA ARG A 45 4.01 -8.08 -5.33
C ARG A 45 4.31 -7.42 -6.67
N GLU A 46 4.03 -6.12 -6.78
CA GLU A 46 4.26 -5.35 -7.99
C GLU A 46 5.75 -5.05 -8.14
N PHE A 47 6.39 -4.52 -7.10
CA PHE A 47 7.82 -4.18 -7.16
C PHE A 47 8.74 -5.39 -7.37
N SER A 48 8.22 -6.61 -7.30
CA SER A 48 8.99 -7.84 -7.50
C SER A 48 8.21 -8.83 -8.39
N GLY A 49 7.24 -8.39 -9.19
CA GLY A 49 6.47 -9.31 -10.02
C GLY A 49 5.59 -8.62 -11.06
N PRO A 50 4.81 -9.43 -11.81
CA PRO A 50 3.92 -8.95 -12.84
C PRO A 50 2.72 -8.21 -12.27
N SER A 51 2.12 -7.39 -13.13
CA SER A 51 0.97 -6.56 -12.85
C SER A 51 -0.33 -7.28 -13.25
N SER A 52 -0.35 -7.87 -14.45
CA SER A 52 -1.48 -8.59 -15.01
C SER A 52 -0.97 -9.71 -15.92
N GLY A 53 -1.88 -10.45 -16.56
CA GLY A 53 -1.54 -11.55 -17.45
C GLY A 53 -1.40 -12.82 -16.65
N GLY B 1 -6.10 11.48 10.40
CA GLY B 1 -7.37 11.58 9.67
C GLY B 1 -8.50 11.81 10.66
N SER B 2 -9.47 12.66 10.29
CA SER B 2 -10.63 13.02 11.12
C SER B 2 -11.43 11.80 11.60
N SER B 3 -11.40 10.72 10.83
CA SER B 3 -12.08 9.47 11.13
C SER B 3 -11.32 8.37 10.37
N GLY B 4 -11.59 7.11 10.68
CA GLY B 4 -10.95 5.98 10.04
C GLY B 4 -11.40 5.79 8.59
N SER B 5 -10.83 4.78 7.94
CA SER B 5 -11.13 4.43 6.56
C SER B 5 -12.33 3.48 6.58
N SER B 6 -13.54 3.99 6.34
CA SER B 6 -14.79 3.22 6.32
C SER B 6 -15.49 3.38 4.97
N GLY B 7 -16.68 2.77 4.80
CA GLY B 7 -17.48 2.83 3.58
C GLY B 7 -17.20 1.63 2.67
N ASN B 8 -17.83 1.57 1.49
CA ASN B 8 -17.68 0.50 0.51
C ASN B 8 -16.48 0.75 -0.41
N VAL B 9 -15.94 -0.30 -1.01
CA VAL B 9 -14.80 -0.30 -1.92
C VAL B 9 -15.04 0.72 -3.06
N ASP B 10 -16.26 0.76 -3.59
CA ASP B 10 -16.69 1.65 -4.66
C ASP B 10 -16.39 3.11 -4.36
N ALA B 11 -16.81 3.60 -3.19
CA ALA B 11 -16.58 4.97 -2.78
C ALA B 11 -15.09 5.30 -2.65
N LYS B 12 -14.25 4.29 -2.39
CA LYS B 12 -12.81 4.50 -2.27
C LYS B 12 -12.25 4.76 -3.65
N ILE B 13 -12.72 4.03 -4.65
CA ILE B 13 -12.28 4.21 -6.03
C ILE B 13 -12.66 5.65 -6.40
N ALA B 14 -13.92 6.05 -6.18
CA ALA B 14 -14.35 7.40 -6.49
C ALA B 14 -13.50 8.43 -5.73
N LYS B 15 -13.18 8.17 -4.46
CA LYS B 15 -12.36 9.06 -3.63
C LYS B 15 -10.99 9.29 -4.26
N LEU B 16 -10.24 8.24 -4.60
CA LEU B 16 -8.94 8.43 -5.21
C LEU B 16 -9.07 9.01 -6.61
N MET B 17 -10.05 8.58 -7.43
CA MET B 17 -10.22 9.14 -8.77
C MET B 17 -10.38 10.67 -8.67
N GLY B 18 -11.05 11.13 -7.61
CA GLY B 18 -11.29 12.54 -7.33
C GLY B 18 -10.00 13.34 -7.13
N GLU B 19 -8.86 12.71 -6.86
CA GLU B 19 -7.56 13.37 -6.69
C GLU B 19 -6.89 13.56 -8.07
N GLY B 20 -7.48 13.04 -9.14
CA GLY B 20 -7.00 13.12 -10.51
C GLY B 20 -6.18 11.90 -10.91
N TYR B 21 -6.81 10.74 -11.00
CA TYR B 21 -6.17 9.48 -11.40
C TYR B 21 -7.11 8.67 -12.30
N ALA B 22 -6.57 7.72 -13.06
CA ALA B 22 -7.36 6.88 -13.95
C ALA B 22 -8.09 5.80 -13.17
N PHE B 23 -9.17 5.29 -13.74
CA PHE B 23 -9.95 4.23 -13.10
C PHE B 23 -9.09 2.98 -12.95
N GLU B 24 -8.35 2.59 -13.98
CA GLU B 24 -7.52 1.38 -13.95
C GLU B 24 -6.43 1.49 -12.88
N GLU B 25 -5.82 2.68 -12.77
CA GLU B 25 -4.76 3.00 -11.82
C GLU B 25 -5.32 2.89 -10.40
N VAL B 26 -6.42 3.58 -10.15
CA VAL B 26 -7.08 3.62 -8.87
C VAL B 26 -7.52 2.24 -8.42
N LYS B 27 -8.26 1.54 -9.28
CA LYS B 27 -8.76 0.21 -8.94
C LYS B 27 -7.59 -0.69 -8.56
N ARG B 28 -6.46 -0.58 -9.25
CA ARG B 28 -5.31 -1.41 -8.95
C ARG B 28 -4.69 -1.01 -7.62
N ALA B 29 -4.41 0.28 -7.43
CA ALA B 29 -3.80 0.78 -6.22
C ALA B 29 -4.65 0.45 -4.99
N LEU B 30 -5.99 0.53 -5.06
CA LEU B 30 -6.85 0.20 -3.93
C LEU B 30 -6.67 -1.28 -3.59
N GLU B 31 -6.61 -2.13 -4.61
CA GLU B 31 -6.44 -3.57 -4.50
C GLU B 31 -5.16 -3.88 -3.74
N ILE B 32 -4.06 -3.24 -4.13
CA ILE B 32 -2.77 -3.42 -3.49
C ILE B 32 -2.88 -2.92 -2.04
N ALA B 33 -3.49 -1.76 -1.82
CA ALA B 33 -3.70 -1.11 -0.54
C ALA B 33 -4.67 -1.82 0.41
N GLN B 34 -5.05 -3.09 0.17
CA GLN B 34 -6.01 -3.81 1.02
C GLN B 34 -7.29 -2.96 1.13
N ASN B 35 -7.71 -2.39 -0.01
CA ASN B 35 -8.85 -1.52 -0.23
C ASN B 35 -8.84 -0.34 0.75
N ASN B 36 -7.68 0.22 1.13
CA ASN B 36 -7.59 1.34 2.07
C ASN B 36 -7.17 2.64 1.39
N VAL B 37 -8.02 3.67 1.45
CA VAL B 37 -7.78 4.99 0.86
C VAL B 37 -6.47 5.62 1.37
N GLU B 38 -6.23 5.54 2.69
CA GLU B 38 -5.05 6.14 3.31
C GLU B 38 -3.74 5.61 2.74
N VAL B 39 -3.71 4.34 2.33
CA VAL B 39 -2.53 3.71 1.78
C VAL B 39 -2.50 3.83 0.26
N ALA B 40 -3.65 3.66 -0.41
CA ALA B 40 -3.78 3.74 -1.86
C ALA B 40 -3.24 5.07 -2.39
N ARG B 41 -3.44 6.16 -1.65
CA ARG B 41 -2.97 7.47 -2.04
C ARG B 41 -1.44 7.48 -2.14
N SER B 42 -0.75 6.87 -1.18
CA SER B 42 0.71 6.78 -1.17
C SER B 42 1.19 5.84 -2.28
N ILE B 43 0.45 4.77 -2.60
CA ILE B 43 0.81 3.83 -3.66
C ILE B 43 0.87 4.59 -4.99
N LEU B 44 -0.18 5.37 -5.26
CA LEU B 44 -0.29 6.16 -6.48
C LEU B 44 0.81 7.22 -6.60
N ARG B 45 1.47 7.62 -5.51
CA ARG B 45 2.54 8.62 -5.58
C ARG B 45 3.76 8.07 -6.30
N GLU B 46 4.09 6.80 -6.07
CA GLU B 46 5.22 6.14 -6.71
C GLU B 46 4.87 5.80 -8.16
N PHE B 47 3.66 5.27 -8.41
CA PHE B 47 3.24 4.93 -9.76
C PHE B 47 3.08 6.17 -10.63
N SER B 48 2.57 7.26 -10.07
CA SER B 48 2.29 8.52 -10.72
C SER B 48 3.14 9.65 -10.10
N GLY B 49 4.46 9.54 -10.16
CA GLY B 49 5.36 10.55 -9.62
C GLY B 49 6.80 10.06 -9.46
N PRO B 50 7.70 10.92 -8.96
CA PRO B 50 9.09 10.58 -8.76
C PRO B 50 9.25 9.73 -7.49
N SER B 51 10.29 8.91 -7.49
CA SER B 51 10.62 8.01 -6.40
C SER B 51 11.56 8.65 -5.36
N SER B 52 12.22 9.76 -5.70
CA SER B 52 13.13 10.46 -4.82
C SER B 52 13.16 11.95 -5.20
N GLY B 53 13.77 12.78 -4.35
CA GLY B 53 13.84 14.22 -4.58
C GLY B 53 12.48 14.82 -4.29
#